data_6KCZ
#
_entry.id   6KCZ
#
loop_
_entity.id
_entity.type
_entity.pdbx_description
1 polymer 'Ubiquitin carboxyl-terminal hydrolase 20'
2 non-polymer 'ZINC ION'
#
_entity_poly.entity_id   1
_entity_poly.type   'polypeptide(L)'
_entity_poly.pdbx_seq_one_letter_code
;MGDSRDLCPHLDSIGEVTKEDLLLKSKGTCQSCGVTGPNLWACLQVACPYVGCGESFADHSTIHAQAKKHNLTVNLTTFR
LWCYACEKEVFLEQRLAAP
;
_entity_poly.pdbx_strand_id   A
#
loop_
_chem_comp.id
_chem_comp.type
_chem_comp.name
_chem_comp.formula
ZN non-polymer 'ZINC ION' 'Zn 2'
#
# COMPACT_ATOMS: atom_id res chain seq x y z
N MET A 1 -12.94 12.84 -11.84
CA MET A 1 -12.62 13.71 -10.67
C MET A 1 -12.83 12.92 -9.37
N GLY A 2 -11.91 13.01 -8.46
CA GLY A 2 -12.05 12.27 -7.18
C GLY A 2 -12.90 13.09 -6.20
N ASP A 3 -13.01 12.65 -4.98
CA ASP A 3 -13.82 13.41 -3.98
C ASP A 3 -13.57 12.83 -2.59
N SER A 4 -14.26 13.34 -1.60
CA SER A 4 -14.05 12.83 -0.21
C SER A 4 -12.57 12.95 0.16
N ARG A 5 -12.25 12.76 1.42
CA ARG A 5 -10.83 12.87 1.85
C ARG A 5 -10.19 11.48 1.85
N ASP A 6 -10.80 10.55 2.53
CA ASP A 6 -10.24 9.16 2.56
C ASP A 6 -9.82 8.74 1.15
N LEU A 7 -10.61 9.08 0.17
CA LEU A 7 -10.28 8.71 -1.24
C LEU A 7 -9.12 9.60 -1.73
N CYS A 8 -7.98 9.02 -2.00
CA CYS A 8 -6.81 9.83 -2.47
C CYS A 8 -6.86 9.99 -3.99
N PRO A 9 -6.19 10.99 -4.50
CA PRO A 9 -6.13 11.29 -5.96
C PRO A 9 -5.52 10.14 -6.77
N HIS A 10 -4.31 9.78 -6.47
CA HIS A 10 -3.63 8.67 -7.22
C HIS A 10 -4.30 7.35 -6.89
N LEU A 11 -5.22 7.36 -5.97
CA LEU A 11 -5.93 6.10 -5.59
C LEU A 11 -6.76 5.62 -6.78
N ASP A 12 -7.13 6.49 -7.66
CA ASP A 12 -7.93 6.07 -8.85
C ASP A 12 -6.99 5.62 -9.96
N SER A 13 -5.76 6.06 -9.92
CA SER A 13 -4.79 5.67 -10.99
C SER A 13 -4.23 4.28 -10.71
N ILE A 14 -4.30 3.82 -9.49
CA ILE A 14 -3.77 2.46 -9.16
C ILE A 14 -4.81 1.40 -9.48
N GLY A 15 -6.01 1.79 -9.82
CA GLY A 15 -7.06 0.78 -10.14
C GLY A 15 -7.26 -0.14 -8.93
N GLU A 16 -7.39 -1.42 -9.16
CA GLU A 16 -7.58 -2.37 -8.02
C GLU A 16 -6.77 -3.65 -8.27
N VAL A 17 -5.64 -3.77 -7.64
CA VAL A 17 -4.81 -5.00 -7.84
C VAL A 17 -5.58 -6.21 -7.32
N THR A 18 -5.03 -7.38 -7.42
CA THR A 18 -5.76 -8.59 -6.93
C THR A 18 -5.93 -8.49 -5.41
N LYS A 19 -7.12 -8.70 -4.94
CA LYS A 19 -7.36 -8.66 -3.47
C LYS A 19 -6.40 -9.63 -2.83
N GLU A 20 -6.50 -10.89 -3.19
CA GLU A 20 -5.58 -11.90 -2.65
C GLU A 20 -4.17 -11.32 -2.63
N ASP A 21 -3.83 -10.56 -3.63
CA ASP A 21 -2.48 -9.94 -3.65
C ASP A 21 -2.27 -9.27 -2.30
N LEU A 22 -3.27 -8.59 -1.81
CA LEU A 22 -3.15 -7.93 -0.49
C LEU A 22 -3.13 -9.01 0.58
N LEU A 23 -3.63 -10.16 0.25
CA LEU A 23 -3.66 -11.28 1.22
C LEU A 23 -2.28 -11.93 1.26
N LEU A 24 -1.73 -12.32 0.13
CA LEU A 24 -0.37 -12.92 0.18
C LEU A 24 0.58 -11.85 0.66
N LYS A 25 0.45 -10.65 0.16
CA LYS A 25 1.35 -9.56 0.64
C LYS A 25 1.34 -9.61 2.17
N SER A 26 0.17 -9.74 2.74
CA SER A 26 0.04 -9.84 4.21
C SER A 26 0.65 -11.18 4.66
N LYS A 27 1.33 -11.86 3.78
CA LYS A 27 1.90 -13.19 4.15
C LYS A 27 2.63 -13.10 5.51
N GLY A 28 3.49 -12.14 5.70
CA GLY A 28 4.17 -12.05 7.02
C GLY A 28 5.62 -11.62 6.86
N THR A 29 6.04 -11.24 5.68
CA THR A 29 7.45 -10.84 5.53
C THR A 29 7.66 -9.99 4.27
N CYS A 30 8.61 -9.09 4.31
CA CYS A 30 8.93 -8.25 3.11
C CYS A 30 9.37 -9.20 2.00
N GLN A 31 9.05 -8.91 0.77
CA GLN A 31 9.47 -9.83 -0.33
C GLN A 31 10.94 -9.59 -0.70
N SER A 32 11.48 -8.47 -0.30
CA SER A 32 12.90 -8.17 -0.63
C SER A 32 13.74 -8.15 0.65
N CYS A 33 13.13 -8.16 1.80
CA CYS A 33 13.90 -8.13 3.07
C CYS A 33 13.47 -9.28 3.98
N GLY A 34 12.30 -9.83 3.78
CA GLY A 34 11.86 -10.94 4.67
C GLY A 34 12.02 -10.49 6.13
N VAL A 35 11.25 -9.51 6.54
CA VAL A 35 11.38 -8.97 7.93
C VAL A 35 10.24 -9.49 8.84
N THR A 36 9.01 -9.40 8.43
CA THR A 36 7.90 -9.87 9.30
C THR A 36 6.57 -9.36 8.75
N GLY A 37 5.48 -9.63 9.43
CA GLY A 37 4.15 -9.17 8.94
C GLY A 37 3.80 -7.82 9.56
N PRO A 38 3.76 -7.72 10.85
CA PRO A 38 3.43 -6.46 11.54
C PRO A 38 4.28 -5.30 11.01
N ASN A 39 3.63 -4.22 10.68
CA ASN A 39 4.35 -3.04 10.15
C ASN A 39 4.81 -3.27 8.71
N LEU A 40 4.16 -4.14 7.98
CA LEU A 40 4.58 -4.35 6.56
C LEU A 40 3.92 -3.26 5.70
N TRP A 41 4.36 -3.14 4.48
CA TRP A 41 3.78 -2.08 3.58
C TRP A 41 3.98 -2.50 2.12
N ALA A 42 3.01 -3.15 1.54
CA ALA A 42 3.16 -3.58 0.12
C ALA A 42 2.69 -2.49 -0.83
N CYS A 43 3.36 -2.36 -1.94
CA CYS A 43 2.97 -1.34 -2.94
C CYS A 43 1.54 -1.65 -3.41
N LEU A 44 0.80 -0.67 -3.83
CA LEU A 44 -0.59 -0.92 -4.28
C LEU A 44 -0.88 -0.22 -5.61
N GLN A 45 0.00 -0.32 -6.57
CA GLN A 45 -0.27 0.34 -7.88
C GLN A 45 -0.93 -0.67 -8.82
N VAL A 46 -1.77 -0.19 -9.69
CA VAL A 46 -2.49 -1.08 -10.65
C VAL A 46 -1.58 -2.20 -11.17
N ALA A 47 -0.28 -2.06 -11.10
CA ALA A 47 0.60 -3.14 -11.62
C ALA A 47 1.91 -3.23 -10.85
N CYS A 48 1.85 -3.36 -9.55
CA CYS A 48 3.11 -3.46 -8.76
C CYS A 48 2.91 -4.42 -7.58
N PRO A 49 3.02 -5.70 -7.82
CA PRO A 49 2.86 -6.72 -6.76
C PRO A 49 4.17 -6.98 -6.00
N TYR A 50 4.30 -6.42 -4.83
CA TYR A 50 5.54 -6.61 -4.02
C TYR A 50 5.25 -6.16 -2.59
N VAL A 51 5.62 -6.94 -1.62
CA VAL A 51 5.36 -6.53 -0.21
C VAL A 51 6.64 -6.01 0.43
N GLY A 52 6.76 -4.71 0.53
CA GLY A 52 7.99 -4.10 1.11
C GLY A 52 7.90 -4.02 2.63
N CYS A 53 8.88 -3.40 3.25
CA CYS A 53 8.89 -3.27 4.73
C CYS A 53 8.41 -1.90 5.15
N GLY A 54 8.28 -1.75 6.43
CA GLY A 54 7.92 -0.44 7.03
C GLY A 54 9.13 -0.09 7.88
N GLU A 55 9.33 1.14 8.23
CA GLU A 55 10.53 1.46 9.07
C GLU A 55 10.94 0.23 9.85
N SER A 56 9.97 -0.51 10.30
CA SER A 56 10.25 -1.76 11.06
C SER A 56 11.60 -2.32 10.58
N PHE A 57 11.82 -2.31 9.29
CA PHE A 57 13.11 -2.81 8.74
C PHE A 57 13.82 -1.68 8.02
N ALA A 58 13.59 -1.57 6.73
CA ALA A 58 14.24 -0.50 5.92
C ALA A 58 13.14 0.35 5.29
N ASP A 59 11.91 0.00 5.54
CA ASP A 59 10.77 0.78 4.96
C ASP A 59 10.90 0.87 3.44
N HIS A 60 10.88 -0.24 2.74
CA HIS A 60 10.96 -0.15 1.25
C HIS A 60 9.93 0.89 0.83
N SER A 61 8.93 1.07 1.64
CA SER A 61 7.87 2.07 1.33
C SER A 61 8.49 3.36 0.84
N THR A 62 9.65 3.71 1.32
CA THR A 62 10.27 4.99 0.88
C THR A 62 11.14 4.76 -0.35
N ILE A 63 12.19 4.01 -0.22
CA ILE A 63 13.08 3.80 -1.40
C ILE A 63 12.24 3.22 -2.55
N HIS A 64 11.26 2.43 -2.23
CA HIS A 64 10.39 1.84 -3.30
C HIS A 64 9.52 2.93 -3.91
N ALA A 65 8.96 3.80 -3.11
CA ALA A 65 8.12 4.90 -3.67
C ALA A 65 9.08 5.92 -4.25
N GLN A 66 10.29 5.85 -3.81
CA GLN A 66 11.36 6.77 -4.25
C GLN A 66 11.98 6.29 -5.57
N ALA A 67 12.07 5.00 -5.75
CA ALA A 67 12.69 4.47 -6.99
C ALA A 67 11.63 4.28 -8.07
N LYS A 68 10.50 3.77 -7.71
CA LYS A 68 9.42 3.53 -8.70
C LYS A 68 8.42 4.69 -8.64
N LYS A 69 8.70 5.65 -7.82
CA LYS A 69 7.78 6.83 -7.71
C LYS A 69 6.37 6.37 -7.36
N HIS A 70 6.22 5.15 -6.89
CA HIS A 70 4.85 4.68 -6.51
C HIS A 70 4.51 5.32 -5.16
N ASN A 71 3.42 6.05 -5.09
CA ASN A 71 3.08 6.73 -3.81
C ASN A 71 2.17 5.86 -2.94
N LEU A 72 1.19 5.23 -3.52
CA LEU A 72 0.25 4.43 -2.70
C LEU A 72 0.79 3.04 -2.36
N THR A 73 0.60 2.66 -1.13
CA THR A 73 1.03 1.32 -0.65
C THR A 73 0.06 0.95 0.48
N VAL A 74 -0.08 -0.29 0.83
CA VAL A 74 -1.05 -0.64 1.92
C VAL A 74 -0.35 -1.35 3.07
N ASN A 75 -0.62 -0.90 4.28
CA ASN A 75 0.00 -1.52 5.48
C ASN A 75 -0.83 -2.73 5.92
N LEU A 76 -0.38 -3.91 5.59
CA LEU A 76 -1.14 -5.11 6.00
C LEU A 76 -1.05 -5.26 7.51
N THR A 77 -0.53 -4.25 8.17
CA THR A 77 -0.43 -4.30 9.65
C THR A 77 -1.69 -3.69 10.24
N THR A 78 -2.18 -2.64 9.65
CA THR A 78 -3.41 -1.97 10.17
C THR A 78 -4.51 -1.94 9.10
N PHE A 79 -4.17 -2.20 7.86
CA PHE A 79 -5.20 -2.21 6.79
C PHE A 79 -5.54 -0.78 6.34
N ARG A 80 -4.54 -0.04 5.93
CA ARG A 80 -4.76 1.36 5.45
C ARG A 80 -3.79 1.59 4.30
N LEU A 81 -3.80 2.75 3.71
CA LEU A 81 -2.86 3.02 2.58
C LEU A 81 -1.86 4.09 2.98
N TRP A 82 -0.98 4.40 2.09
CA TRP A 82 0.04 5.45 2.37
C TRP A 82 0.51 6.03 1.05
N CYS A 83 0.17 7.26 0.79
CA CYS A 83 0.55 7.88 -0.50
C CYS A 83 1.85 8.68 -0.34
N TYR A 84 2.94 8.21 -0.87
CA TYR A 84 4.18 9.02 -0.75
C TYR A 84 3.98 10.27 -1.60
N ALA A 85 2.81 10.39 -2.19
CA ALA A 85 2.49 11.59 -3.01
C ALA A 85 1.67 12.52 -2.13
N CYS A 86 0.43 12.15 -1.85
CA CYS A 86 -0.38 12.98 -0.95
C CYS A 86 0.34 12.94 0.39
N GLU A 87 1.30 12.04 0.48
CA GLU A 87 2.11 11.88 1.71
C GLU A 87 1.17 11.82 2.93
N LYS A 88 0.37 10.79 2.98
CA LYS A 88 -0.56 10.63 4.13
C LYS A 88 -1.07 9.19 4.16
N GLU A 89 -1.92 8.86 5.09
CA GLU A 89 -2.48 7.48 5.17
C GLU A 89 -3.94 7.52 4.73
N VAL A 90 -4.42 6.50 4.06
CA VAL A 90 -5.84 6.55 3.61
C VAL A 90 -6.45 5.15 3.54
N PHE A 91 -7.72 5.05 3.87
CA PHE A 91 -8.42 3.75 3.82
C PHE A 91 -9.29 3.73 2.58
N LEU A 92 -9.84 2.60 2.24
CA LEU A 92 -10.72 2.56 1.05
C LEU A 92 -11.65 3.77 1.12
N GLU A 93 -11.93 4.37 0.01
CA GLU A 93 -12.81 5.57 -0.01
C GLU A 93 -14.06 5.35 0.85
N GLN A 94 -14.18 4.23 1.50
CA GLN A 94 -15.37 3.97 2.36
C GLN A 94 -16.66 3.99 1.53
N ARG A 95 -16.63 4.60 0.37
CA ARG A 95 -17.87 4.66 -0.47
C ARG A 95 -18.50 3.26 -0.51
N LEU A 96 -17.68 2.24 -0.44
CA LEU A 96 -18.22 0.85 -0.48
C LEU A 96 -18.58 0.41 0.94
N ALA A 97 -19.11 -0.77 1.08
CA ALA A 97 -19.48 -1.26 2.44
C ALA A 97 -19.88 -2.73 2.35
N ALA A 98 -19.59 -3.50 3.39
CA ALA A 98 -19.95 -4.94 3.37
C ALA A 98 -19.48 -5.57 2.05
N PRO A 99 -18.19 -5.54 1.81
CA PRO A 99 -17.60 -6.12 0.56
C PRO A 99 -17.56 -7.65 0.60
ZN ZN B . -2.39 10.15 -3.51
ZN ZN C . 11.94 -4.51 2.26
ZN ZN D . 5.53 -0.16 -6.56
N MET A 1 -10.61 13.51 -10.96
CA MET A 1 -10.27 13.46 -9.50
C MET A 1 -11.45 12.87 -8.73
N GLY A 2 -11.18 11.96 -7.83
CA GLY A 2 -12.28 11.35 -7.03
C GLY A 2 -12.82 12.35 -6.02
N ASP A 3 -14.07 12.22 -5.65
CA ASP A 3 -14.66 13.17 -4.66
C ASP A 3 -14.84 12.46 -3.32
N SER A 4 -14.12 12.89 -2.31
CA SER A 4 -14.24 12.24 -0.97
C SER A 4 -13.10 12.72 -0.07
N ARG A 5 -12.98 12.15 1.10
CA ARG A 5 -11.89 12.57 2.04
C ARG A 5 -10.89 11.42 2.17
N ASP A 6 -11.38 10.23 2.38
CA ASP A 6 -10.47 9.05 2.53
C ASP A 6 -9.83 8.74 1.18
N LEU A 7 -10.52 9.02 0.11
CA LEU A 7 -9.96 8.73 -1.24
C LEU A 7 -8.76 9.63 -1.51
N CYS A 8 -7.89 9.24 -2.42
CA CYS A 8 -6.69 10.07 -2.75
C CYS A 8 -6.63 10.28 -4.27
N PRO A 9 -5.94 11.29 -4.70
CA PRO A 9 -5.80 11.61 -6.16
C PRO A 9 -5.23 10.44 -6.95
N HIS A 10 -4.07 9.97 -6.56
CA HIS A 10 -3.44 8.82 -7.26
C HIS A 10 -4.18 7.54 -6.89
N LEU A 11 -5.19 7.66 -6.09
CA LEU A 11 -5.97 6.46 -5.66
C LEU A 11 -6.81 5.96 -6.84
N ASP A 12 -7.14 6.82 -7.76
CA ASP A 12 -7.95 6.38 -8.92
C ASP A 12 -7.02 5.88 -10.04
N SER A 13 -5.77 6.29 -9.99
CA SER A 13 -4.81 5.86 -11.04
C SER A 13 -4.30 4.44 -10.74
N ILE A 14 -4.30 4.05 -9.51
CA ILE A 14 -3.81 2.69 -9.15
C ILE A 14 -4.91 1.65 -9.39
N GLY A 15 -6.12 2.09 -9.63
CA GLY A 15 -7.24 1.12 -9.87
C GLY A 15 -7.30 0.13 -8.70
N GLU A 16 -7.63 -1.11 -8.98
CA GLU A 16 -7.71 -2.13 -7.89
C GLU A 16 -7.01 -3.42 -8.34
N VAL A 17 -6.00 -3.82 -7.62
CA VAL A 17 -5.28 -5.07 -7.98
C VAL A 17 -6.04 -6.27 -7.42
N THR A 18 -5.47 -7.44 -7.48
CA THR A 18 -6.18 -8.63 -6.93
C THR A 18 -6.34 -8.45 -5.42
N LYS A 19 -7.51 -8.66 -4.91
CA LYS A 19 -7.72 -8.51 -3.44
C LYS A 19 -6.76 -9.48 -2.76
N GLU A 20 -6.87 -10.73 -3.10
CA GLU A 20 -5.94 -11.73 -2.54
C GLU A 20 -4.53 -11.15 -2.59
N ASP A 21 -4.23 -10.41 -3.61
CA ASP A 21 -2.88 -9.80 -3.68
C ASP A 21 -2.62 -9.08 -2.36
N LEU A 22 -3.62 -8.41 -1.85
CA LEU A 22 -3.46 -7.71 -0.55
C LEU A 22 -3.44 -8.75 0.56
N LEU A 23 -3.97 -9.89 0.29
CA LEU A 23 -4.00 -10.97 1.30
C LEU A 23 -2.63 -11.65 1.32
N LEU A 24 -2.16 -12.16 0.21
CA LEU A 24 -0.82 -12.78 0.24
C LEU A 24 0.18 -11.72 0.68
N LYS A 25 0.07 -10.52 0.16
CA LYS A 25 1.01 -9.46 0.60
C LYS A 25 1.04 -9.48 2.13
N SER A 26 -0.11 -9.62 2.73
CA SER A 26 -0.20 -9.70 4.22
C SER A 26 0.37 -11.04 4.66
N LYS A 27 1.02 -11.75 3.78
CA LYS A 27 1.56 -13.09 4.15
C LYS A 27 2.32 -13.03 5.48
N GLY A 28 3.23 -12.10 5.65
CA GLY A 28 3.94 -12.03 6.96
C GLY A 28 5.39 -11.63 6.78
N THR A 29 5.80 -11.27 5.60
CA THR A 29 7.23 -10.88 5.43
C THR A 29 7.44 -10.04 4.16
N CYS A 30 8.40 -9.16 4.20
CA CYS A 30 8.73 -8.32 3.00
C CYS A 30 9.15 -9.27 1.88
N GLN A 31 8.83 -8.98 0.65
CA GLN A 31 9.22 -9.91 -0.44
C GLN A 31 10.69 -9.69 -0.82
N SER A 32 11.27 -8.58 -0.42
CA SER A 32 12.69 -8.32 -0.77
C SER A 32 13.55 -8.32 0.51
N CYS A 33 12.92 -8.31 1.65
CA CYS A 33 13.72 -8.30 2.94
C CYS A 33 13.26 -9.44 3.84
N GLY A 34 12.07 -9.96 3.65
CA GLY A 34 11.62 -11.06 4.55
C GLY A 34 11.80 -10.62 6.00
N VAL A 35 11.04 -9.63 6.42
CA VAL A 35 11.19 -9.10 7.81
C VAL A 35 10.05 -9.58 8.72
N THR A 36 8.81 -9.47 8.31
CA THR A 36 7.69 -9.92 9.20
C THR A 36 6.37 -9.38 8.65
N GLY A 37 5.29 -9.63 9.34
CA GLY A 37 3.96 -9.15 8.86
C GLY A 37 3.64 -7.79 9.48
N PRO A 38 3.61 -7.70 10.77
CA PRO A 38 3.31 -6.43 11.46
C PRO A 38 4.17 -5.29 10.92
N ASN A 39 3.55 -4.21 10.60
CA ASN A 39 4.29 -3.03 10.07
C ASN A 39 4.72 -3.28 8.62
N LEU A 40 4.04 -4.12 7.90
CA LEU A 40 4.44 -4.35 6.48
C LEU A 40 3.83 -3.24 5.62
N TRP A 41 4.24 -3.13 4.40
CA TRP A 41 3.69 -2.07 3.50
C TRP A 41 3.87 -2.49 2.05
N ALA A 42 2.89 -3.12 1.48
CA ALA A 42 3.01 -3.57 0.07
C ALA A 42 2.54 -2.49 -0.89
N CYS A 43 3.20 -2.38 -2.01
CA CYS A 43 2.80 -1.37 -3.02
C CYS A 43 1.36 -1.64 -3.46
N LEU A 44 0.64 -0.63 -3.88
CA LEU A 44 -0.77 -0.87 -4.29
C LEU A 44 -1.05 -0.18 -5.63
N GLN A 45 -0.16 -0.28 -6.59
CA GLN A 45 -0.44 0.37 -7.90
C GLN A 45 -1.16 -0.62 -8.81
N VAL A 46 -1.99 -0.12 -9.68
CA VAL A 46 -2.76 -1.00 -10.62
C VAL A 46 -1.89 -2.15 -11.13
N ALA A 47 -0.58 -2.04 -11.08
CA ALA A 47 0.26 -3.15 -11.61
C ALA A 47 1.60 -3.23 -10.87
N CYS A 48 1.58 -3.30 -9.57
CA CYS A 48 2.87 -3.41 -8.81
C CYS A 48 2.69 -4.37 -7.64
N PRO A 49 2.79 -5.65 -7.89
CA PRO A 49 2.65 -6.68 -6.83
C PRO A 49 3.97 -6.93 -6.09
N TYR A 50 4.11 -6.37 -4.92
CA TYR A 50 5.36 -6.58 -4.13
C TYR A 50 5.10 -6.12 -2.69
N VAL A 51 5.45 -6.92 -1.72
CA VAL A 51 5.20 -6.52 -0.31
C VAL A 51 6.50 -6.02 0.32
N GLY A 52 6.64 -4.72 0.43
CA GLY A 52 7.89 -4.15 1.01
C GLY A 52 7.80 -4.06 2.54
N CYS A 53 8.79 -3.47 3.14
CA CYS A 53 8.81 -3.33 4.64
C CYS A 53 8.36 -1.95 5.05
N GLY A 54 8.23 -1.79 6.33
CA GLY A 54 7.91 -0.49 6.92
C GLY A 54 9.13 -0.16 7.78
N GLU A 55 9.36 1.06 8.12
CA GLU A 55 10.57 1.37 8.96
C GLU A 55 10.95 0.12 9.75
N SER A 56 9.97 -0.59 10.20
CA SER A 56 10.22 -1.85 10.95
C SER A 56 11.55 -2.44 10.47
N PHE A 57 11.76 -2.44 9.18
CA PHE A 57 13.05 -2.97 8.63
C PHE A 57 13.79 -1.85 7.90
N ALA A 58 13.56 -1.74 6.63
CA ALA A 58 14.22 -0.68 5.81
C ALA A 58 13.14 0.20 5.18
N ASP A 59 11.91 -0.12 5.43
CA ASP A 59 10.79 0.67 4.86
C ASP A 59 10.92 0.77 3.33
N HIS A 60 10.86 -0.35 2.64
CA HIS A 60 10.93 -0.27 1.15
C HIS A 60 9.94 0.80 0.71
N SER A 61 8.95 1.01 1.53
CA SER A 61 7.91 2.04 1.23
C SER A 61 8.56 3.32 0.74
N THR A 62 9.75 3.64 1.20
CA THR A 62 10.40 4.89 0.75
C THR A 62 11.25 4.63 -0.49
N ILE A 63 12.28 3.85 -0.37
CA ILE A 63 13.14 3.60 -1.55
C ILE A 63 12.28 3.03 -2.69
N HIS A 64 11.29 2.27 -2.35
CA HIS A 64 10.40 1.68 -3.40
C HIS A 64 9.54 2.79 -4.02
N ALA A 65 9.02 3.68 -3.21
CA ALA A 65 8.19 4.78 -3.79
C ALA A 65 9.16 5.78 -4.39
N GLN A 66 10.37 5.68 -3.95
CA GLN A 66 11.46 6.59 -4.40
C GLN A 66 12.06 6.09 -5.73
N ALA A 67 12.14 4.80 -5.89
CA ALA A 67 12.75 4.24 -7.13
C ALA A 67 11.68 4.05 -8.20
N LYS A 68 10.55 3.53 -7.82
CA LYS A 68 9.46 3.30 -8.81
C LYS A 68 8.49 4.47 -8.76
N LYS A 69 8.78 5.45 -7.97
CA LYS A 69 7.91 6.65 -7.88
C LYS A 69 6.47 6.24 -7.50
N HIS A 70 6.28 5.05 -7.01
CA HIS A 70 4.90 4.63 -6.60
C HIS A 70 4.57 5.36 -5.29
N ASN A 71 3.48 6.09 -5.24
CA ASN A 71 3.15 6.84 -4.00
C ASN A 71 2.24 6.02 -3.08
N LEU A 72 1.23 5.41 -3.62
CA LEU A 72 0.28 4.65 -2.75
C LEU A 72 0.77 3.25 -2.41
N THR A 73 0.59 2.87 -1.18
CA THR A 73 0.97 1.52 -0.70
C THR A 73 0.01 1.16 0.43
N VAL A 74 -0.15 -0.08 0.78
CA VAL A 74 -1.12 -0.41 1.88
C VAL A 74 -0.42 -1.15 3.02
N ASN A 75 -0.70 -0.73 4.22
CA ASN A 75 -0.08 -1.37 5.41
C ASN A 75 -0.94 -2.56 5.85
N LEU A 76 -0.53 -3.75 5.51
CA LEU A 76 -1.31 -4.95 5.92
C LEU A 76 -1.21 -5.09 7.44
N THR A 77 -0.64 -4.12 8.08
CA THR A 77 -0.53 -4.16 9.57
C THR A 77 -1.77 -3.53 10.17
N THR A 78 -2.21 -2.45 9.58
CA THR A 78 -3.43 -1.74 10.11
C THR A 78 -4.54 -1.71 9.05
N PHE A 79 -4.22 -1.97 7.82
CA PHE A 79 -5.26 -1.98 6.74
C PHE A 79 -5.58 -0.54 6.30
N ARG A 80 -4.58 0.21 5.93
CA ARG A 80 -4.79 1.60 5.43
C ARG A 80 -3.81 1.84 4.31
N LEU A 81 -3.80 3.00 3.72
CA LEU A 81 -2.86 3.27 2.60
C LEU A 81 -1.86 4.35 3.01
N TRP A 82 -0.95 4.65 2.13
CA TRP A 82 0.06 5.69 2.43
C TRP A 82 0.56 6.25 1.10
N CYS A 83 0.22 7.47 0.81
CA CYS A 83 0.64 8.07 -0.48
C CYS A 83 1.94 8.84 -0.29
N TYR A 84 3.02 8.36 -0.83
CA TYR A 84 4.30 9.13 -0.69
C TYR A 84 4.14 10.39 -1.55
N ALA A 85 2.98 10.53 -2.15
CA ALA A 85 2.70 11.72 -2.98
C ALA A 85 1.86 12.66 -2.13
N CYS A 86 0.63 12.32 -1.87
CA CYS A 86 -0.19 13.17 -0.99
C CYS A 86 0.49 13.13 0.36
N GLU A 87 1.43 12.21 0.48
CA GLU A 87 2.21 12.06 1.73
C GLU A 87 1.25 12.03 2.92
N LYS A 88 0.41 11.04 2.97
CA LYS A 88 -0.56 10.91 4.10
C LYS A 88 -1.08 9.48 4.14
N GLU A 89 -2.00 9.19 5.02
CA GLU A 89 -2.56 7.81 5.13
C GLU A 89 -4.01 7.83 4.65
N VAL A 90 -4.47 6.80 3.98
CA VAL A 90 -5.88 6.82 3.50
C VAL A 90 -6.44 5.40 3.45
N PHE A 91 -7.70 5.24 3.70
CA PHE A 91 -8.33 3.89 3.65
C PHE A 91 -9.13 3.77 2.37
N LEU A 92 -9.57 2.59 2.05
CA LEU A 92 -10.39 2.43 0.83
C LEU A 92 -11.45 3.53 0.83
N GLU A 93 -11.82 3.99 -0.31
CA GLU A 93 -12.85 5.08 -0.39
C GLU A 93 -14.08 4.71 0.45
N GLN A 94 -14.05 3.59 1.13
CA GLN A 94 -15.22 3.19 1.97
C GLN A 94 -16.45 2.96 1.09
N ARG A 95 -16.47 3.48 -0.11
CA ARG A 95 -17.64 3.26 -1.00
C ARG A 95 -18.00 1.78 -1.00
N LEU A 96 -17.01 0.94 -0.85
CA LEU A 96 -17.28 -0.53 -0.84
C LEU A 96 -17.47 -1.00 0.60
N ALA A 97 -17.79 -2.26 0.78
CA ALA A 97 -17.98 -2.80 2.16
C ALA A 97 -17.71 -4.30 2.16
N ALA A 98 -16.48 -4.69 2.35
CA ALA A 98 -16.15 -6.14 2.37
C ALA A 98 -14.77 -6.34 3.01
N PRO A 99 -14.69 -6.15 4.30
CA PRO A 99 -13.41 -6.31 5.05
C PRO A 99 -12.70 -7.63 4.72
ZN ZN B . -2.22 10.31 -3.57
ZN ZN C . 11.81 -4.63 2.14
ZN ZN D . 5.49 -0.18 -6.59
N MET A 1 -14.66 6.82 -7.28
CA MET A 1 -15.21 7.79 -8.27
C MET A 1 -14.53 9.15 -8.09
N GLY A 2 -13.57 9.22 -7.22
CA GLY A 2 -12.87 10.52 -7.00
C GLY A 2 -13.71 11.42 -6.09
N ASP A 3 -13.28 12.63 -5.85
CA ASP A 3 -14.07 13.53 -4.98
C ASP A 3 -14.30 12.87 -3.63
N SER A 4 -13.56 13.26 -2.62
CA SER A 4 -13.75 12.63 -1.28
C SER A 4 -12.59 13.04 -0.37
N ARG A 5 -12.56 12.53 0.83
CA ARG A 5 -11.45 12.87 1.78
C ARG A 5 -10.56 11.64 1.95
N ASP A 6 -11.16 10.50 2.15
CA ASP A 6 -10.35 9.26 2.33
C ASP A 6 -9.68 8.90 1.00
N LEU A 7 -10.26 9.29 -0.09
CA LEU A 7 -9.66 8.96 -1.41
C LEU A 7 -8.46 9.87 -1.67
N CYS A 8 -7.55 9.45 -2.51
CA CYS A 8 -6.33 10.28 -2.80
C CYS A 8 -6.25 10.52 -4.32
N PRO A 9 -5.55 11.54 -4.73
CA PRO A 9 -5.39 11.88 -6.18
C PRO A 9 -4.82 10.72 -6.99
N HIS A 10 -3.67 10.25 -6.61
CA HIS A 10 -3.04 9.11 -7.33
C HIS A 10 -3.78 7.81 -6.98
N LEU A 11 -4.75 7.90 -6.12
CA LEU A 11 -5.51 6.69 -5.73
C LEU A 11 -6.31 6.17 -6.92
N ASP A 12 -6.69 7.04 -7.82
CA ASP A 12 -7.46 6.59 -9.02
C ASP A 12 -6.50 6.08 -10.09
N SER A 13 -5.26 6.48 -10.01
CA SER A 13 -4.27 6.05 -11.04
C SER A 13 -3.77 4.63 -10.71
N ILE A 14 -3.96 4.18 -9.50
CA ILE A 14 -3.50 2.81 -9.13
C ILE A 14 -4.61 1.80 -9.37
N GLY A 15 -5.82 2.24 -9.57
CA GLY A 15 -6.94 1.29 -9.81
C GLY A 15 -6.95 0.23 -8.71
N GLU A 16 -7.86 -0.71 -8.78
CA GLU A 16 -7.93 -1.77 -7.73
C GLU A 16 -7.20 -3.03 -8.23
N VAL A 17 -6.16 -3.42 -7.55
CA VAL A 17 -5.41 -4.65 -7.96
C VAL A 17 -6.14 -5.87 -7.43
N THR A 18 -5.53 -7.03 -7.52
CA THR A 18 -6.22 -8.25 -7.01
C THR A 18 -6.37 -8.13 -5.50
N LYS A 19 -7.54 -8.39 -4.98
CA LYS A 19 -7.74 -8.29 -3.52
C LYS A 19 -6.78 -9.28 -2.89
N GLU A 20 -6.86 -10.52 -3.28
CA GLU A 20 -5.93 -11.53 -2.76
C GLU A 20 -4.52 -10.95 -2.78
N ASP A 21 -4.24 -10.12 -3.75
CA ASP A 21 -2.89 -9.51 -3.79
C ASP A 21 -2.64 -8.84 -2.45
N LEU A 22 -3.64 -8.21 -1.91
CA LEU A 22 -3.49 -7.56 -0.58
C LEU A 22 -3.44 -8.65 0.48
N LEU A 23 -3.97 -9.78 0.15
CA LEU A 23 -3.98 -10.92 1.11
C LEU A 23 -2.60 -11.58 1.10
N LEU A 24 -2.10 -11.99 -0.03
CA LEU A 24 -0.74 -12.60 -0.02
C LEU A 24 0.23 -11.53 0.46
N LYS A 25 0.09 -10.32 -0.01
CA LYS A 25 1.01 -9.25 0.48
C LYS A 25 1.03 -9.34 2.01
N SER A 26 -0.13 -9.46 2.59
CA SER A 26 -0.23 -9.59 4.07
C SER A 26 0.32 -10.96 4.48
N LYS A 27 0.98 -11.65 3.58
CA LYS A 27 1.49 -13.01 3.92
C LYS A 27 2.21 -12.98 5.27
N GLY A 28 3.12 -12.05 5.49
CA GLY A 28 3.79 -12.01 6.81
C GLY A 28 5.26 -11.64 6.67
N THR A 29 5.69 -11.27 5.49
CA THR A 29 7.12 -10.91 5.35
C THR A 29 7.36 -10.05 4.09
N CYS A 30 8.35 -9.19 4.15
CA CYS A 30 8.69 -8.34 2.97
C CYS A 30 9.15 -9.28 1.85
N GLN A 31 8.78 -9.02 0.63
CA GLN A 31 9.22 -9.94 -0.46
C GLN A 31 10.67 -9.65 -0.85
N SER A 32 11.21 -8.56 -0.38
CA SER A 32 12.63 -8.22 -0.72
C SER A 32 13.49 -8.28 0.56
N CYS A 33 12.87 -8.31 1.71
CA CYS A 33 13.66 -8.36 2.98
C CYS A 33 13.19 -9.52 3.84
N GLY A 34 11.99 -10.01 3.65
CA GLY A 34 11.51 -11.13 4.50
C GLY A 34 11.70 -10.74 5.98
N VAL A 35 10.96 -9.76 6.42
CA VAL A 35 11.10 -9.26 7.82
C VAL A 35 9.95 -9.77 8.72
N THR A 36 8.72 -9.63 8.30
CA THR A 36 7.59 -10.08 9.16
C THR A 36 6.28 -9.49 8.62
N GLY A 37 5.19 -9.73 9.30
CA GLY A 37 3.88 -9.18 8.84
C GLY A 37 3.58 -7.84 9.47
N PRO A 38 3.40 -7.80 10.76
CA PRO A 38 3.11 -6.54 11.47
C PRO A 38 4.00 -5.39 11.01
N ASN A 39 3.40 -4.29 10.66
CA ASN A 39 4.18 -3.11 10.20
C ASN A 39 4.67 -3.33 8.77
N LEU A 40 4.01 -4.16 8.02
CA LEU A 40 4.46 -4.36 6.61
C LEU A 40 3.92 -3.21 5.75
N TRP A 41 4.31 -3.17 4.51
CA TRP A 41 3.81 -2.09 3.62
C TRP A 41 4.01 -2.52 2.17
N ALA A 42 3.01 -3.11 1.57
CA ALA A 42 3.15 -3.57 0.17
C ALA A 42 2.72 -2.48 -0.80
N CYS A 43 3.41 -2.37 -1.91
CA CYS A 43 3.04 -1.35 -2.93
C CYS A 43 1.62 -1.62 -3.41
N LEU A 44 0.91 -0.61 -3.84
CA LEU A 44 -0.48 -0.84 -4.29
C LEU A 44 -0.76 -0.11 -5.61
N GLN A 45 0.13 -0.21 -6.58
CA GLN A 45 -0.14 0.47 -7.87
C GLN A 45 -0.84 -0.50 -8.83
N VAL A 46 -1.67 0.02 -9.68
CA VAL A 46 -2.43 -0.82 -10.65
C VAL A 46 -1.55 -1.95 -11.22
N ALA A 47 -0.25 -1.83 -11.15
CA ALA A 47 0.61 -2.92 -11.73
C ALA A 47 1.92 -3.07 -10.96
N CYS A 48 1.87 -3.11 -9.64
CA CYS A 48 3.13 -3.28 -8.86
C CYS A 48 2.90 -4.27 -7.73
N PRO A 49 2.97 -5.55 -8.01
CA PRO A 49 2.78 -6.61 -7.00
C PRO A 49 4.07 -6.94 -6.25
N TYR A 50 4.23 -6.43 -5.05
CA TYR A 50 5.44 -6.70 -4.25
C TYR A 50 5.18 -6.20 -2.83
N VAL A 51 5.48 -6.99 -1.82
CA VAL A 51 5.23 -6.52 -0.43
C VAL A 51 6.54 -6.06 0.21
N GLY A 52 6.68 -4.77 0.37
CA GLY A 52 7.92 -4.21 0.98
C GLY A 52 7.80 -4.17 2.50
N CYS A 53 8.77 -3.59 3.15
CA CYS A 53 8.74 -3.51 4.64
C CYS A 53 8.24 -2.14 5.08
N GLY A 54 8.06 -2.04 6.34
CA GLY A 54 7.68 -0.75 6.96
C GLY A 54 8.86 -0.43 7.86
N GLU A 55 9.07 0.80 8.24
CA GLU A 55 10.24 1.11 9.11
C GLU A 55 10.65 -0.14 9.88
N SER A 56 9.69 -0.89 10.30
CA SER A 56 9.97 -2.15 11.05
C SER A 56 11.33 -2.69 10.58
N PHE A 57 11.57 -2.65 9.29
CA PHE A 57 12.88 -3.15 8.76
C PHE A 57 13.61 -2.00 8.09
N ALA A 58 13.43 -1.87 6.81
CA ALA A 58 14.10 -0.78 6.03
C ALA A 58 13.02 0.08 5.39
N ASP A 59 11.78 -0.27 5.59
CA ASP A 59 10.66 0.51 5.00
C ASP A 59 10.84 0.64 3.49
N HIS A 60 10.83 -0.45 2.76
CA HIS A 60 10.96 -0.34 1.27
C HIS A 60 9.97 0.73 0.83
N SER A 61 8.94 0.91 1.61
CA SER A 61 7.91 1.92 1.29
C SER A 61 8.58 3.24 0.85
N THR A 62 9.73 3.53 1.37
CA THR A 62 10.41 4.79 0.98
C THR A 62 11.31 4.57 -0.23
N ILE A 63 12.34 3.79 -0.10
CA ILE A 63 13.24 3.58 -1.26
C ILE A 63 12.43 3.04 -2.43
N HIS A 64 11.43 2.26 -2.16
CA HIS A 64 10.59 1.69 -3.25
C HIS A 64 9.74 2.81 -3.86
N ALA A 65 9.19 3.68 -3.03
CA ALA A 65 8.38 4.79 -3.58
C ALA A 65 9.36 5.81 -4.14
N GLN A 66 10.57 5.70 -3.69
CA GLN A 66 11.66 6.61 -4.11
C GLN A 66 12.27 6.12 -5.44
N ALA A 67 12.34 4.84 -5.63
CA ALA A 67 12.95 4.29 -6.87
C ALA A 67 11.88 4.15 -7.96
N LYS A 68 10.74 3.65 -7.59
CA LYS A 68 9.65 3.46 -8.59
C LYS A 68 8.66 4.61 -8.49
N LYS A 69 9.04 5.64 -7.77
CA LYS A 69 8.15 6.82 -7.62
C LYS A 69 6.72 6.39 -7.25
N HIS A 70 6.53 5.18 -6.81
CA HIS A 70 5.15 4.75 -6.42
C HIS A 70 4.85 5.39 -5.06
N ASN A 71 3.84 6.22 -4.97
CA ASN A 71 3.54 6.90 -3.68
C ASN A 71 2.55 6.06 -2.85
N LEU A 72 1.58 5.48 -3.48
CA LEU A 72 0.56 4.71 -2.70
C LEU A 72 1.04 3.30 -2.35
N THR A 73 0.82 2.94 -1.12
CA THR A 73 1.19 1.58 -0.63
C THR A 73 0.19 1.24 0.48
N VAL A 74 0.00 -0.01 0.81
CA VAL A 74 -0.99 -0.34 1.88
C VAL A 74 -0.33 -1.10 3.03
N ASN A 75 -0.53 -0.62 4.23
CA ASN A 75 0.06 -1.28 5.42
C ASN A 75 -0.83 -2.46 5.83
N LEU A 76 -0.42 -3.65 5.52
CA LEU A 76 -1.24 -4.84 5.89
C LEU A 76 -1.16 -5.03 7.40
N THR A 77 -0.72 -4.03 8.10
CA THR A 77 -0.63 -4.11 9.58
C THR A 77 -1.87 -3.46 10.18
N THR A 78 -2.31 -2.38 9.59
CA THR A 78 -3.52 -1.67 10.11
C THR A 78 -4.61 -1.60 9.05
N PHE A 79 -4.29 -1.87 7.82
CA PHE A 79 -5.32 -1.83 6.74
C PHE A 79 -5.59 -0.39 6.30
N ARG A 80 -4.55 0.35 6.01
CA ARG A 80 -4.72 1.74 5.54
C ARG A 80 -3.69 1.97 4.43
N LEU A 81 -3.65 3.13 3.85
CA LEU A 81 -2.67 3.38 2.76
C LEU A 81 -1.66 4.44 3.17
N TRP A 82 -0.75 4.73 2.28
CA TRP A 82 0.28 5.76 2.56
C TRP A 82 0.77 6.31 1.23
N CYS A 83 0.45 7.53 0.92
CA CYS A 83 0.88 8.11 -0.37
C CYS A 83 2.19 8.86 -0.19
N TYR A 84 3.28 8.34 -0.68
CA TYR A 84 4.55 9.10 -0.53
C TYR A 84 4.43 10.35 -1.42
N ALA A 85 3.29 10.52 -2.02
CA ALA A 85 3.05 11.72 -2.87
C ALA A 85 2.22 12.68 -2.03
N CYS A 86 0.97 12.36 -1.78
CA CYS A 86 0.15 13.23 -0.90
C CYS A 86 0.82 13.17 0.46
N GLU A 87 1.76 12.26 0.58
CA GLU A 87 2.51 12.08 1.85
C GLU A 87 1.52 12.06 3.02
N LYS A 88 0.63 11.10 3.02
CA LYS A 88 -0.35 11.00 4.13
C LYS A 88 -0.91 9.58 4.17
N GLU A 89 -1.79 9.29 5.08
CA GLU A 89 -2.36 7.92 5.18
C GLU A 89 -3.82 7.95 4.67
N VAL A 90 -4.24 6.96 3.92
CA VAL A 90 -5.64 6.98 3.43
C VAL A 90 -6.22 5.57 3.40
N PHE A 91 -7.49 5.44 3.64
CA PHE A 91 -8.15 4.10 3.63
C PHE A 91 -8.93 3.96 2.34
N LEU A 92 -9.41 2.77 2.05
CA LEU A 92 -10.21 2.60 0.82
C LEU A 92 -11.25 3.72 0.79
N GLU A 93 -11.58 4.19 -0.37
CA GLU A 93 -12.58 5.30 -0.48
C GLU A 93 -13.83 4.98 0.34
N GLN A 94 -13.85 3.87 1.03
CA GLN A 94 -15.05 3.52 1.85
C GLN A 94 -16.29 3.37 0.95
N ARG A 95 -16.25 3.94 -0.23
CA ARG A 95 -17.44 3.81 -1.14
C ARG A 95 -17.89 2.36 -1.18
N LEU A 96 -16.97 1.45 -1.04
CA LEU A 96 -17.34 0.00 -1.07
C LEU A 96 -17.43 -0.53 0.37
N ALA A 97 -17.82 -1.77 0.52
CA ALA A 97 -17.93 -2.35 1.89
C ALA A 97 -17.79 -3.87 1.81
N ALA A 98 -16.63 -4.38 2.13
CA ALA A 98 -16.43 -5.85 2.08
C ALA A 98 -15.28 -6.25 3.01
N PRO A 99 -15.41 -5.95 4.27
CA PRO A 99 -14.37 -6.27 5.28
C PRO A 99 -14.31 -7.77 5.60
ZN ZN B . -1.84 10.46 -3.55
ZN ZN C . 11.84 -4.70 2.23
ZN ZN D . 5.72 -0.14 -6.54
N MET A 1 -14.73 6.11 -9.10
CA MET A 1 -14.00 7.38 -9.35
C MET A 1 -13.22 7.77 -8.09
N GLY A 2 -13.69 8.78 -7.40
CA GLY A 2 -12.98 9.22 -6.15
C GLY A 2 -13.98 9.90 -5.22
N ASP A 3 -13.79 9.78 -3.93
CA ASP A 3 -14.73 10.43 -2.97
C ASP A 3 -14.31 11.88 -2.75
N SER A 4 -14.08 12.28 -1.52
CA SER A 4 -13.67 13.68 -1.27
C SER A 4 -13.02 13.77 0.12
N ARG A 5 -12.22 12.80 0.49
CA ARG A 5 -11.56 12.84 1.82
C ARG A 5 -10.58 11.67 1.94
N ASP A 6 -10.98 10.62 2.62
CA ASP A 6 -10.08 9.45 2.77
C ASP A 6 -9.44 9.11 1.43
N LEU A 7 -10.14 9.36 0.35
CA LEU A 7 -9.59 9.06 -0.99
C LEU A 7 -8.37 9.94 -1.27
N CYS A 8 -7.54 9.55 -2.20
CA CYS A 8 -6.33 10.36 -2.54
C CYS A 8 -6.28 10.57 -4.05
N PRO A 9 -5.57 11.58 -4.50
CA PRO A 9 -5.46 11.91 -5.95
C PRO A 9 -4.90 10.73 -6.76
N HIS A 10 -3.79 10.22 -6.35
CA HIS A 10 -3.17 9.07 -7.09
C HIS A 10 -3.93 7.79 -6.75
N LEU A 11 -4.95 7.89 -5.95
CA LEU A 11 -5.74 6.69 -5.58
C LEU A 11 -6.46 6.15 -6.83
N ASP A 12 -7.02 7.03 -7.61
CA ASP A 12 -7.73 6.57 -8.85
C ASP A 12 -6.72 6.15 -9.91
N SER A 13 -5.50 6.59 -9.79
CA SER A 13 -4.47 6.23 -10.82
C SER A 13 -3.95 4.81 -10.55
N ILE A 14 -4.08 4.33 -9.34
CA ILE A 14 -3.57 2.96 -9.03
C ILE A 14 -4.67 1.92 -9.27
N GLY A 15 -5.87 2.36 -9.52
CA GLY A 15 -6.98 1.39 -9.76
C GLY A 15 -7.07 0.40 -8.59
N GLU A 16 -7.81 -0.66 -8.75
CA GLU A 16 -7.95 -1.67 -7.64
C GLU A 16 -7.29 -2.98 -8.07
N VAL A 17 -6.10 -3.23 -7.63
CA VAL A 17 -5.40 -4.49 -8.00
C VAL A 17 -6.18 -5.67 -7.42
N THR A 18 -5.65 -6.86 -7.49
CA THR A 18 -6.39 -8.03 -6.95
C THR A 18 -6.49 -7.88 -5.43
N LYS A 19 -7.67 -8.04 -4.90
CA LYS A 19 -7.83 -7.94 -3.43
C LYS A 19 -6.90 -8.95 -2.79
N GLU A 20 -7.08 -10.20 -3.12
CA GLU A 20 -6.20 -11.26 -2.59
C GLU A 20 -4.76 -10.74 -2.63
N ASP A 21 -4.41 -10.04 -3.67
CA ASP A 21 -3.02 -9.50 -3.75
C ASP A 21 -2.72 -8.78 -2.44
N LEU A 22 -3.68 -8.04 -1.94
CA LEU A 22 -3.48 -7.34 -0.64
C LEU A 22 -3.50 -8.37 0.47
N LEU A 23 -4.08 -9.50 0.20
CA LEU A 23 -4.16 -10.58 1.20
C LEU A 23 -2.82 -11.32 1.24
N LEU A 24 -2.34 -11.82 0.12
CA LEU A 24 -1.02 -12.50 0.16
C LEU A 24 0.01 -11.48 0.61
N LYS A 25 -0.05 -10.28 0.10
CA LYS A 25 0.93 -9.25 0.55
C LYS A 25 0.95 -9.28 2.08
N SER A 26 -0.21 -9.37 2.68
CA SER A 26 -0.31 -9.45 4.16
C SER A 26 0.22 -10.82 4.60
N LYS A 27 0.84 -11.55 3.71
CA LYS A 27 1.35 -12.91 4.08
C LYS A 27 2.11 -12.85 5.40
N GLY A 28 3.05 -11.96 5.57
CA GLY A 28 3.78 -11.90 6.86
C GLY A 28 5.26 -11.62 6.64
N THR A 29 5.66 -11.30 5.45
CA THR A 29 7.12 -11.04 5.21
C THR A 29 7.33 -10.12 4.01
N CYS A 30 8.28 -9.23 4.09
CA CYS A 30 8.59 -8.34 2.93
C CYS A 30 9.06 -9.22 1.77
N GLN A 31 8.48 -9.08 0.62
CA GLN A 31 8.90 -9.96 -0.51
C GLN A 31 10.32 -9.59 -0.94
N SER A 32 10.86 -8.53 -0.40
CA SER A 32 12.25 -8.12 -0.77
C SER A 32 13.17 -8.29 0.45
N CYS A 33 12.61 -8.27 1.63
CA CYS A 33 13.44 -8.41 2.86
C CYS A 33 12.88 -9.57 3.70
N GLY A 34 11.66 -9.96 3.45
CA GLY A 34 11.06 -11.07 4.24
C GLY A 34 11.34 -10.81 5.73
N VAL A 35 10.88 -9.70 6.23
CA VAL A 35 11.15 -9.35 7.66
C VAL A 35 9.99 -9.77 8.58
N THR A 36 8.75 -9.61 8.18
CA THR A 36 7.63 -10.00 9.09
C THR A 36 6.32 -9.40 8.58
N GLY A 37 5.26 -9.61 9.30
CA GLY A 37 3.93 -9.06 8.87
C GLY A 37 3.67 -7.71 9.53
N PRO A 38 3.51 -7.69 10.83
CA PRO A 38 3.23 -6.43 11.55
C PRO A 38 4.11 -5.28 11.06
N ASN A 39 3.51 -4.18 10.76
CA ASN A 39 4.26 -2.99 10.28
C ASN A 39 4.78 -3.24 8.85
N LEU A 40 4.06 -4.00 8.07
CA LEU A 40 4.52 -4.24 6.66
C LEU A 40 4.01 -3.10 5.80
N TRP A 41 4.37 -3.09 4.55
CA TRP A 41 3.89 -2.01 3.64
C TRP A 41 4.06 -2.47 2.19
N ALA A 42 3.02 -2.96 1.59
CA ALA A 42 3.12 -3.43 0.18
C ALA A 42 2.71 -2.33 -0.79
N CYS A 43 3.39 -2.25 -1.90
CA CYS A 43 3.04 -1.22 -2.92
C CYS A 43 1.60 -1.46 -3.38
N LEU A 44 0.92 -0.44 -3.81
CA LEU A 44 -0.49 -0.62 -4.26
C LEU A 44 -0.75 0.11 -5.57
N GLN A 45 0.09 -0.05 -6.56
CA GLN A 45 -0.16 0.65 -7.86
C GLN A 45 -0.87 -0.31 -8.82
N VAL A 46 -1.70 0.23 -9.66
CA VAL A 46 -2.45 -0.61 -10.64
C VAL A 46 -1.56 -1.71 -11.24
N ALA A 47 -0.26 -1.59 -11.16
CA ALA A 47 0.60 -2.65 -11.76
C ALA A 47 1.89 -2.85 -10.96
N CYS A 48 1.79 -3.03 -9.68
CA CYS A 48 3.02 -3.24 -8.86
C CYS A 48 2.74 -4.22 -7.72
N PRO A 49 2.74 -5.49 -8.00
CA PRO A 49 2.48 -6.54 -6.98
C PRO A 49 3.75 -6.96 -6.23
N TYR A 50 3.94 -6.46 -5.04
CA TYR A 50 5.15 -6.82 -4.24
C TYR A 50 4.95 -6.26 -2.82
N VAL A 51 5.23 -7.04 -1.81
CA VAL A 51 5.04 -6.53 -0.42
C VAL A 51 6.39 -6.12 0.17
N GLY A 52 6.61 -4.83 0.29
CA GLY A 52 7.89 -4.33 0.86
C GLY A 52 7.79 -4.27 2.38
N CYS A 53 8.78 -3.71 3.02
CA CYS A 53 8.75 -3.62 4.52
C CYS A 53 8.27 -2.25 4.95
N GLY A 54 8.08 -2.14 6.21
CA GLY A 54 7.71 -0.85 6.82
C GLY A 54 8.88 -0.54 7.75
N GLU A 55 9.07 0.66 8.18
CA GLU A 55 10.23 0.94 9.07
C GLU A 55 10.64 -0.33 9.80
N SER A 56 9.67 -1.12 10.17
CA SER A 56 9.96 -2.41 10.86
C SER A 56 11.33 -2.91 10.41
N PHE A 57 11.60 -2.81 9.14
CA PHE A 57 12.92 -3.25 8.61
C PHE A 57 13.64 -2.07 7.97
N ALA A 58 13.46 -1.92 6.69
CA ALA A 58 14.11 -0.79 5.96
C ALA A 58 13.02 0.06 5.32
N ASP A 59 11.79 -0.34 5.52
CA ASP A 59 10.66 0.43 4.95
C ASP A 59 10.82 0.57 3.44
N HIS A 60 10.81 -0.51 2.70
CA HIS A 60 10.94 -0.38 1.22
C HIS A 60 9.93 0.70 0.80
N SER A 61 8.91 0.85 1.58
CA SER A 61 7.87 1.87 1.27
C SER A 61 8.52 3.18 0.84
N THR A 62 9.68 3.49 1.36
CA THR A 62 10.34 4.76 0.98
C THR A 62 11.22 4.57 -0.24
N ILE A 63 12.26 3.78 -0.13
CA ILE A 63 13.16 3.59 -1.30
C ILE A 63 12.34 3.05 -2.47
N HIS A 64 11.34 2.28 -2.18
CA HIS A 64 10.49 1.71 -3.26
C HIS A 64 9.63 2.83 -3.87
N ALA A 65 9.09 3.69 -3.04
CA ALA A 65 8.28 4.82 -3.59
C ALA A 65 9.25 5.84 -4.15
N GLN A 66 10.46 5.73 -3.69
CA GLN A 66 11.55 6.65 -4.10
C GLN A 66 12.17 6.18 -5.43
N ALA A 67 12.25 4.91 -5.64
CA ALA A 67 12.87 4.38 -6.88
C ALA A 67 11.81 4.24 -7.98
N LYS A 68 10.67 3.72 -7.63
CA LYS A 68 9.60 3.54 -8.64
C LYS A 68 8.62 4.71 -8.57
N LYS A 69 8.91 5.66 -7.74
CA LYS A 69 8.04 6.86 -7.61
C LYS A 69 6.61 6.43 -7.25
N HIS A 70 6.43 5.21 -6.80
CA HIS A 70 5.05 4.76 -6.41
C HIS A 70 4.74 5.40 -5.06
N ASN A 71 3.72 6.22 -4.97
CA ASN A 71 3.43 6.89 -3.68
C ASN A 71 2.47 6.07 -2.82
N LEU A 72 1.47 5.50 -3.41
CA LEU A 72 0.48 4.74 -2.61
C LEU A 72 0.97 3.32 -2.28
N THR A 73 0.80 2.96 -1.04
CA THR A 73 1.19 1.59 -0.57
C THR A 73 0.23 1.26 0.58
N VAL A 74 0.03 0.01 0.92
CA VAL A 74 -0.93 -0.30 2.01
C VAL A 74 -0.25 -1.06 3.16
N ASN A 75 -0.37 -0.53 4.34
CA ASN A 75 0.23 -1.19 5.54
C ASN A 75 -0.69 -2.35 5.95
N LEU A 76 -0.30 -3.55 5.61
CA LEU A 76 -1.14 -4.72 5.97
C LEU A 76 -1.07 -4.95 7.47
N THR A 77 -0.64 -3.94 8.20
CA THR A 77 -0.55 -4.05 9.68
C THR A 77 -1.80 -3.41 10.28
N THR A 78 -2.20 -2.30 9.71
CA THR A 78 -3.41 -1.57 10.23
C THR A 78 -4.51 -1.53 9.17
N PHE A 79 -4.17 -1.80 7.93
CA PHE A 79 -5.20 -1.78 6.85
C PHE A 79 -5.48 -0.33 6.41
N ARG A 80 -4.45 0.38 6.03
CA ARG A 80 -4.63 1.78 5.55
C ARG A 80 -3.62 2.00 4.42
N LEU A 81 -3.59 3.16 3.84
CA LEU A 81 -2.62 3.40 2.74
C LEU A 81 -1.60 4.46 3.15
N TRP A 82 -0.69 4.73 2.28
CA TRP A 82 0.36 5.75 2.58
C TRP A 82 0.85 6.31 1.24
N CYS A 83 0.53 7.54 0.97
CA CYS A 83 0.95 8.14 -0.33
C CYS A 83 2.27 8.87 -0.16
N TYR A 84 3.34 8.37 -0.69
CA TYR A 84 4.62 9.12 -0.57
C TYR A 84 4.49 10.37 -1.44
N ALA A 85 3.33 10.55 -2.02
CA ALA A 85 3.08 11.75 -2.85
C ALA A 85 2.28 12.72 -1.99
N CYS A 86 1.04 12.40 -1.72
CA CYS A 86 0.25 13.28 -0.82
C CYS A 86 0.95 13.21 0.53
N GLU A 87 1.86 12.28 0.63
CA GLU A 87 2.63 12.09 1.88
C GLU A 87 1.68 12.08 3.08
N LYS A 88 0.81 11.10 3.11
CA LYS A 88 -0.16 10.99 4.24
C LYS A 88 -0.72 9.57 4.27
N GLU A 89 -1.64 9.30 5.17
CA GLU A 89 -2.23 7.94 5.25
C GLU A 89 -3.67 8.00 4.74
N VAL A 90 -4.13 6.98 4.06
CA VAL A 90 -5.53 7.02 3.55
C VAL A 90 -6.15 5.63 3.57
N PHE A 91 -7.41 5.56 3.89
CA PHE A 91 -8.11 4.24 3.94
C PHE A 91 -8.97 4.11 2.69
N LEU A 92 -9.48 2.93 2.44
CA LEU A 92 -10.35 2.77 1.25
C LEU A 92 -11.36 3.92 1.26
N GLU A 93 -11.70 4.41 0.12
CA GLU A 93 -12.67 5.54 0.04
C GLU A 93 -13.91 5.24 0.90
N GLN A 94 -13.93 4.14 1.59
CA GLN A 94 -15.11 3.79 2.44
C GLN A 94 -16.35 3.63 1.57
N ARG A 95 -16.34 4.15 0.37
CA ARG A 95 -17.54 4.01 -0.51
C ARG A 95 -17.99 2.54 -0.51
N LEU A 96 -17.06 1.63 -0.36
CA LEU A 96 -17.43 0.19 -0.34
C LEU A 96 -17.38 -0.33 1.10
N ALA A 97 -17.73 -1.58 1.29
CA ALA A 97 -17.70 -2.16 2.66
C ALA A 97 -17.69 -3.68 2.56
N ALA A 98 -16.56 -4.26 2.28
CA ALA A 98 -16.50 -5.74 2.17
C ALA A 98 -15.03 -6.20 2.20
N PRO A 99 -14.38 -6.05 3.33
CA PRO A 99 -12.95 -6.44 3.49
C PRO A 99 -12.79 -7.95 3.67
ZN ZN B . -1.85 10.50 -3.40
ZN ZN C . 11.81 -4.76 2.12
ZN ZN D . 5.60 -0.14 -6.59
N MET A 1 -14.14 7.29 -10.41
CA MET A 1 -13.43 8.41 -9.74
C MET A 1 -13.36 8.14 -8.24
N GLY A 2 -12.58 8.90 -7.52
CA GLY A 2 -12.46 8.69 -6.05
C GLY A 2 -13.64 9.36 -5.34
N ASP A 3 -13.80 9.11 -4.07
CA ASP A 3 -14.93 9.73 -3.32
C ASP A 3 -14.62 11.21 -3.07
N SER A 4 -14.37 11.57 -1.85
CA SER A 4 -14.07 13.01 -1.55
C SER A 4 -13.43 13.11 -0.17
N ARG A 5 -12.63 12.16 0.21
CA ARG A 5 -11.98 12.21 1.55
C ARG A 5 -11.01 11.04 1.69
N ASP A 6 -11.44 9.99 2.34
CA ASP A 6 -10.56 8.79 2.51
C ASP A 6 -9.86 8.48 1.18
N LEU A 7 -10.47 8.83 0.09
CA LEU A 7 -9.86 8.56 -1.24
C LEU A 7 -8.66 9.49 -1.45
N CYS A 8 -7.78 9.14 -2.36
CA CYS A 8 -6.59 10.01 -2.64
C CYS A 8 -6.52 10.26 -4.15
N PRO A 9 -5.84 11.30 -4.55
CA PRO A 9 -5.69 11.67 -6.00
C PRO A 9 -5.09 10.53 -6.82
N HIS A 10 -3.95 10.06 -6.43
CA HIS A 10 -3.28 8.95 -7.18
C HIS A 10 -3.99 7.64 -6.83
N LEU A 11 -4.96 7.69 -5.97
CA LEU A 11 -5.70 6.45 -5.58
C LEU A 11 -6.50 5.94 -6.78
N ASP A 12 -6.88 6.80 -7.68
CA ASP A 12 -7.65 6.37 -8.87
C ASP A 12 -6.70 5.91 -9.96
N SER A 13 -5.46 6.34 -9.90
CA SER A 13 -4.48 5.94 -10.94
C SER A 13 -3.97 4.53 -10.65
N ILE A 14 -4.06 4.07 -9.43
CA ILE A 14 -3.58 2.70 -9.10
C ILE A 14 -4.68 1.68 -9.38
N GLY A 15 -5.87 2.11 -9.61
CA GLY A 15 -6.98 1.14 -9.89
C GLY A 15 -7.07 0.13 -8.75
N GLU A 16 -7.91 -0.87 -8.89
CA GLU A 16 -8.05 -1.89 -7.81
C GLU A 16 -7.31 -3.17 -8.21
N VAL A 17 -6.11 -3.35 -7.73
CA VAL A 17 -5.34 -4.57 -8.08
C VAL A 17 -6.09 -5.80 -7.55
N THR A 18 -5.49 -6.95 -7.61
CA THR A 18 -6.17 -8.17 -7.09
C THR A 18 -6.31 -8.07 -5.57
N LYS A 19 -7.48 -8.30 -5.06
CA LYS A 19 -7.65 -8.25 -3.58
C LYS A 19 -6.66 -9.22 -2.96
N GLU A 20 -6.78 -10.48 -3.32
CA GLU A 20 -5.84 -11.49 -2.81
C GLU A 20 -4.44 -10.89 -2.83
N ASP A 21 -4.13 -10.15 -3.84
CA ASP A 21 -2.78 -9.51 -3.90
C ASP A 21 -2.52 -8.83 -2.56
N LEU A 22 -3.51 -8.17 -2.03
CA LEU A 22 -3.35 -7.50 -0.71
C LEU A 22 -3.32 -8.59 0.37
N LEU A 23 -3.87 -9.71 0.06
CA LEU A 23 -3.90 -10.83 1.04
C LEU A 23 -2.52 -11.52 1.04
N LEU A 24 -2.05 -12.00 -0.09
CA LEU A 24 -0.71 -12.62 -0.08
C LEU A 24 0.28 -11.57 0.38
N LYS A 25 0.17 -10.35 -0.08
CA LYS A 25 1.11 -9.30 0.40
C LYS A 25 1.14 -9.37 1.92
N SER A 26 -0.01 -9.51 2.51
CA SER A 26 -0.10 -9.63 3.99
C SER A 26 0.45 -11.00 4.41
N LYS A 27 1.09 -11.69 3.51
CA LYS A 27 1.62 -13.06 3.85
C LYS A 27 2.35 -13.03 5.19
N GLY A 28 3.27 -12.12 5.40
CA GLY A 28 3.97 -12.09 6.72
C GLY A 28 5.43 -11.69 6.56
N THR A 29 5.85 -11.32 5.39
CA THR A 29 7.27 -10.94 5.24
C THR A 29 7.51 -10.07 3.99
N CYS A 30 8.47 -9.19 4.05
CA CYS A 30 8.80 -8.35 2.86
C CYS A 30 9.27 -9.29 1.75
N GLN A 31 8.92 -9.01 0.52
CA GLN A 31 9.35 -9.93 -0.57
C GLN A 31 10.80 -9.65 -0.95
N SER A 32 11.34 -8.54 -0.51
CA SER A 32 12.76 -8.22 -0.86
C SER A 32 13.62 -8.26 0.41
N CYS A 33 13.00 -8.27 1.57
CA CYS A 33 13.79 -8.31 2.84
C CYS A 33 13.33 -9.48 3.72
N GLY A 34 12.14 -9.98 3.51
CA GLY A 34 11.68 -11.11 4.37
C GLY A 34 11.86 -10.72 5.83
N VAL A 35 11.11 -9.74 6.27
CA VAL A 35 11.25 -9.25 7.68
C VAL A 35 10.11 -9.76 8.59
N THR A 36 8.87 -9.63 8.17
CA THR A 36 7.75 -10.09 9.04
C THR A 36 6.43 -9.52 8.51
N GLY A 37 5.35 -9.78 9.19
CA GLY A 37 4.03 -9.27 8.72
C GLY A 37 3.71 -7.93 9.37
N PRO A 38 3.67 -7.88 10.67
CA PRO A 38 3.35 -6.63 11.39
C PRO A 38 4.22 -5.47 10.90
N ASN A 39 3.61 -4.34 10.71
CA ASN A 39 4.33 -3.14 10.22
C ASN A 39 4.86 -3.38 8.80
N LEU A 40 4.13 -4.11 8.00
CA LEU A 40 4.59 -4.33 6.60
C LEU A 40 4.05 -3.20 5.72
N TRP A 41 4.42 -3.18 4.48
CA TRP A 41 3.91 -2.11 3.57
C TRP A 41 4.11 -2.55 2.12
N ALA A 42 3.11 -3.12 1.52
CA ALA A 42 3.25 -3.58 0.12
C ALA A 42 2.81 -2.50 -0.85
N CYS A 43 3.51 -2.35 -1.94
CA CYS A 43 3.15 -1.32 -2.95
C CYS A 43 1.72 -1.59 -3.42
N LEU A 44 1.01 -0.58 -3.85
CA LEU A 44 -0.39 -0.81 -4.30
C LEU A 44 -0.66 -0.07 -5.62
N GLN A 45 0.19 -0.19 -6.60
CA GLN A 45 -0.09 0.51 -7.89
C GLN A 45 -0.78 -0.47 -8.85
N VAL A 46 -1.62 0.04 -9.70
CA VAL A 46 -2.37 -0.82 -10.67
C VAL A 46 -1.47 -1.91 -11.25
N ALA A 47 -0.17 -1.77 -11.21
CA ALA A 47 0.70 -2.83 -11.80
C ALA A 47 2.01 -2.97 -11.03
N CYS A 48 1.96 -3.15 -9.74
CA CYS A 48 3.22 -3.31 -8.96
C CYS A 48 3.00 -4.31 -7.82
N PRO A 49 3.09 -5.58 -8.13
CA PRO A 49 2.90 -6.66 -7.11
C PRO A 49 4.20 -6.97 -6.35
N TYR A 50 4.32 -6.47 -5.14
CA TYR A 50 5.54 -6.73 -4.34
C TYR A 50 5.27 -6.23 -2.91
N VAL A 51 5.58 -7.01 -1.91
CA VAL A 51 5.31 -6.56 -0.51
C VAL A 51 6.61 -6.07 0.13
N GLY A 52 6.75 -4.78 0.26
CA GLY A 52 7.99 -4.21 0.86
C GLY A 52 7.88 -4.19 2.38
N CYS A 53 8.84 -3.60 3.04
CA CYS A 53 8.83 -3.53 4.52
C CYS A 53 8.30 -2.19 4.97
N GLY A 54 8.12 -2.09 6.25
CA GLY A 54 7.71 -0.83 6.87
C GLY A 54 8.88 -0.49 7.78
N GLU A 55 9.05 0.74 8.18
CA GLU A 55 10.22 1.07 9.06
C GLU A 55 10.66 -0.18 9.82
N SER A 56 9.71 -0.98 10.20
CA SER A 56 10.02 -2.25 10.91
C SER A 56 11.38 -2.75 10.45
N PHE A 57 11.65 -2.66 9.17
CA PHE A 57 12.97 -3.12 8.63
C PHE A 57 13.67 -1.96 7.95
N ALA A 58 13.47 -1.82 6.68
CA ALA A 58 14.11 -0.71 5.91
C ALA A 58 13.01 0.13 5.28
N ASP A 59 11.78 -0.24 5.49
CA ASP A 59 10.64 0.52 4.92
C ASP A 59 10.81 0.67 3.41
N HIS A 60 10.82 -0.41 2.68
CA HIS A 60 10.95 -0.28 1.19
C HIS A 60 9.94 0.78 0.77
N SER A 61 8.91 0.93 1.55
CA SER A 61 7.86 1.94 1.25
C SER A 61 8.50 3.25 0.82
N THR A 62 9.67 3.56 1.33
CA THR A 62 10.32 4.84 0.95
C THR A 62 11.20 4.66 -0.27
N ILE A 63 12.25 3.88 -0.17
CA ILE A 63 13.13 3.70 -1.34
C ILE A 63 12.31 3.16 -2.51
N HIS A 64 11.33 2.36 -2.22
CA HIS A 64 10.49 1.79 -3.31
C HIS A 64 9.61 2.89 -3.89
N ALA A 65 9.07 3.75 -3.06
CA ALA A 65 8.24 4.86 -3.59
C ALA A 65 9.19 5.91 -4.15
N GLN A 66 10.39 5.82 -3.71
CA GLN A 66 11.47 6.75 -4.11
C GLN A 66 12.09 6.33 -5.46
N ALA A 67 12.21 5.04 -5.68
CA ALA A 67 12.83 4.57 -6.95
C ALA A 67 11.77 4.41 -8.03
N LYS A 68 10.65 3.85 -7.68
CA LYS A 68 9.57 3.66 -8.69
C LYS A 68 8.58 4.81 -8.60
N LYS A 69 8.85 5.76 -7.75
CA LYS A 69 7.96 6.93 -7.62
C LYS A 69 6.53 6.47 -7.25
N HIS A 70 6.38 5.25 -6.81
CA HIS A 70 5.01 4.78 -6.41
C HIS A 70 4.70 5.40 -5.05
N ASN A 71 3.67 6.21 -4.96
CA ASN A 71 3.36 6.87 -3.65
C ASN A 71 2.42 6.01 -2.82
N LEU A 72 1.45 5.40 -3.43
CA LEU A 72 0.47 4.60 -2.65
C LEU A 72 0.98 3.21 -2.31
N THR A 73 0.78 2.83 -1.08
CA THR A 73 1.19 1.48 -0.60
C THR A 73 0.20 1.12 0.51
N VAL A 74 0.06 -0.14 0.84
CA VAL A 74 -0.93 -0.50 1.90
C VAL A 74 -0.25 -1.23 3.07
N ASN A 75 -0.42 -0.72 4.26
CA ASN A 75 0.19 -1.36 5.45
C ASN A 75 -0.68 -2.54 5.87
N LEU A 76 -0.29 -3.73 5.50
CA LEU A 76 -1.10 -4.93 5.86
C LEU A 76 -1.01 -5.16 7.36
N THR A 77 -0.53 -4.18 8.08
CA THR A 77 -0.43 -4.30 9.55
C THR A 77 -1.69 -3.72 10.18
N THR A 78 -2.14 -2.62 9.65
CA THR A 78 -3.37 -1.95 10.19
C THR A 78 -4.48 -1.92 9.13
N PHE A 79 -4.15 -2.18 7.90
CA PHE A 79 -5.19 -2.16 6.82
C PHE A 79 -5.50 -0.73 6.39
N ARG A 80 -4.50 0.02 6.05
CA ARG A 80 -4.71 1.42 5.56
C ARG A 80 -3.70 1.67 4.46
N LEU A 81 -3.68 2.84 3.89
CA LEU A 81 -2.71 3.11 2.80
C LEU A 81 -1.72 4.20 3.21
N TRP A 82 -0.83 4.52 2.33
CA TRP A 82 0.18 5.57 2.63
C TRP A 82 0.66 6.16 1.30
N CYS A 83 0.31 7.38 1.01
CA CYS A 83 0.72 7.99 -0.27
C CYS A 83 2.01 8.77 -0.08
N TYR A 84 3.11 8.30 -0.59
CA TYR A 84 4.35 9.10 -0.45
C TYR A 84 4.19 10.34 -1.31
N ALA A 85 3.05 10.48 -1.92
CA ALA A 85 2.77 11.68 -2.76
C ALA A 85 1.92 12.61 -1.90
N CYS A 86 0.69 12.25 -1.65
CA CYS A 86 -0.14 13.10 -0.76
C CYS A 86 0.54 13.05 0.60
N GLU A 87 1.47 12.14 0.72
CA GLU A 87 2.24 11.98 1.98
C GLU A 87 1.26 11.92 3.16
N LYS A 88 0.42 10.93 3.17
CA LYS A 88 -0.56 10.79 4.28
C LYS A 88 -1.05 9.34 4.33
N GLU A 89 -1.99 9.05 5.19
CA GLU A 89 -2.52 7.66 5.29
C GLU A 89 -3.97 7.64 4.78
N VAL A 90 -4.34 6.66 3.99
CA VAL A 90 -5.75 6.65 3.49
C VAL A 90 -6.30 5.21 3.48
N PHE A 91 -7.56 5.07 3.74
CA PHE A 91 -8.19 3.71 3.75
C PHE A 91 -8.97 3.53 2.47
N LEU A 92 -9.40 2.34 2.19
CA LEU A 92 -10.20 2.12 0.97
C LEU A 92 -11.26 3.22 0.92
N GLU A 93 -11.58 3.68 -0.25
CA GLU A 93 -12.60 4.76 -0.39
C GLU A 93 -13.85 4.43 0.42
N GLN A 94 -13.85 3.33 1.14
CA GLN A 94 -15.05 2.96 1.96
C GLN A 94 -16.26 2.71 1.05
N ARG A 95 -16.25 3.24 -0.14
CA ARG A 95 -17.40 3.01 -1.06
C ARG A 95 -17.76 1.53 -1.07
N LEU A 96 -16.77 0.69 -0.90
CA LEU A 96 -17.03 -0.79 -0.89
C LEU A 96 -17.06 -1.29 0.55
N ALA A 97 -15.94 -1.25 1.22
CA ALA A 97 -15.89 -1.72 2.63
C ALA A 97 -16.76 -0.83 3.51
N ALA A 98 -18.01 -1.17 3.67
CA ALA A 98 -18.92 -0.33 4.51
C ALA A 98 -18.73 -0.73 5.98
N PRO A 99 -18.99 0.18 6.89
CA PRO A 99 -18.87 -0.08 8.35
C PRO A 99 -19.33 -1.50 8.73
ZN ZN B . -2.09 10.30 -3.39
ZN ZN C . 11.90 -4.65 2.08
ZN ZN D . 5.63 -0.13 -6.64
N MET A 1 -11.18 14.25 -10.44
CA MET A 1 -11.17 12.77 -10.66
C MET A 1 -11.38 12.05 -9.34
N GLY A 2 -11.97 12.71 -8.38
CA GLY A 2 -12.21 12.07 -7.06
C GLY A 2 -13.09 12.98 -6.21
N ASP A 3 -13.82 12.42 -5.27
CA ASP A 3 -14.70 13.25 -4.41
C ASP A 3 -14.85 12.59 -3.03
N SER A 4 -13.95 12.87 -2.12
CA SER A 4 -14.04 12.26 -0.77
C SER A 4 -12.86 12.72 0.08
N ARG A 5 -12.79 12.28 1.30
CA ARG A 5 -11.65 12.67 2.18
C ARG A 5 -10.70 11.49 2.34
N ASP A 6 -11.24 10.32 2.55
CA ASP A 6 -10.38 9.12 2.71
C ASP A 6 -9.75 8.75 1.37
N LEU A 7 -10.40 9.08 0.29
CA LEU A 7 -9.83 8.75 -1.05
C LEU A 7 -8.65 9.69 -1.36
N CYS A 8 -7.73 9.25 -2.18
CA CYS A 8 -6.55 10.12 -2.52
C CYS A 8 -6.52 10.32 -4.04
N PRO A 9 -5.85 11.35 -4.49
CA PRO A 9 -5.73 11.69 -5.94
C PRO A 9 -5.15 10.52 -6.76
N HIS A 10 -4.00 10.05 -6.35
CA HIS A 10 -3.35 8.92 -7.07
C HIS A 10 -4.09 7.63 -6.75
N LEU A 11 -5.13 7.71 -5.98
CA LEU A 11 -5.91 6.49 -5.63
C LEU A 11 -6.61 5.97 -6.87
N ASP A 12 -7.14 6.84 -7.69
CA ASP A 12 -7.84 6.40 -8.92
C ASP A 12 -6.81 5.96 -9.98
N SER A 13 -5.59 6.40 -9.84
CA SER A 13 -4.55 6.02 -10.84
C SER A 13 -4.06 4.59 -10.57
N ILE A 14 -4.13 4.16 -9.34
CA ILE A 14 -3.66 2.78 -9.01
C ILE A 14 -4.78 1.77 -9.27
N GLY A 15 -5.99 2.24 -9.46
CA GLY A 15 -7.12 1.29 -9.72
C GLY A 15 -7.11 0.18 -8.66
N GLU A 16 -7.99 -0.77 -8.77
CA GLU A 16 -8.03 -1.88 -7.78
C GLU A 16 -7.20 -3.06 -8.29
N VAL A 17 -6.32 -3.58 -7.47
CA VAL A 17 -5.47 -4.74 -7.89
C VAL A 17 -6.12 -6.02 -7.35
N THR A 18 -5.46 -7.14 -7.44
CA THR A 18 -6.08 -8.38 -6.92
C THR A 18 -6.24 -8.25 -5.41
N LYS A 19 -7.40 -8.56 -4.90
CA LYS A 19 -7.60 -8.45 -3.43
C LYS A 19 -6.64 -9.42 -2.77
N GLU A 20 -6.74 -10.67 -3.14
CA GLU A 20 -5.81 -11.69 -2.58
C GLU A 20 -4.41 -11.11 -2.61
N ASP A 21 -4.07 -10.34 -3.62
CA ASP A 21 -2.71 -9.75 -3.66
C ASP A 21 -2.48 -9.04 -2.34
N LEU A 22 -3.47 -8.35 -1.86
CA LEU A 22 -3.34 -7.64 -0.56
C LEU A 22 -3.33 -8.69 0.55
N LEU A 23 -3.85 -9.84 0.25
CA LEU A 23 -3.89 -10.93 1.26
C LEU A 23 -2.52 -11.61 1.30
N LEU A 24 -2.01 -12.09 0.19
CA LEU A 24 -0.66 -12.71 0.24
C LEU A 24 0.32 -11.64 0.69
N LYS A 25 0.21 -10.44 0.17
CA LYS A 25 1.13 -9.36 0.63
C LYS A 25 1.14 -9.40 2.15
N SER A 26 -0.02 -9.51 2.74
CA SER A 26 -0.12 -9.59 4.22
C SER A 26 0.46 -10.94 4.67
N LYS A 27 1.13 -11.64 3.79
CA LYS A 27 1.69 -12.98 4.17
C LYS A 27 2.43 -12.89 5.50
N GLY A 28 3.32 -11.94 5.68
CA GLY A 28 4.02 -11.85 6.98
C GLY A 28 5.49 -11.49 6.79
N THR A 29 5.90 -11.14 5.60
CA THR A 29 7.33 -10.79 5.42
C THR A 29 7.54 -9.94 4.16
N CYS A 30 8.52 -9.09 4.17
CA CYS A 30 8.84 -8.26 2.95
C CYS A 30 9.26 -9.22 1.85
N GLN A 31 8.91 -8.96 0.62
CA GLN A 31 9.31 -9.89 -0.47
C GLN A 31 10.76 -9.64 -0.87
N SER A 32 11.32 -8.54 -0.45
CA SER A 32 12.74 -8.24 -0.82
C SER A 32 13.61 -8.25 0.44
N CYS A 33 13.00 -8.25 1.60
CA CYS A 33 13.80 -8.25 2.87
C CYS A 33 13.36 -9.40 3.77
N GLY A 34 12.17 -9.90 3.59
CA GLY A 34 11.72 -11.02 4.49
C GLY A 34 11.93 -10.58 5.94
N VAL A 35 11.19 -9.60 6.38
CA VAL A 35 11.37 -9.08 7.77
C VAL A 35 10.24 -9.56 8.70
N THR A 36 9.00 -9.46 8.30
CA THR A 36 7.89 -9.89 9.20
C THR A 36 6.58 -9.31 8.70
N GLY A 37 5.50 -9.55 9.41
CA GLY A 37 4.17 -9.02 8.97
C GLY A 37 3.91 -7.65 9.60
N PRO A 38 3.77 -7.60 10.89
CA PRO A 38 3.49 -6.33 11.59
C PRO A 38 4.34 -5.18 11.06
N ASN A 39 3.72 -4.11 10.71
CA ASN A 39 4.45 -2.93 10.20
C ASN A 39 4.90 -3.16 8.76
N LEU A 40 4.25 -4.03 8.03
CA LEU A 40 4.66 -4.25 6.62
C LEU A 40 4.09 -3.13 5.76
N TRP A 41 4.43 -3.11 4.50
CA TRP A 41 3.90 -2.04 3.61
C TRP A 41 4.06 -2.49 2.15
N ALA A 42 3.06 -3.09 1.59
CA ALA A 42 3.17 -3.56 0.18
C ALA A 42 2.68 -2.47 -0.78
N CYS A 43 3.33 -2.37 -1.91
CA CYS A 43 2.93 -1.36 -2.92
C CYS A 43 1.50 -1.64 -3.36
N LEU A 44 0.78 -0.64 -3.78
CA LEU A 44 -0.63 -0.84 -4.21
C LEU A 44 -0.91 -0.14 -5.54
N GLN A 45 0.00 -0.21 -6.49
CA GLN A 45 -0.27 0.46 -7.79
C GLN A 45 -0.98 -0.51 -8.72
N VAL A 46 -1.82 0.01 -9.58
CA VAL A 46 -2.58 -0.86 -10.53
C VAL A 46 -1.72 -2.00 -11.07
N ALA A 47 -0.42 -1.89 -11.04
CA ALA A 47 0.42 -3.00 -11.60
C ALA A 47 1.75 -3.12 -10.85
N CYS A 48 1.71 -3.27 -9.55
CA CYS A 48 2.99 -3.42 -8.79
C CYS A 48 2.80 -4.40 -7.63
N PRO A 49 2.87 -5.68 -7.91
CA PRO A 49 2.70 -6.72 -6.87
C PRO A 49 4.01 -7.02 -6.14
N TYR A 50 4.17 -6.50 -4.96
CA TYR A 50 5.40 -6.74 -4.16
C TYR A 50 5.17 -6.23 -2.74
N VAL A 51 5.51 -7.00 -1.74
CA VAL A 51 5.28 -6.53 -0.34
C VAL A 51 6.59 -6.02 0.25
N GLY A 52 6.72 -4.72 0.37
CA GLY A 52 7.97 -4.13 0.93
C GLY A 52 7.89 -4.07 2.46
N CYS A 53 8.87 -3.46 3.07
CA CYS A 53 8.89 -3.35 4.56
C CYS A 53 8.40 -1.99 4.99
N GLY A 54 8.25 -1.86 6.26
CA GLY A 54 7.89 -0.56 6.87
C GLY A 54 9.09 -0.23 7.73
N GLU A 55 9.31 1.00 8.09
CA GLU A 55 10.52 1.32 8.92
C GLU A 55 10.94 0.09 9.70
N SER A 56 9.98 -0.66 10.15
CA SER A 56 10.28 -1.91 10.90
C SER A 56 11.62 -2.45 10.41
N PHE A 57 11.83 -2.43 9.12
CA PHE A 57 13.13 -2.94 8.56
C PHE A 57 13.85 -1.80 7.85
N ALA A 58 13.62 -1.69 6.57
CA ALA A 58 14.27 -0.61 5.77
C ALA A 58 13.18 0.24 5.13
N ASP A 59 11.96 -0.10 5.37
CA ASP A 59 10.82 0.66 4.80
C ASP A 59 10.96 0.78 3.28
N HIS A 60 10.92 -0.32 2.58
CA HIS A 60 11.02 -0.23 1.09
C HIS A 60 10.02 0.84 0.66
N SER A 61 9.02 1.04 1.46
CA SER A 61 7.98 2.05 1.17
C SER A 61 8.63 3.35 0.69
N THR A 62 9.80 3.65 1.15
CA THR A 62 10.47 4.91 0.72
C THR A 62 11.30 4.67 -0.53
N ILE A 63 12.34 3.89 -0.42
CA ILE A 63 13.20 3.66 -1.62
C ILE A 63 12.35 3.10 -2.75
N HIS A 64 11.35 2.33 -2.41
CA HIS A 64 10.47 1.74 -3.46
C HIS A 64 9.59 2.84 -4.05
N ALA A 65 9.08 3.72 -3.24
CA ALA A 65 8.24 4.83 -3.77
C ALA A 65 9.20 5.85 -4.38
N GLN A 66 10.41 5.76 -3.95
CA GLN A 66 11.48 6.67 -4.41
C GLN A 66 12.06 6.18 -5.75
N ALA A 67 12.13 4.89 -5.94
CA ALA A 67 12.71 4.34 -7.19
C ALA A 67 11.63 4.20 -8.26
N LYS A 68 10.49 3.71 -7.86
CA LYS A 68 9.37 3.52 -8.84
C LYS A 68 8.41 4.70 -8.75
N LYS A 69 8.73 5.65 -7.93
CA LYS A 69 7.84 6.84 -7.78
C LYS A 69 6.42 6.40 -7.39
N HIS A 70 6.26 5.19 -6.93
CA HIS A 70 4.90 4.73 -6.50
C HIS A 70 4.59 5.42 -5.17
N ASN A 71 3.51 6.16 -5.08
CA ASN A 71 3.21 6.88 -3.82
C ASN A 71 2.29 6.07 -2.91
N LEU A 72 1.26 5.48 -3.46
CA LEU A 72 0.30 4.72 -2.61
C LEU A 72 0.80 3.31 -2.29
N THR A 73 0.64 2.93 -1.05
CA THR A 73 1.03 1.57 -0.58
C THR A 73 0.09 1.23 0.58
N VAL A 74 -0.08 -0.02 0.92
CA VAL A 74 -1.02 -0.34 2.04
C VAL A 74 -0.31 -1.11 3.15
N ASN A 75 -0.44 -0.62 4.35
CA ASN A 75 0.21 -1.29 5.51
C ASN A 75 -0.66 -2.48 5.95
N LEU A 76 -0.23 -3.67 5.64
CA LEU A 76 -1.03 -4.86 6.04
C LEU A 76 -0.94 -5.04 7.54
N THR A 77 -0.47 -4.02 8.23
CA THR A 77 -0.36 -4.09 9.70
C THR A 77 -1.61 -3.47 10.31
N THR A 78 -2.08 -2.40 9.72
CA THR A 78 -3.30 -1.71 10.24
C THR A 78 -4.41 -1.69 9.19
N PHE A 79 -4.09 -1.95 7.95
CA PHE A 79 -5.13 -1.93 6.87
C PHE A 79 -5.45 -0.49 6.45
N ARG A 80 -4.44 0.25 6.08
CA ARG A 80 -4.66 1.66 5.62
C ARG A 80 -3.68 1.91 4.49
N LEU A 81 -3.70 3.08 3.92
CA LEU A 81 -2.75 3.36 2.79
C LEU A 81 -1.77 4.45 3.21
N TRP A 82 -0.84 4.74 2.34
CA TRP A 82 0.16 5.79 2.62
C TRP A 82 0.64 6.33 1.28
N CYS A 83 0.32 7.56 0.99
CA CYS A 83 0.74 8.14 -0.30
C CYS A 83 2.04 8.90 -0.14
N TYR A 84 3.11 8.41 -0.70
CA TYR A 84 4.37 9.18 -0.58
C TYR A 84 4.23 10.43 -1.44
N ALA A 85 3.07 10.59 -2.04
CA ALA A 85 2.79 11.78 -2.86
C ALA A 85 1.97 12.74 -2.00
N CYS A 86 0.74 12.40 -1.73
CA CYS A 86 -0.05 13.26 -0.84
C CYS A 86 0.64 13.21 0.51
N GLU A 87 1.55 12.29 0.63
CA GLU A 87 2.33 12.12 1.89
C GLU A 87 1.39 12.10 3.08
N LYS A 88 0.50 11.13 3.11
CA LYS A 88 -0.46 11.02 4.24
C LYS A 88 -0.98 9.59 4.30
N GLU A 89 -1.91 9.32 5.19
CA GLU A 89 -2.47 7.94 5.29
C GLU A 89 -3.92 7.95 4.81
N VAL A 90 -4.37 6.90 4.15
CA VAL A 90 -5.78 6.91 3.67
C VAL A 90 -6.32 5.47 3.62
N PHE A 91 -7.58 5.31 3.88
CA PHE A 91 -8.20 3.94 3.83
C PHE A 91 -9.00 3.82 2.56
N LEU A 92 -9.43 2.64 2.22
CA LEU A 92 -10.26 2.48 1.00
C LEU A 92 -11.34 3.56 1.06
N GLU A 93 -11.73 4.06 -0.07
CA GLU A 93 -12.78 5.13 -0.11
C GLU A 93 -13.98 4.72 0.74
N GLN A 94 -13.93 3.59 1.38
CA GLN A 94 -15.08 3.15 2.24
C GLN A 94 -16.34 2.97 1.39
N ARG A 95 -16.38 3.53 0.21
CA ARG A 95 -17.59 3.39 -0.65
C ARG A 95 -18.02 1.92 -0.66
N LEU A 96 -17.08 1.03 -0.54
CA LEU A 96 -17.41 -0.42 -0.54
C LEU A 96 -17.64 -0.89 0.90
N ALA A 97 -17.97 -2.14 1.08
CA ALA A 97 -18.20 -2.66 2.46
C ALA A 97 -18.27 -4.19 2.42
N ALA A 98 -18.87 -4.79 3.42
CA ALA A 98 -18.97 -6.27 3.43
C ALA A 98 -20.01 -6.70 4.47
N PRO A 99 -20.64 -7.83 4.27
CA PRO A 99 -21.67 -8.35 5.21
C PRO A 99 -21.30 -8.11 6.68
ZN ZN B . -2.09 10.43 -3.40
ZN ZN C . 11.91 -4.58 2.07
ZN ZN D . 5.47 -0.18 -6.58
N MET A 1 -14.64 8.52 -9.89
CA MET A 1 -13.21 8.72 -9.51
C MET A 1 -13.13 9.36 -8.12
N GLY A 2 -12.54 8.69 -7.18
CA GLY A 2 -12.43 9.27 -5.81
C GLY A 2 -13.83 9.49 -5.23
N ASP A 3 -13.93 9.66 -3.94
CA ASP A 3 -15.27 9.88 -3.31
C ASP A 3 -15.10 10.71 -2.05
N SER A 4 -15.05 10.07 -0.91
CA SER A 4 -14.90 10.83 0.37
C SER A 4 -13.43 11.21 0.56
N ARG A 5 -13.17 12.20 1.38
CA ARG A 5 -11.75 12.63 1.61
C ARG A 5 -10.85 11.40 1.74
N ASP A 6 -11.29 10.40 2.44
CA ASP A 6 -10.46 9.16 2.60
C ASP A 6 -9.78 8.82 1.27
N LEU A 7 -10.35 9.24 0.19
CA LEU A 7 -9.76 8.94 -1.15
C LEU A 7 -8.54 9.84 -1.40
N CYS A 8 -7.66 9.42 -2.28
CA CYS A 8 -6.45 10.25 -2.60
C CYS A 8 -6.38 10.45 -4.12
N PRO A 9 -5.68 11.46 -4.55
CA PRO A 9 -5.52 11.78 -6.01
C PRO A 9 -4.96 10.61 -6.80
N HIS A 10 -3.84 10.09 -6.38
CA HIS A 10 -3.20 8.94 -7.09
C HIS A 10 -3.97 7.67 -6.78
N LEU A 11 -5.01 7.77 -6.00
CA LEU A 11 -5.82 6.57 -5.66
C LEU A 11 -6.51 6.05 -6.92
N ASP A 12 -7.03 6.94 -7.72
CA ASP A 12 -7.73 6.49 -8.97
C ASP A 12 -6.69 6.06 -10.01
N SER A 13 -5.48 6.50 -9.88
CA SER A 13 -4.43 6.12 -10.87
C SER A 13 -3.92 4.70 -10.60
N ILE A 14 -4.06 4.23 -9.39
CA ILE A 14 -3.58 2.85 -9.06
C ILE A 14 -4.69 1.84 -9.32
N GLY A 15 -5.91 2.29 -9.51
CA GLY A 15 -7.02 1.33 -9.75
C GLY A 15 -7.11 0.33 -8.60
N GLU A 16 -7.53 -0.89 -8.89
CA GLU A 16 -7.63 -1.92 -7.81
C GLU A 16 -6.98 -3.23 -8.31
N VAL A 17 -5.97 -3.68 -7.63
CA VAL A 17 -5.30 -4.94 -8.04
C VAL A 17 -6.08 -6.12 -7.45
N THR A 18 -5.56 -7.32 -7.54
CA THR A 18 -6.29 -8.48 -6.97
C THR A 18 -6.40 -8.29 -5.45
N LYS A 19 -7.57 -8.44 -4.91
CA LYS A 19 -7.73 -8.28 -3.44
C LYS A 19 -6.78 -9.26 -2.78
N GLU A 20 -6.92 -10.52 -3.11
CA GLU A 20 -6.01 -11.55 -2.57
C GLU A 20 -4.58 -11.00 -2.65
N ASP A 21 -4.29 -10.24 -3.67
CA ASP A 21 -2.93 -9.65 -3.78
C ASP A 21 -2.62 -8.92 -2.49
N LEU A 22 -3.59 -8.24 -1.95
CA LEU A 22 -3.40 -7.52 -0.67
C LEU A 22 -3.37 -8.55 0.46
N LEU A 23 -3.94 -9.69 0.20
CA LEU A 23 -3.97 -10.77 1.22
C LEU A 23 -2.62 -11.47 1.24
N LEU A 24 -2.15 -11.97 0.13
CA LEU A 24 -0.81 -12.62 0.15
C LEU A 24 0.20 -11.58 0.59
N LYS A 25 0.11 -10.38 0.07
CA LYS A 25 1.06 -9.32 0.52
C LYS A 25 1.10 -9.36 2.05
N SER A 26 -0.05 -9.46 2.66
CA SER A 26 -0.14 -9.54 4.13
C SER A 26 0.40 -10.91 4.58
N LYS A 27 1.05 -11.62 3.69
CA LYS A 27 1.55 -12.98 4.05
C LYS A 27 2.31 -12.95 5.38
N GLY A 28 3.23 -12.05 5.58
CA GLY A 28 3.94 -12.02 6.88
C GLY A 28 5.40 -11.64 6.71
N THR A 29 5.81 -11.27 5.54
CA THR A 29 7.25 -10.91 5.36
C THR A 29 7.46 -10.05 4.11
N CYS A 30 8.44 -9.19 4.13
CA CYS A 30 8.75 -8.34 2.95
C CYS A 30 9.22 -9.28 1.82
N GLN A 31 8.83 -9.02 0.60
CA GLN A 31 9.26 -9.93 -0.49
C GLN A 31 10.70 -9.62 -0.90
N SER A 32 11.25 -8.53 -0.44
CA SER A 32 12.66 -8.19 -0.80
C SER A 32 13.54 -8.25 0.45
N CYS A 33 12.93 -8.28 1.62
CA CYS A 33 13.72 -8.34 2.88
C CYS A 33 13.25 -9.52 3.73
N GLY A 34 12.03 -9.96 3.56
CA GLY A 34 11.55 -11.09 4.40
C GLY A 34 11.80 -10.76 5.85
N VAL A 35 11.09 -9.79 6.37
CA VAL A 35 11.31 -9.35 7.79
C VAL A 35 10.15 -9.78 8.70
N THR A 36 8.91 -9.65 8.27
CA THR A 36 7.77 -10.05 9.16
C THR A 36 6.46 -9.47 8.61
N GLY A 37 5.38 -9.70 9.32
CA GLY A 37 4.05 -9.18 8.87
C GLY A 37 3.77 -7.82 9.50
N PRO A 38 3.57 -7.80 10.79
CA PRO A 38 3.28 -6.53 11.49
C PRO A 38 4.17 -5.40 11.03
N ASN A 39 3.57 -4.31 10.67
CA ASN A 39 4.34 -3.12 10.21
C ASN A 39 4.81 -3.35 8.76
N LEU A 40 4.14 -4.18 8.01
CA LEU A 40 4.58 -4.39 6.60
C LEU A 40 4.02 -3.25 5.75
N TRP A 41 4.38 -3.20 4.50
CA TRP A 41 3.86 -2.12 3.62
C TRP A 41 4.05 -2.54 2.16
N ALA A 42 3.03 -3.10 1.57
CA ALA A 42 3.15 -3.55 0.15
C ALA A 42 2.69 -2.46 -0.81
N CYS A 43 3.35 -2.34 -1.92
CA CYS A 43 2.98 -1.32 -2.93
C CYS A 43 1.54 -1.58 -3.39
N LEU A 44 0.84 -0.56 -3.80
CA LEU A 44 -0.57 -0.77 -4.24
C LEU A 44 -0.84 -0.05 -5.57
N GLN A 45 0.06 -0.15 -6.52
CA GLN A 45 -0.20 0.54 -7.82
C GLN A 45 -0.90 -0.43 -8.78
N VAL A 46 -1.72 0.10 -9.63
CA VAL A 46 -2.48 -0.76 -10.60
C VAL A 46 -1.60 -1.89 -11.16
N ALA A 47 -0.30 -1.76 -11.11
CA ALA A 47 0.55 -2.85 -11.68
C ALA A 47 1.87 -2.99 -10.91
N CYS A 48 1.81 -3.16 -9.61
CA CYS A 48 3.07 -3.32 -8.83
C CYS A 48 2.85 -4.32 -7.69
N PRO A 49 2.92 -5.59 -7.98
CA PRO A 49 2.73 -6.65 -6.97
C PRO A 49 4.02 -6.98 -6.22
N TYR A 50 4.17 -6.48 -5.03
CA TYR A 50 5.40 -6.74 -4.22
C TYR A 50 5.16 -6.24 -2.80
N VAL A 51 5.46 -7.02 -1.80
CA VAL A 51 5.23 -6.55 -0.41
C VAL A 51 6.54 -6.08 0.22
N GLY A 52 6.69 -4.78 0.34
CA GLY A 52 7.94 -4.24 0.93
C GLY A 52 7.84 -4.19 2.46
N CYS A 53 8.81 -3.62 3.11
CA CYS A 53 8.79 -3.53 4.59
C CYS A 53 8.31 -2.18 5.03
N GLY A 54 8.13 -2.06 6.30
CA GLY A 54 7.78 -0.78 6.93
C GLY A 54 8.96 -0.47 7.81
N GLU A 55 9.17 0.73 8.22
CA GLU A 55 10.36 1.03 9.09
C GLU A 55 10.78 -0.23 9.83
N SER A 56 9.82 -1.01 10.24
CA SER A 56 10.12 -2.29 10.95
C SER A 56 11.48 -2.80 10.46
N PHE A 57 11.72 -2.73 9.18
CA PHE A 57 13.02 -3.18 8.62
C PHE A 57 13.73 -2.00 7.97
N ALA A 58 13.54 -1.84 6.70
CA ALA A 58 14.17 -0.72 5.96
C ALA A 58 13.08 0.14 5.33
N ASP A 59 11.85 -0.24 5.55
CA ASP A 59 10.70 0.52 4.98
C ASP A 59 10.85 0.66 3.47
N HIS A 60 10.83 -0.44 2.74
CA HIS A 60 10.94 -0.31 1.26
C HIS A 60 9.94 0.75 0.84
N SER A 61 8.93 0.92 1.63
CA SER A 61 7.88 1.94 1.33
C SER A 61 8.53 3.24 0.87
N THR A 62 9.70 3.56 1.38
CA THR A 62 10.35 4.82 0.98
C THR A 62 11.22 4.61 -0.25
N ILE A 63 12.27 3.83 -0.14
CA ILE A 63 13.15 3.63 -1.30
C ILE A 63 12.33 3.09 -2.47
N HIS A 64 11.33 2.32 -2.18
CA HIS A 64 10.46 1.76 -3.26
C HIS A 64 9.61 2.88 -3.86
N ALA A 65 9.07 3.74 -3.03
CA ALA A 65 8.26 4.86 -3.58
C ALA A 65 9.24 5.88 -4.14
N GLN A 66 10.45 5.77 -3.70
CA GLN A 66 11.54 6.68 -4.12
C GLN A 66 12.14 6.20 -5.45
N ALA A 67 12.22 4.91 -5.65
CA ALA A 67 12.82 4.38 -6.90
C ALA A 67 11.76 4.24 -7.98
N LYS A 68 10.62 3.73 -7.61
CA LYS A 68 9.53 3.53 -8.61
C LYS A 68 8.55 4.70 -8.53
N LYS A 69 8.86 5.67 -7.72
CA LYS A 69 7.97 6.86 -7.59
C LYS A 69 6.55 6.42 -7.23
N HIS A 70 6.37 5.20 -6.78
CA HIS A 70 5.00 4.75 -6.38
C HIS A 70 4.68 5.39 -5.03
N ASN A 71 3.65 6.19 -4.97
CA ASN A 71 3.33 6.88 -3.68
C ASN A 71 2.38 6.04 -2.81
N LEU A 72 1.37 5.47 -3.41
CA LEU A 72 0.39 4.70 -2.61
C LEU A 72 0.88 3.28 -2.30
N THR A 73 0.71 2.89 -1.06
CA THR A 73 1.09 1.54 -0.60
C THR A 73 0.13 1.19 0.54
N VAL A 74 -0.03 -0.06 0.89
CA VAL A 74 -0.99 -0.39 1.98
C VAL A 74 -0.31 -1.11 3.14
N ASN A 75 -0.51 -0.60 4.33
CA ASN A 75 0.10 -1.23 5.54
C ASN A 75 -0.75 -2.42 5.95
N LEU A 76 -0.38 -3.61 5.52
CA LEU A 76 -1.17 -4.81 5.89
C LEU A 76 -1.10 -5.02 7.39
N THR A 77 -0.56 -4.06 8.09
CA THR A 77 -0.46 -4.16 9.58
C THR A 77 -1.70 -3.53 10.19
N THR A 78 -2.14 -2.43 9.62
CA THR A 78 -3.36 -1.73 10.16
C THR A 78 -4.47 -1.69 9.11
N PHE A 79 -4.16 -1.96 7.87
CA PHE A 79 -5.21 -1.94 6.80
C PHE A 79 -5.52 -0.50 6.37
N ARG A 80 -4.51 0.22 5.98
CA ARG A 80 -4.71 1.63 5.51
C ARG A 80 -3.72 1.86 4.38
N LEU A 81 -3.71 3.03 3.80
CA LEU A 81 -2.75 3.29 2.69
C LEU A 81 -1.75 4.35 3.11
N TRP A 82 -0.83 4.66 2.26
CA TRP A 82 0.19 5.69 2.57
C TRP A 82 0.70 6.26 1.25
N CYS A 83 0.38 7.49 0.96
CA CYS A 83 0.82 8.09 -0.32
C CYS A 83 2.13 8.84 -0.11
N TYR A 84 3.21 8.36 -0.66
CA TYR A 84 4.48 9.11 -0.51
C TYR A 84 4.35 10.37 -1.36
N ALA A 85 3.20 10.54 -1.96
CA ALA A 85 2.94 11.74 -2.79
C ALA A 85 2.12 12.69 -1.93
N CYS A 86 0.88 12.36 -1.67
CA CYS A 86 0.07 13.22 -0.78
C CYS A 86 0.75 13.15 0.57
N GLU A 87 1.66 12.21 0.69
CA GLU A 87 2.42 12.04 1.95
C GLU A 87 1.45 12.01 3.13
N LYS A 88 0.58 11.03 3.15
CA LYS A 88 -0.40 10.91 4.27
C LYS A 88 -0.93 9.48 4.30
N GLU A 89 -1.87 9.20 5.17
CA GLU A 89 -2.44 7.82 5.25
C GLU A 89 -3.89 7.85 4.76
N VAL A 90 -4.34 6.83 4.07
CA VAL A 90 -5.75 6.87 3.57
C VAL A 90 -6.32 5.44 3.52
N PHE A 91 -7.59 5.32 3.79
CA PHE A 91 -8.24 3.96 3.75
C PHE A 91 -9.03 3.84 2.47
N LEU A 92 -9.49 2.67 2.15
CA LEU A 92 -10.31 2.51 0.94
C LEU A 92 -11.36 3.62 0.94
N GLU A 93 -11.69 4.14 -0.20
CA GLU A 93 -12.69 5.24 -0.28
C GLU A 93 -13.96 4.88 0.53
N GLN A 94 -13.97 3.76 1.19
CA GLN A 94 -15.15 3.36 2.00
C GLN A 94 -16.40 3.22 1.11
N ARG A 95 -16.42 3.86 -0.03
CA ARG A 95 -17.60 3.75 -0.92
C ARG A 95 -18.02 2.28 -1.02
N LEU A 96 -17.07 1.39 -0.96
CA LEU A 96 -17.38 -0.06 -1.05
C LEU A 96 -17.56 -0.63 0.35
N ALA A 97 -16.52 -0.62 1.13
CA ALA A 97 -16.61 -1.15 2.52
C ALA A 97 -16.89 -2.65 2.47
N ALA A 98 -15.88 -3.46 2.63
CA ALA A 98 -16.09 -4.93 2.58
C ALA A 98 -17.24 -5.30 3.54
N PRO A 99 -17.99 -6.32 3.21
CA PRO A 99 -19.13 -6.77 4.06
C PRO A 99 -18.66 -7.40 5.37
ZN ZN B . -1.98 10.43 -3.40
ZN ZN C . 11.86 -4.69 2.15
ZN ZN D . 5.57 -0.14 -6.55
N MET A 1 -14.90 8.47 -10.35
CA MET A 1 -14.44 9.81 -9.86
C MET A 1 -13.76 9.64 -8.50
N GLY A 2 -13.33 10.73 -7.91
CA GLY A 2 -12.64 10.63 -6.59
C GLY A 2 -13.68 10.71 -5.47
N ASP A 3 -14.25 11.87 -5.27
CA ASP A 3 -15.28 12.01 -4.18
C ASP A 3 -14.70 11.49 -2.86
N SER A 4 -15.43 11.61 -1.80
CA SER A 4 -14.93 11.12 -0.49
C SER A 4 -13.62 11.84 -0.15
N ARG A 5 -13.22 11.81 1.09
CA ARG A 5 -11.95 12.49 1.49
C ARG A 5 -10.83 11.44 1.61
N ASP A 6 -11.11 10.33 2.24
CA ASP A 6 -10.09 9.27 2.38
C ASP A 6 -9.43 9.00 1.03
N LEU A 7 -10.18 9.16 -0.04
CA LEU A 7 -9.61 8.91 -1.39
C LEU A 7 -8.40 9.83 -1.63
N CYS A 8 -7.52 9.45 -2.51
CA CYS A 8 -6.31 10.28 -2.81
C CYS A 8 -6.22 10.51 -4.33
N PRO A 9 -5.51 11.53 -4.74
CA PRO A 9 -5.35 11.85 -6.19
C PRO A 9 -4.80 10.67 -6.98
N HIS A 10 -3.66 10.18 -6.57
CA HIS A 10 -3.03 9.02 -7.28
C HIS A 10 -3.80 7.75 -6.91
N LEU A 11 -4.80 7.87 -6.10
CA LEU A 11 -5.59 6.68 -5.69
C LEU A 11 -6.44 6.21 -6.87
N ASP A 12 -6.76 7.08 -7.78
CA ASP A 12 -7.58 6.68 -8.95
C ASP A 12 -6.65 6.18 -10.07
N SER A 13 -5.40 6.56 -10.03
CA SER A 13 -4.45 6.12 -11.10
C SER A 13 -3.96 4.70 -10.81
N ILE A 14 -3.99 4.28 -9.56
CA ILE A 14 -3.51 2.91 -9.22
C ILE A 14 -4.62 1.89 -9.49
N GLY A 15 -5.83 2.33 -9.69
CA GLY A 15 -6.94 1.38 -9.95
C GLY A 15 -7.06 0.40 -8.77
N GLU A 16 -7.51 -0.80 -9.04
CA GLU A 16 -7.65 -1.81 -7.93
C GLU A 16 -6.95 -3.11 -8.35
N VAL A 17 -5.77 -3.34 -7.85
CA VAL A 17 -5.04 -4.59 -8.20
C VAL A 17 -5.83 -5.79 -7.68
N THR A 18 -5.28 -6.96 -7.74
CA THR A 18 -6.01 -8.15 -7.24
C THR A 18 -6.18 -8.03 -5.72
N LYS A 19 -7.37 -8.20 -5.23
CA LYS A 19 -7.59 -8.11 -3.77
C LYS A 19 -6.68 -9.15 -3.11
N GLU A 20 -6.85 -10.40 -3.49
CA GLU A 20 -6.00 -11.47 -2.94
C GLU A 20 -4.56 -10.96 -2.91
N ASP A 21 -4.15 -10.27 -3.93
CA ASP A 21 -2.76 -9.72 -3.94
C ASP A 21 -2.53 -9.02 -2.60
N LEU A 22 -3.50 -8.28 -2.15
CA LEU A 22 -3.37 -7.60 -0.84
C LEU A 22 -3.42 -8.65 0.27
N LEU A 23 -3.99 -9.77 -0.06
CA LEU A 23 -4.09 -10.87 0.94
C LEU A 23 -2.75 -11.61 1.01
N LEU A 24 -2.22 -12.06 -0.10
CA LEU A 24 -0.89 -12.74 -0.01
C LEU A 24 0.11 -11.72 0.47
N LYS A 25 0.05 -10.51 -0.03
CA LYS A 25 1.01 -9.47 0.46
C LYS A 25 0.97 -9.51 1.99
N SER A 26 -0.22 -9.60 2.54
CA SER A 26 -0.36 -9.70 4.01
C SER A 26 0.18 -11.07 4.47
N LYS A 27 0.85 -11.77 3.59
CA LYS A 27 1.35 -13.13 3.96
C LYS A 27 2.07 -13.07 5.32
N GLY A 28 3.00 -12.16 5.51
CA GLY A 28 3.68 -12.11 6.84
C GLY A 28 5.14 -11.72 6.68
N THR A 29 5.58 -11.35 5.51
CA THR A 29 7.02 -10.99 5.38
C THR A 29 7.26 -10.13 4.13
N CYS A 30 8.25 -9.28 4.19
CA CYS A 30 8.61 -8.43 3.00
C CYS A 30 9.04 -9.38 1.88
N GLN A 31 8.74 -9.06 0.65
CA GLN A 31 9.15 -9.98 -0.45
C GLN A 31 10.63 -9.77 -0.79
N SER A 32 11.20 -8.67 -0.38
CA SER A 32 12.63 -8.41 -0.69
C SER A 32 13.47 -8.44 0.60
N CYS A 33 12.82 -8.44 1.74
CA CYS A 33 13.59 -8.47 3.02
C CYS A 33 13.12 -9.62 3.91
N GLY A 34 11.92 -10.11 3.70
CA GLY A 34 11.43 -11.22 4.56
C GLY A 34 11.60 -10.79 6.03
N VAL A 35 10.85 -9.81 6.44
CA VAL A 35 10.97 -9.30 7.84
C VAL A 35 9.82 -9.79 8.73
N THR A 36 8.58 -9.65 8.31
CA THR A 36 7.46 -10.10 9.17
C THR A 36 6.15 -9.53 8.61
N GLY A 37 5.05 -9.78 9.29
CA GLY A 37 3.73 -9.26 8.81
C GLY A 37 3.43 -7.90 9.42
N PRO A 38 3.39 -7.83 10.72
CA PRO A 38 3.10 -6.57 11.42
C PRO A 38 3.99 -5.44 10.90
N ASN A 39 3.38 -4.34 10.57
CA ASN A 39 4.15 -3.17 10.06
C ASN A 39 4.61 -3.42 8.61
N LEU A 40 3.91 -4.23 7.87
CA LEU A 40 4.35 -4.46 6.45
C LEU A 40 3.77 -3.33 5.59
N TRP A 41 4.21 -3.23 4.38
CA TRP A 41 3.70 -2.15 3.47
C TRP A 41 3.91 -2.57 2.02
N ALA A 42 2.90 -3.13 1.40
CA ALA A 42 3.05 -3.58 0.00
C ALA A 42 2.62 -2.47 -0.97
N CYS A 43 3.30 -2.37 -2.08
CA CYS A 43 2.93 -1.34 -3.08
C CYS A 43 1.49 -1.58 -3.53
N LEU A 44 0.80 -0.55 -3.95
CA LEU A 44 -0.60 -0.73 -4.38
C LEU A 44 -0.85 -0.02 -5.71
N GLN A 45 0.06 -0.10 -6.64
CA GLN A 45 -0.17 0.57 -7.95
C GLN A 45 -0.86 -0.40 -8.91
N VAL A 46 -1.68 0.12 -9.77
CA VAL A 46 -2.42 -0.74 -10.75
C VAL A 46 -1.52 -1.86 -11.30
N ALA A 47 -0.22 -1.74 -11.20
CA ALA A 47 0.65 -2.82 -11.75
C ALA A 47 1.95 -2.96 -10.95
N CYS A 48 1.87 -3.08 -9.66
CA CYS A 48 3.12 -3.24 -8.85
C CYS A 48 2.87 -4.21 -7.69
N PRO A 49 2.94 -5.49 -7.96
CA PRO A 49 2.73 -6.53 -6.92
C PRO A 49 4.01 -6.85 -6.16
N TYR A 50 4.15 -6.33 -4.97
CA TYR A 50 5.37 -6.60 -4.15
C TYR A 50 5.09 -6.14 -2.72
N VAL A 51 5.42 -6.96 -1.74
CA VAL A 51 5.17 -6.55 -0.33
C VAL A 51 6.46 -6.08 0.32
N GLY A 52 6.61 -4.79 0.46
CA GLY A 52 7.86 -4.22 1.06
C GLY A 52 7.74 -4.15 2.59
N CYS A 53 8.72 -3.58 3.22
CA CYS A 53 8.72 -3.47 4.71
C CYS A 53 8.28 -2.10 5.15
N GLY A 54 8.13 -1.96 6.43
CA GLY A 54 7.82 -0.65 7.04
C GLY A 54 9.02 -0.36 7.92
N GLU A 55 9.26 0.85 8.30
CA GLU A 55 10.45 1.13 9.15
C GLU A 55 10.82 -0.13 9.92
N SER A 56 9.83 -0.85 10.35
CA SER A 56 10.06 -2.11 11.08
C SER A 56 11.39 -2.71 10.61
N PHE A 57 11.62 -2.68 9.32
CA PHE A 57 12.91 -3.22 8.78
C PHE A 57 13.67 -2.09 8.08
N ALA A 58 13.45 -1.97 6.80
CA ALA A 58 14.14 -0.89 6.02
C ALA A 58 13.07 0.00 5.38
N ASP A 59 11.84 -0.31 5.61
CA ASP A 59 10.74 0.51 5.05
C ASP A 59 10.88 0.62 3.53
N HIS A 60 10.82 -0.47 2.81
CA HIS A 60 10.94 -0.37 1.32
C HIS A 60 9.95 0.72 0.90
N SER A 61 8.95 0.93 1.71
CA SER A 61 7.93 1.97 1.40
C SER A 61 8.61 3.25 0.93
N THR A 62 9.76 3.56 1.44
CA THR A 62 10.45 4.81 1.03
C THR A 62 11.32 4.56 -0.19
N ILE A 63 12.35 3.78 -0.04
CA ILE A 63 13.24 3.54 -1.21
C ILE A 63 12.41 3.01 -2.37
N HIS A 64 11.41 2.24 -2.09
CA HIS A 64 10.55 1.69 -3.18
C HIS A 64 9.72 2.81 -3.80
N ALA A 65 9.19 3.70 -3.00
CA ALA A 65 8.40 4.83 -3.56
C ALA A 65 9.41 5.82 -4.12
N GLN A 66 10.61 5.70 -3.67
CA GLN A 66 11.71 6.59 -4.08
C GLN A 66 12.33 6.11 -5.40
N ALA A 67 12.41 4.83 -5.60
CA ALA A 67 13.04 4.29 -6.85
C ALA A 67 11.98 4.16 -7.93
N LYS A 68 10.84 3.62 -7.59
CA LYS A 68 9.76 3.43 -8.59
C LYS A 68 8.80 4.61 -8.55
N LYS A 69 9.09 5.56 -7.71
CA LYS A 69 8.21 6.77 -7.61
C LYS A 69 6.77 6.35 -7.27
N HIS A 70 6.57 5.15 -6.80
CA HIS A 70 5.19 4.73 -6.42
C HIS A 70 4.86 5.39 -5.07
N ASN A 71 3.85 6.22 -5.02
CA ASN A 71 3.54 6.91 -3.74
C ASN A 71 2.57 6.09 -2.90
N LEU A 72 1.57 5.52 -3.51
CA LEU A 72 0.57 4.75 -2.72
C LEU A 72 1.03 3.33 -2.40
N THR A 73 0.82 2.94 -1.17
CA THR A 73 1.17 1.57 -0.71
C THR A 73 0.19 1.24 0.41
N VAL A 74 -0.02 -0.02 0.74
CA VAL A 74 -1.01 -0.33 1.81
C VAL A 74 -0.35 -1.10 2.95
N ASN A 75 -0.66 -0.72 4.16
CA ASN A 75 -0.08 -1.40 5.35
C ASN A 75 -0.97 -2.58 5.75
N LEU A 76 -0.57 -3.77 5.42
CA LEU A 76 -1.39 -4.95 5.79
C LEU A 76 -1.34 -5.12 7.31
N THR A 77 -0.77 -4.16 7.98
CA THR A 77 -0.68 -4.23 9.46
C THR A 77 -1.92 -3.55 10.05
N THR A 78 -2.32 -2.45 9.45
CA THR A 78 -3.51 -1.71 9.96
C THR A 78 -4.59 -1.63 8.87
N PHE A 79 -4.25 -1.89 7.65
CA PHE A 79 -5.25 -1.82 6.54
C PHE A 79 -5.52 -0.37 6.14
N ARG A 80 -4.48 0.35 5.79
CA ARG A 80 -4.64 1.76 5.35
C ARG A 80 -3.63 2.00 4.23
N LEU A 81 -3.59 3.17 3.68
CA LEU A 81 -2.62 3.43 2.58
C LEU A 81 -1.62 4.49 3.00
N TRP A 82 -0.69 4.77 2.14
CA TRP A 82 0.35 5.79 2.44
C TRP A 82 0.85 6.34 1.11
N CYS A 83 0.54 7.58 0.83
CA CYS A 83 0.98 8.16 -0.46
C CYS A 83 2.29 8.91 -0.28
N TYR A 84 3.38 8.41 -0.78
CA TYR A 84 4.65 9.18 -0.64
C TYR A 84 4.51 10.42 -1.50
N ALA A 85 3.36 10.57 -2.12
CA ALA A 85 3.11 11.77 -2.96
C ALA A 85 2.29 12.74 -2.12
N CYS A 86 1.05 12.42 -1.87
CA CYS A 86 0.24 13.29 -0.99
C CYS A 86 0.92 13.23 0.37
N GLU A 87 1.83 12.30 0.49
CA GLU A 87 2.60 12.14 1.76
C GLU A 87 1.63 12.12 2.94
N LYS A 88 0.77 11.15 2.98
CA LYS A 88 -0.21 11.04 4.09
C LYS A 88 -0.76 9.61 4.13
N GLU A 89 -1.70 9.34 5.01
CA GLU A 89 -2.28 7.97 5.09
C GLU A 89 -3.73 8.03 4.59
N VAL A 90 -4.20 7.00 3.94
CA VAL A 90 -5.60 7.04 3.44
C VAL A 90 -6.19 5.62 3.40
N PHE A 91 -7.46 5.51 3.66
CA PHE A 91 -8.12 4.17 3.64
C PHE A 91 -8.92 4.03 2.36
N LEU A 92 -9.39 2.85 2.06
CA LEU A 92 -10.20 2.68 0.84
C LEU A 92 -11.25 3.80 0.83
N GLU A 93 -11.60 4.28 -0.30
CA GLU A 93 -12.60 5.38 -0.40
C GLU A 93 -13.84 5.05 0.46
N GLN A 94 -13.83 3.94 1.14
CA GLN A 94 -15.00 3.57 1.99
C GLN A 94 -16.25 3.36 1.14
N ARG A 95 -16.31 3.94 -0.02
CA ARG A 95 -17.51 3.75 -0.89
C ARG A 95 -17.90 2.27 -0.91
N LEU A 96 -16.91 1.41 -0.83
CA LEU A 96 -17.20 -0.05 -0.86
C LEU A 96 -17.19 -0.60 0.57
N ALA A 97 -17.46 -1.87 0.73
CA ALA A 97 -17.47 -2.47 2.08
C ALA A 97 -17.67 -3.98 1.98
N ALA A 98 -17.06 -4.73 2.85
CA ALA A 98 -17.22 -6.21 2.79
C ALA A 98 -16.92 -6.81 4.17
N PRO A 99 -17.77 -6.54 5.13
CA PRO A 99 -17.62 -7.05 6.52
C PRO A 99 -17.29 -8.55 6.55
ZN ZN B . -1.82 10.47 -3.57
ZN ZN C . 11.75 -4.77 2.25
ZN ZN D . 5.74 -0.10 -6.57
N MET A 1 -13.01 14.99 -9.29
CA MET A 1 -12.35 13.66 -9.40
C MET A 1 -12.28 13.01 -8.02
N GLY A 2 -12.83 11.83 -7.88
CA GLY A 2 -12.79 11.14 -6.55
C GLY A 2 -13.96 11.64 -5.69
N ASP A 3 -13.98 12.89 -5.37
CA ASP A 3 -15.09 13.43 -4.52
C ASP A 3 -15.18 12.62 -3.23
N SER A 4 -14.32 12.88 -2.29
CA SER A 4 -14.36 12.12 -1.01
C SER A 4 -13.26 12.65 -0.08
N ARG A 5 -13.02 11.96 1.01
CA ARG A 5 -11.96 12.41 1.97
C ARG A 5 -10.94 11.29 2.13
N ASP A 6 -11.38 10.13 2.53
CA ASP A 6 -10.43 8.99 2.71
C ASP A 6 -9.78 8.66 1.37
N LEU A 7 -10.47 8.92 0.29
CA LEU A 7 -9.89 8.62 -1.06
C LEU A 7 -8.70 9.55 -1.33
N CYS A 8 -7.82 9.17 -2.21
CA CYS A 8 -6.64 10.02 -2.55
C CYS A 8 -6.58 10.20 -4.06
N PRO A 9 -5.90 11.22 -4.53
CA PRO A 9 -5.77 11.52 -5.98
C PRO A 9 -5.20 10.33 -6.76
N HIS A 10 -4.05 9.87 -6.36
CA HIS A 10 -3.42 8.71 -7.06
C HIS A 10 -4.14 7.42 -6.67
N LEU A 11 -5.12 7.52 -5.82
CA LEU A 11 -5.87 6.32 -5.40
C LEU A 11 -6.78 5.86 -6.56
N ASP A 12 -7.13 6.75 -7.44
CA ASP A 12 -8.00 6.37 -8.59
C ASP A 12 -7.12 5.87 -9.73
N SER A 13 -5.86 6.25 -9.74
CA SER A 13 -4.95 5.82 -10.84
C SER A 13 -4.39 4.42 -10.53
N ILE A 14 -4.34 4.05 -9.29
CA ILE A 14 -3.80 2.70 -8.94
C ILE A 14 -4.86 1.62 -9.17
N GLY A 15 -6.02 2.01 -9.63
CA GLY A 15 -7.10 1.00 -9.90
C GLY A 15 -7.30 0.08 -8.69
N GLU A 16 -7.54 -1.18 -8.93
CA GLU A 16 -7.75 -2.13 -7.80
C GLU A 16 -7.07 -3.45 -8.12
N VAL A 17 -5.88 -3.67 -7.61
CA VAL A 17 -5.18 -4.95 -7.88
C VAL A 17 -5.98 -6.10 -7.28
N THR A 18 -5.43 -7.29 -7.26
CA THR A 18 -6.18 -8.44 -6.68
C THR A 18 -6.29 -8.24 -5.17
N LYS A 19 -7.47 -8.38 -4.64
CA LYS A 19 -7.63 -8.24 -3.16
C LYS A 19 -6.70 -9.24 -2.51
N GLU A 20 -6.90 -10.50 -2.79
CA GLU A 20 -6.01 -11.55 -2.23
C GLU A 20 -4.58 -11.04 -2.29
N ASP A 21 -4.23 -10.36 -3.34
CA ASP A 21 -2.85 -9.82 -3.43
C ASP A 21 -2.54 -9.10 -2.13
N LEU A 22 -3.49 -8.34 -1.65
CA LEU A 22 -3.29 -7.62 -0.37
C LEU A 22 -3.30 -8.64 0.76
N LEU A 23 -3.87 -9.78 0.51
CA LEU A 23 -3.93 -10.84 1.53
C LEU A 23 -2.59 -11.59 1.56
N LEU A 24 -2.12 -12.10 0.44
CA LEU A 24 -0.80 -12.78 0.48
C LEU A 24 0.23 -11.74 0.88
N LYS A 25 0.15 -10.55 0.36
CA LYS A 25 1.13 -9.51 0.76
C LYS A 25 1.18 -9.51 2.29
N SER A 26 0.04 -9.60 2.91
CA SER A 26 -0.04 -9.66 4.39
C SER A 26 0.51 -11.01 4.85
N LYS A 27 1.13 -11.75 3.97
CA LYS A 27 1.64 -13.10 4.34
C LYS A 27 2.42 -13.03 5.65
N GLY A 28 3.36 -12.12 5.79
CA GLY A 28 4.10 -12.04 7.08
C GLY A 28 5.55 -11.67 6.85
N THR A 29 5.92 -11.30 5.66
CA THR A 29 7.35 -10.93 5.45
C THR A 29 7.52 -10.07 4.18
N CYS A 30 8.52 -9.21 4.17
CA CYS A 30 8.79 -8.37 2.97
C CYS A 30 9.24 -9.29 1.84
N GLN A 31 8.81 -9.07 0.64
CA GLN A 31 9.23 -9.99 -0.46
C GLN A 31 10.67 -9.68 -0.89
N SER A 32 11.21 -8.58 -0.46
CA SER A 32 12.61 -8.23 -0.85
C SER A 32 13.51 -8.27 0.40
N CYS A 33 12.93 -8.29 1.57
CA CYS A 33 13.75 -8.33 2.81
C CYS A 33 13.31 -9.50 3.68
N GLY A 34 12.09 -9.95 3.54
CA GLY A 34 11.62 -11.09 4.40
C GLY A 34 11.90 -10.73 5.85
N VAL A 35 11.21 -9.76 6.36
CA VAL A 35 11.45 -9.31 7.77
C VAL A 35 10.30 -9.73 8.71
N THR A 36 9.06 -9.61 8.30
CA THR A 36 7.94 -10.01 9.21
C THR A 36 6.63 -9.45 8.69
N GLY A 37 5.56 -9.66 9.41
CA GLY A 37 4.23 -9.16 8.98
C GLY A 37 3.94 -7.79 9.60
N PRO A 38 3.78 -7.74 10.89
CA PRO A 38 3.50 -6.47 11.58
C PRO A 38 4.39 -5.33 11.08
N ASN A 39 3.79 -4.25 10.72
CA ASN A 39 4.55 -3.08 10.22
C ASN A 39 5.00 -3.33 8.77
N LEU A 40 4.32 -4.16 8.05
CA LEU A 40 4.73 -4.39 6.63
C LEU A 40 4.15 -3.26 5.77
N TRP A 41 4.48 -3.23 4.51
CA TRP A 41 3.94 -2.16 3.63
C TRP A 41 4.09 -2.58 2.17
N ALA A 42 3.06 -3.16 1.60
CA ALA A 42 3.14 -3.61 0.20
C ALA A 42 2.65 -2.52 -0.76
N CYS A 43 3.27 -2.41 -1.89
CA CYS A 43 2.86 -1.41 -2.90
C CYS A 43 1.43 -1.70 -3.34
N LEU A 44 0.69 -0.70 -3.75
CA LEU A 44 -0.72 -0.95 -4.17
C LEU A 44 -1.01 -0.25 -5.50
N GLN A 45 -0.09 -0.28 -6.44
CA GLN A 45 -0.38 0.39 -7.75
C GLN A 45 -1.10 -0.60 -8.67
N VAL A 46 -1.96 -0.10 -9.50
CA VAL A 46 -2.73 -0.97 -10.45
C VAL A 46 -1.84 -2.09 -11.01
N ALA A 47 -0.55 -1.95 -10.99
CA ALA A 47 0.31 -3.03 -11.57
C ALA A 47 1.63 -3.16 -10.80
N CYS A 48 1.58 -3.33 -9.50
CA CYS A 48 2.85 -3.49 -8.74
C CYS A 48 2.64 -4.46 -7.58
N PRO A 49 2.70 -5.74 -7.84
CA PRO A 49 2.52 -6.78 -6.80
C PRO A 49 3.83 -7.09 -6.07
N TYR A 50 4.01 -6.56 -4.90
CA TYR A 50 5.25 -6.82 -4.13
C TYR A 50 5.04 -6.32 -2.69
N VAL A 51 5.38 -7.10 -1.70
CA VAL A 51 5.17 -6.64 -0.30
C VAL A 51 6.49 -6.15 0.30
N GLY A 52 6.65 -4.86 0.38
CA GLY A 52 7.91 -4.29 0.93
C GLY A 52 7.83 -4.22 2.46
N CYS A 53 8.82 -3.63 3.08
CA CYS A 53 8.83 -3.53 4.57
C CYS A 53 8.36 -2.16 5.00
N GLY A 54 8.21 -2.03 6.27
CA GLY A 54 7.87 -0.74 6.89
C GLY A 54 9.09 -0.42 7.75
N GLU A 55 9.30 0.79 8.14
CA GLU A 55 10.52 1.10 8.96
C GLU A 55 10.96 -0.15 9.71
N SER A 56 10.01 -0.93 10.16
CA SER A 56 10.34 -2.19 10.87
C SER A 56 11.69 -2.70 10.35
N PHE A 57 11.87 -2.66 9.06
CA PHE A 57 13.18 -3.11 8.48
C PHE A 57 13.86 -1.93 7.80
N ALA A 58 13.63 -1.78 6.53
CA ALA A 58 14.25 -0.66 5.77
C ALA A 58 13.13 0.18 5.15
N ASP A 59 11.91 -0.19 5.43
CA ASP A 59 10.75 0.56 4.87
C ASP A 59 10.87 0.68 3.35
N HIS A 60 10.83 -0.43 2.64
CA HIS A 60 10.90 -0.33 1.16
C HIS A 60 9.90 0.74 0.74
N SER A 61 8.91 0.94 1.57
CA SER A 61 7.88 1.97 1.28
C SER A 61 8.54 3.26 0.77
N THR A 62 9.70 3.58 1.24
CA THR A 62 10.37 4.82 0.79
C THR A 62 11.21 4.56 -0.45
N ILE A 63 12.25 3.78 -0.33
CA ILE A 63 13.10 3.54 -1.53
C ILE A 63 12.24 2.97 -2.65
N HIS A 64 11.24 2.22 -2.31
CA HIS A 64 10.35 1.64 -3.36
C HIS A 64 9.50 2.75 -3.98
N ALA A 65 8.99 3.65 -3.18
CA ALA A 65 8.18 4.77 -3.75
C ALA A 65 9.16 5.76 -4.36
N GLN A 66 10.37 5.65 -3.93
CA GLN A 66 11.46 6.54 -4.40
C GLN A 66 12.04 6.02 -5.71
N ALA A 67 12.11 4.73 -5.88
CA ALA A 67 12.70 4.16 -7.13
C ALA A 67 11.62 3.99 -8.18
N LYS A 68 10.50 3.48 -7.79
CA LYS A 68 9.39 3.26 -8.78
C LYS A 68 8.44 4.46 -8.74
N LYS A 69 8.77 5.44 -7.95
CA LYS A 69 7.90 6.65 -7.85
C LYS A 69 6.47 6.23 -7.47
N HIS A 70 6.28 5.04 -6.98
CA HIS A 70 4.91 4.62 -6.56
C HIS A 70 4.60 5.33 -5.24
N ASN A 71 3.52 6.06 -5.18
CA ASN A 71 3.21 6.83 -3.94
C ASN A 71 2.32 6.01 -3.00
N LEU A 72 1.30 5.39 -3.52
CA LEU A 72 0.37 4.63 -2.63
C LEU A 72 0.86 3.22 -2.33
N THR A 73 0.72 2.84 -1.09
CA THR A 73 1.09 1.47 -0.63
C THR A 73 0.17 1.14 0.55
N VAL A 74 0.01 -0.10 0.91
CA VAL A 74 -0.92 -0.41 2.04
C VAL A 74 -0.19 -1.16 3.16
N ASN A 75 -0.36 -0.69 4.37
CA ASN A 75 0.28 -1.33 5.53
C ASN A 75 -0.58 -2.51 6.00
N LEU A 76 -0.21 -3.70 5.65
CA LEU A 76 -1.00 -4.88 6.06
C LEU A 76 -0.90 -5.06 7.58
N THR A 77 -0.39 -4.05 8.24
CA THR A 77 -0.27 -4.11 9.72
C THR A 77 -1.50 -3.46 10.34
N THR A 78 -1.96 -2.38 9.74
CA THR A 78 -3.15 -1.67 10.29
C THR A 78 -4.27 -1.64 9.25
N PHE A 79 -3.98 -1.92 8.01
CA PHE A 79 -5.04 -1.91 6.96
C PHE A 79 -5.35 -0.47 6.52
N ARG A 80 -4.35 0.26 6.12
CA ARG A 80 -4.56 1.66 5.64
C ARG A 80 -3.57 1.89 4.51
N LEU A 81 -3.57 3.04 3.92
CA LEU A 81 -2.63 3.29 2.80
C LEU A 81 -1.65 4.40 3.19
N TRP A 82 -0.70 4.63 2.33
CA TRP A 82 0.31 5.69 2.59
C TRP A 82 0.76 6.25 1.25
N CYS A 83 0.40 7.47 0.97
CA CYS A 83 0.79 8.06 -0.34
C CYS A 83 2.08 8.84 -0.20
N TYR A 84 3.16 8.36 -0.75
CA TYR A 84 4.41 9.14 -0.66
C TYR A 84 4.23 10.38 -1.53
N ALA A 85 3.05 10.52 -2.10
CA ALA A 85 2.75 11.71 -2.93
C ALA A 85 1.93 12.66 -2.06
N CYS A 86 0.70 12.32 -1.77
CA CYS A 86 -0.09 13.18 -0.88
C CYS A 86 0.64 13.14 0.46
N GLU A 87 1.59 12.24 0.55
CA GLU A 87 2.41 12.09 1.77
C GLU A 87 1.50 12.06 3.00
N LYS A 88 0.65 11.07 3.08
CA LYS A 88 -0.28 10.96 4.23
C LYS A 88 -0.82 9.53 4.30
N GLU A 89 -1.80 9.29 5.12
CA GLU A 89 -2.37 7.91 5.24
C GLU A 89 -3.83 7.93 4.78
N VAL A 90 -4.29 6.88 4.15
CA VAL A 90 -5.71 6.87 3.69
C VAL A 90 -6.26 5.44 3.67
N PHE A 91 -7.51 5.28 3.95
CA PHE A 91 -8.14 3.92 3.94
C PHE A 91 -8.96 3.77 2.67
N LEU A 92 -9.39 2.58 2.38
CA LEU A 92 -10.22 2.41 1.17
C LEU A 92 -11.32 3.46 1.22
N GLU A 93 -11.73 3.94 0.08
CA GLU A 93 -12.79 4.98 0.04
C GLU A 93 -13.99 4.57 0.90
N GLN A 94 -13.92 3.44 1.56
CA GLN A 94 -15.05 3.00 2.43
C GLN A 94 -16.30 2.74 1.58
N ARG A 95 -16.37 3.32 0.40
CA ARG A 95 -17.57 3.10 -0.45
C ARG A 95 -17.90 1.60 -0.48
N LEU A 96 -16.89 0.78 -0.39
CA LEU A 96 -17.11 -0.69 -0.41
C LEU A 96 -17.08 -1.23 1.03
N ALA A 97 -17.29 -2.51 1.20
CA ALA A 97 -17.28 -3.09 2.56
C ALA A 97 -16.79 -4.54 2.49
N ALA A 98 -16.04 -4.87 1.49
CA ALA A 98 -15.53 -6.26 1.35
C ALA A 98 -16.66 -7.26 1.64
N PRO A 99 -17.61 -7.34 0.75
CA PRO A 99 -18.78 -8.25 0.90
C PRO A 99 -18.35 -9.68 1.28
ZN ZN B . -2.15 10.27 -3.40
ZN ZN C . 11.85 -4.69 2.07
ZN ZN D . 5.39 -0.28 -6.54
N MET A 1 -8.27 13.95 -7.80
CA MET A 1 -8.97 14.35 -6.55
C MET A 1 -10.12 13.38 -6.28
N GLY A 2 -10.89 13.08 -7.29
CA GLY A 2 -12.04 12.15 -7.10
C GLY A 2 -13.17 12.87 -6.35
N ASP A 3 -13.55 12.35 -5.22
CA ASP A 3 -14.65 13.01 -4.45
C ASP A 3 -14.76 12.34 -3.07
N SER A 4 -13.98 12.77 -2.13
CA SER A 4 -14.05 12.16 -0.76
C SER A 4 -12.84 12.62 0.06
N ARG A 5 -12.78 12.25 1.30
CA ARG A 5 -11.63 12.66 2.18
C ARG A 5 -10.71 11.45 2.37
N ASP A 6 -11.27 10.28 2.44
CA ASP A 6 -10.42 9.07 2.64
C ASP A 6 -9.81 8.66 1.30
N LEU A 7 -10.47 8.96 0.22
CA LEU A 7 -9.94 8.59 -1.12
C LEU A 7 -8.76 9.51 -1.49
N CYS A 8 -7.90 9.08 -2.37
CA CYS A 8 -6.72 9.91 -2.75
C CYS A 8 -6.70 10.07 -4.29
N PRO A 9 -6.04 11.08 -4.78
CA PRO A 9 -5.93 11.36 -6.24
C PRO A 9 -5.35 10.17 -7.01
N HIS A 10 -4.19 9.73 -6.62
CA HIS A 10 -3.53 8.59 -7.32
C HIS A 10 -4.26 7.29 -6.95
N LEU A 11 -5.29 7.40 -6.16
CA LEU A 11 -6.05 6.18 -5.76
C LEU A 11 -6.76 5.61 -6.99
N ASP A 12 -7.29 6.45 -7.82
CA ASP A 12 -8.01 5.96 -9.04
C ASP A 12 -6.98 5.50 -10.10
N SER A 13 -5.76 5.96 -10.00
CA SER A 13 -4.74 5.56 -11.01
C SER A 13 -4.20 4.17 -10.67
N ILE A 14 -4.32 3.74 -9.44
CA ILE A 14 -3.78 2.40 -9.06
C ILE A 14 -4.87 1.34 -9.27
N GLY A 15 -6.09 1.75 -9.49
CA GLY A 15 -7.17 0.75 -9.69
C GLY A 15 -7.17 -0.25 -8.53
N GLU A 16 -8.03 -1.24 -8.57
CA GLU A 16 -8.07 -2.25 -7.46
C GLU A 16 -7.36 -3.53 -7.91
N VAL A 17 -6.23 -3.82 -7.32
CA VAL A 17 -5.50 -5.06 -7.70
C VAL A 17 -6.23 -6.26 -7.11
N THR A 18 -5.65 -7.43 -7.16
CA THR A 18 -6.34 -8.63 -6.59
C THR A 18 -6.46 -8.44 -5.08
N LYS A 19 -7.63 -8.66 -4.55
CA LYS A 19 -7.81 -8.52 -3.07
C LYS A 19 -6.81 -9.47 -2.42
N GLU A 20 -6.90 -10.73 -2.75
CA GLU A 20 -5.94 -11.71 -2.20
C GLU A 20 -4.55 -11.09 -2.28
N ASP A 21 -4.28 -10.34 -3.31
CA ASP A 21 -2.95 -9.70 -3.41
C ASP A 21 -2.66 -8.99 -2.09
N LEU A 22 -3.65 -8.36 -1.53
CA LEU A 22 -3.47 -7.66 -0.23
C LEU A 22 -3.39 -8.71 0.86
N LEU A 23 -3.93 -9.86 0.60
CA LEU A 23 -3.90 -10.96 1.59
C LEU A 23 -2.53 -11.62 1.57
N LEU A 24 -2.07 -12.07 0.44
CA LEU A 24 -0.70 -12.68 0.42
C LEU A 24 0.28 -11.60 0.85
N LYS A 25 0.14 -10.40 0.34
CA LYS A 25 1.08 -9.33 0.77
C LYS A 25 1.14 -9.36 2.29
N SER A 26 0.00 -9.49 2.92
CA SER A 26 -0.06 -9.57 4.40
C SER A 26 0.54 -10.92 4.84
N LYS A 27 1.17 -11.63 3.94
CA LYS A 27 1.72 -12.97 4.29
C LYS A 27 2.49 -12.89 5.61
N GLY A 28 3.39 -11.95 5.79
CA GLY A 28 4.11 -11.88 7.08
C GLY A 28 5.56 -11.49 6.87
N THR A 29 5.96 -11.13 5.68
CA THR A 29 7.38 -10.76 5.50
C THR A 29 7.57 -9.92 4.22
N CYS A 30 8.54 -9.04 4.24
CA CYS A 30 8.84 -8.21 3.04
C CYS A 30 9.31 -9.15 1.93
N GLN A 31 8.83 -9.00 0.73
CA GLN A 31 9.28 -9.93 -0.35
C GLN A 31 10.68 -9.52 -0.81
N SER A 32 11.17 -8.42 -0.32
CA SER A 32 12.52 -7.95 -0.72
C SER A 32 13.47 -8.01 0.48
N CYS A 33 12.92 -8.05 1.68
CA CYS A 33 13.78 -8.10 2.90
C CYS A 33 13.37 -9.27 3.79
N GLY A 34 12.16 -9.77 3.65
CA GLY A 34 11.75 -10.90 4.52
C GLY A 34 11.96 -10.49 5.98
N VAL A 35 11.21 -9.52 6.43
CA VAL A 35 11.39 -9.01 7.83
C VAL A 35 10.27 -9.50 8.75
N THR A 36 9.03 -9.38 8.37
CA THR A 36 7.93 -9.83 9.27
C THR A 36 6.60 -9.26 8.76
N GLY A 37 5.53 -9.50 9.47
CA GLY A 37 4.19 -8.99 9.03
C GLY A 37 3.91 -7.62 9.64
N PRO A 38 3.75 -7.57 10.94
CA PRO A 38 3.46 -6.31 11.63
C PRO A 38 4.31 -5.15 11.10
N ASN A 39 3.68 -4.05 10.83
CA ASN A 39 4.39 -2.85 10.31
C ASN A 39 4.90 -3.12 8.89
N LEU A 40 4.19 -3.91 8.12
CA LEU A 40 4.65 -4.17 6.73
C LEU A 40 4.08 -3.06 5.84
N TRP A 41 4.42 -3.07 4.58
CA TRP A 41 3.90 -2.03 3.65
C TRP A 41 4.08 -2.51 2.22
N ALA A 42 3.06 -3.09 1.64
CA ALA A 42 3.17 -3.60 0.26
C ALA A 42 2.69 -2.55 -0.74
N CYS A 43 3.34 -2.46 -1.86
CA CYS A 43 2.94 -1.47 -2.90
C CYS A 43 1.52 -1.78 -3.35
N LEU A 44 0.79 -0.79 -3.79
CA LEU A 44 -0.61 -1.03 -4.23
C LEU A 44 -0.91 -0.36 -5.57
N GLN A 45 -0.01 -0.43 -6.53
CA GLN A 45 -0.30 0.22 -7.84
C GLN A 45 -0.98 -0.79 -8.77
N VAL A 46 -1.86 -0.31 -9.60
CA VAL A 46 -2.59 -1.20 -10.56
C VAL A 46 -1.68 -2.29 -11.13
N ALA A 47 -0.38 -2.12 -11.09
CA ALA A 47 0.50 -3.17 -11.68
C ALA A 47 1.81 -3.30 -10.89
N CYS A 48 1.75 -3.44 -9.60
CA CYS A 48 3.01 -3.59 -8.81
C CYS A 48 2.78 -4.56 -7.65
N PRO A 49 2.85 -5.85 -7.92
CA PRO A 49 2.65 -6.89 -6.88
C PRO A 49 3.96 -7.22 -6.14
N TYR A 50 4.11 -6.68 -4.96
CA TYR A 50 5.34 -6.94 -4.16
C TYR A 50 5.13 -6.37 -2.76
N VAL A 51 5.45 -7.11 -1.73
CA VAL A 51 5.24 -6.58 -0.35
C VAL A 51 6.57 -6.08 0.24
N GLY A 52 6.70 -4.79 0.35
CA GLY A 52 7.96 -4.21 0.90
C GLY A 52 7.88 -4.13 2.43
N CYS A 53 8.85 -3.51 3.05
CA CYS A 53 8.84 -3.39 4.53
C CYS A 53 8.33 -2.04 4.94
N GLY A 54 8.15 -1.90 6.21
CA GLY A 54 7.74 -0.61 6.81
C GLY A 54 8.91 -0.26 7.71
N GLU A 55 9.07 0.97 8.10
CA GLU A 55 10.24 1.31 8.97
C GLU A 55 10.68 0.08 9.75
N SER A 56 9.73 -0.71 10.15
CA SER A 56 10.06 -1.97 10.88
C SER A 56 11.43 -2.46 10.43
N PHE A 57 11.69 -2.40 9.15
CA PHE A 57 13.01 -2.86 8.62
C PHE A 57 13.71 -1.69 7.93
N ALA A 58 13.49 -1.58 6.65
CA ALA A 58 14.13 -0.47 5.88
C ALA A 58 13.02 0.35 5.21
N ASP A 59 11.80 -0.05 5.43
CA ASP A 59 10.65 0.69 4.85
C ASP A 59 10.81 0.81 3.34
N HIS A 60 10.80 -0.30 2.62
CA HIS A 60 10.91 -0.19 1.14
C HIS A 60 9.90 0.85 0.70
N SER A 61 8.88 1.02 1.50
CA SER A 61 7.82 2.02 1.18
C SER A 61 8.45 3.33 0.71
N THR A 62 9.61 3.66 1.19
CA THR A 62 10.25 4.93 0.76
C THR A 62 11.11 4.71 -0.49
N ILE A 63 12.16 3.94 -0.37
CA ILE A 63 13.03 3.72 -1.54
C ILE A 63 12.20 3.14 -2.68
N HIS A 64 11.22 2.35 -2.35
CA HIS A 64 10.36 1.74 -3.40
C HIS A 64 9.47 2.83 -4.02
N ALA A 65 8.93 3.70 -3.22
CA ALA A 65 8.09 4.80 -3.78
C ALA A 65 9.03 5.82 -4.38
N GLN A 66 10.24 5.75 -3.94
CA GLN A 66 11.32 6.67 -4.41
C GLN A 66 11.92 6.18 -5.73
N ALA A 67 12.02 4.89 -5.89
CA ALA A 67 12.63 4.35 -7.13
C ALA A 67 11.56 4.15 -8.20
N LYS A 68 10.43 3.62 -7.83
CA LYS A 68 9.34 3.39 -8.81
C LYS A 68 8.35 4.54 -8.76
N LYS A 69 8.63 5.53 -7.96
CA LYS A 69 7.73 6.70 -7.85
C LYS A 69 6.31 6.24 -7.46
N HIS A 70 6.17 5.04 -6.98
CA HIS A 70 4.82 4.55 -6.56
C HIS A 70 4.49 5.22 -5.23
N ASN A 71 3.45 6.01 -5.16
CA ASN A 71 3.14 6.71 -3.89
C ASN A 71 2.20 5.90 -3.00
N LEU A 72 1.19 5.30 -3.58
CA LEU A 72 0.21 4.54 -2.75
C LEU A 72 0.72 3.13 -2.41
N THR A 73 0.58 2.78 -1.16
CA THR A 73 0.97 1.43 -0.68
C THR A 73 0.05 1.10 0.50
N VAL A 74 -0.09 -0.13 0.89
CA VAL A 74 -1.02 -0.44 2.02
C VAL A 74 -0.29 -1.15 3.16
N ASN A 75 -0.43 -0.63 4.35
CA ASN A 75 0.22 -1.26 5.53
C ASN A 75 -0.65 -2.42 6.00
N LEU A 76 -0.25 -3.62 5.69
CA LEU A 76 -1.06 -4.81 6.10
C LEU A 76 -0.97 -4.98 7.61
N THR A 77 -0.51 -3.96 8.29
CA THR A 77 -0.41 -4.02 9.77
C THR A 77 -1.65 -3.38 10.37
N THR A 78 -2.09 -2.31 9.77
CA THR A 78 -3.29 -1.59 10.29
C THR A 78 -4.41 -1.58 9.25
N PHE A 79 -4.10 -1.88 8.01
CA PHE A 79 -5.15 -1.89 6.95
C PHE A 79 -5.46 -0.46 6.49
N ARG A 80 -4.45 0.26 6.08
CA ARG A 80 -4.66 1.65 5.59
C ARG A 80 -3.67 1.87 4.45
N LEU A 81 -3.68 3.03 3.84
CA LEU A 81 -2.74 3.26 2.71
C LEU A 81 -1.75 4.38 3.07
N TRP A 82 -0.85 4.64 2.19
CA TRP A 82 0.17 5.70 2.43
C TRP A 82 0.61 6.24 1.07
N CYS A 83 0.26 7.44 0.76
CA CYS A 83 0.64 8.01 -0.56
C CYS A 83 1.93 8.79 -0.44
N TYR A 84 3.02 8.30 -0.97
CA TYR A 84 4.28 9.08 -0.89
C TYR A 84 4.10 10.30 -1.81
N ALA A 85 2.93 10.42 -2.38
CA ALA A 85 2.63 11.57 -3.26
C ALA A 85 1.81 12.55 -2.43
N CYS A 86 0.58 12.21 -2.12
CA CYS A 86 -0.21 13.10 -1.25
C CYS A 86 0.50 13.10 0.09
N GLU A 87 1.44 12.20 0.22
CA GLU A 87 2.24 12.09 1.47
C GLU A 87 1.30 12.09 2.68
N LYS A 88 0.47 11.09 2.78
CA LYS A 88 -0.48 10.99 3.91
C LYS A 88 -0.99 9.56 4.01
N GLU A 89 -1.89 9.30 4.93
CA GLU A 89 -2.44 7.92 5.07
C GLU A 89 -3.89 7.92 4.62
N VAL A 90 -4.34 6.87 3.97
CA VAL A 90 -5.76 6.85 3.50
C VAL A 90 -6.31 5.42 3.51
N PHE A 91 -7.56 5.28 3.79
CA PHE A 91 -8.18 3.92 3.82
C PHE A 91 -8.98 3.72 2.54
N LEU A 92 -9.41 2.51 2.29
CA LEU A 92 -10.23 2.28 1.09
C LEU A 92 -11.30 3.38 1.03
N GLU A 93 -11.65 3.80 -0.14
CA GLU A 93 -12.67 4.88 -0.30
C GLU A 93 -13.91 4.56 0.55
N GLN A 94 -13.91 3.49 1.29
CA GLN A 94 -15.09 3.14 2.14
C GLN A 94 -16.32 2.91 1.25
N ARG A 95 -16.30 3.38 0.03
CA ARG A 95 -17.46 3.18 -0.87
C ARG A 95 -17.89 1.71 -0.80
N LEU A 96 -16.95 0.83 -0.59
CA LEU A 96 -17.27 -0.62 -0.51
C LEU A 96 -17.33 -1.05 0.96
N ALA A 97 -17.64 -2.28 1.22
CA ALA A 97 -17.71 -2.76 2.62
C ALA A 97 -17.45 -4.27 2.67
N ALA A 98 -16.25 -4.68 2.38
CA ALA A 98 -15.92 -6.13 2.40
C ALA A 98 -17.02 -6.91 1.67
N PRO A 99 -17.02 -6.85 0.37
CA PRO A 99 -18.02 -7.56 -0.48
C PRO A 99 -18.18 -9.03 -0.08
ZN ZN B . -2.27 10.19 -3.68
ZN ZN C . 11.92 -4.51 2.12
ZN ZN D . 5.47 -0.36 -6.59
N MET A 1 -14.25 11.80 -10.29
CA MET A 1 -12.95 11.10 -10.33
C MET A 1 -12.51 10.74 -8.91
N GLY A 2 -13.00 11.45 -7.93
CA GLY A 2 -12.62 11.16 -6.52
C GLY A 2 -13.66 11.75 -5.58
N ASP A 3 -13.49 12.98 -5.19
CA ASP A 3 -14.48 13.62 -4.28
C ASP A 3 -14.61 12.80 -3.00
N SER A 4 -13.82 13.10 -2.00
CA SER A 4 -13.91 12.34 -0.72
C SER A 4 -12.71 12.71 0.16
N ARG A 5 -12.76 12.33 1.41
CA ARG A 5 -11.63 12.66 2.34
C ARG A 5 -10.74 11.42 2.51
N ASP A 6 -11.33 10.26 2.47
CA ASP A 6 -10.53 9.01 2.63
C ASP A 6 -9.86 8.66 1.30
N LEU A 7 -10.46 9.05 0.20
CA LEU A 7 -9.86 8.72 -1.12
C LEU A 7 -8.68 9.66 -1.40
N CYS A 8 -7.79 9.25 -2.27
CA CYS A 8 -6.60 10.09 -2.60
C CYS A 8 -6.53 10.27 -4.12
N PRO A 9 -5.85 11.29 -4.58
CA PRO A 9 -5.71 11.60 -6.04
C PRO A 9 -5.12 10.42 -6.82
N HIS A 10 -3.98 9.94 -6.40
CA HIS A 10 -3.33 8.80 -7.11
C HIS A 10 -4.10 7.51 -6.80
N LEU A 11 -5.15 7.63 -6.06
CA LEU A 11 -5.96 6.42 -5.72
C LEU A 11 -6.71 5.95 -6.97
N ASP A 12 -7.09 6.86 -7.82
CA ASP A 12 -7.82 6.46 -9.06
C ASP A 12 -6.82 5.98 -10.12
N SER A 13 -5.58 6.38 -10.01
CA SER A 13 -4.56 5.96 -11.01
C SER A 13 -4.01 4.58 -10.67
N ILE A 14 -4.18 4.13 -9.46
CA ILE A 14 -3.65 2.79 -9.07
C ILE A 14 -4.75 1.73 -9.24
N GLY A 15 -5.89 2.12 -9.75
CA GLY A 15 -7.00 1.13 -9.97
C GLY A 15 -7.11 0.16 -8.78
N GLU A 16 -7.39 -1.09 -9.04
CA GLU A 16 -7.50 -2.08 -7.93
C GLU A 16 -6.87 -3.40 -8.35
N VAL A 17 -5.81 -3.80 -7.69
CA VAL A 17 -5.16 -5.09 -8.05
C VAL A 17 -5.96 -6.23 -7.45
N THR A 18 -5.45 -7.44 -7.48
CA THR A 18 -6.21 -8.57 -6.90
C THR A 18 -6.35 -8.35 -5.39
N LYS A 19 -7.53 -8.49 -4.87
CA LYS A 19 -7.71 -8.29 -3.41
C LYS A 19 -6.78 -9.27 -2.71
N GLU A 20 -6.91 -10.53 -3.04
CA GLU A 20 -6.01 -11.55 -2.45
C GLU A 20 -4.59 -11.01 -2.55
N ASP A 21 -4.29 -10.27 -3.57
CA ASP A 21 -2.92 -9.70 -3.69
C ASP A 21 -2.61 -8.97 -2.38
N LEU A 22 -3.58 -8.28 -1.86
CA LEU A 22 -3.38 -7.56 -0.58
C LEU A 22 -3.35 -8.59 0.55
N LEU A 23 -3.92 -9.73 0.29
CA LEU A 23 -3.94 -10.81 1.31
C LEU A 23 -2.59 -11.51 1.31
N LEU A 24 -2.13 -12.02 0.19
CA LEU A 24 -0.79 -12.67 0.20
C LEU A 24 0.22 -11.61 0.63
N LYS A 25 0.12 -10.42 0.10
CA LYS A 25 1.08 -9.36 0.52
C LYS A 25 1.15 -9.39 2.05
N SER A 26 0.01 -9.53 2.68
CA SER A 26 -0.05 -9.61 4.16
C SER A 26 0.51 -10.96 4.60
N LYS A 27 1.12 -11.69 3.70
CA LYS A 27 1.65 -13.04 4.06
C LYS A 27 2.43 -13.00 5.38
N GLY A 28 3.36 -12.08 5.53
CA GLY A 28 4.10 -12.03 6.82
C GLY A 28 5.57 -11.69 6.59
N THR A 29 5.96 -11.36 5.40
CA THR A 29 7.40 -11.04 5.16
C THR A 29 7.57 -10.10 3.95
N CYS A 30 8.52 -9.19 4.05
CA CYS A 30 8.78 -8.28 2.89
C CYS A 30 9.28 -9.14 1.73
N GLN A 31 8.71 -9.01 0.58
CA GLN A 31 9.16 -9.85 -0.57
C GLN A 31 10.58 -9.46 -0.98
N SER A 32 11.09 -8.38 -0.44
CA SER A 32 12.48 -7.95 -0.79
C SER A 32 13.38 -8.08 0.44
N CYS A 33 12.81 -8.06 1.61
CA CYS A 33 13.62 -8.19 2.86
C CYS A 33 13.09 -9.36 3.69
N GLY A 34 11.89 -9.78 3.43
CA GLY A 34 11.30 -10.90 4.22
C GLY A 34 11.57 -10.64 5.70
N VAL A 35 11.10 -9.54 6.20
CA VAL A 35 11.36 -9.19 7.63
C VAL A 35 10.22 -9.65 8.54
N THR A 36 8.97 -9.53 8.15
CA THR A 36 7.87 -9.98 9.04
C THR A 36 6.54 -9.43 8.53
N GLY A 37 5.48 -9.69 9.25
CA GLY A 37 4.13 -9.20 8.82
C GLY A 37 3.81 -7.85 9.47
N PRO A 38 3.63 -7.83 10.75
CA PRO A 38 3.32 -6.58 11.47
C PRO A 38 4.19 -5.42 11.00
N ASN A 39 3.56 -4.34 10.66
CA ASN A 39 4.31 -3.15 10.18
C ASN A 39 4.79 -3.36 8.74
N LEU A 40 4.13 -4.20 7.99
CA LEU A 40 4.57 -4.40 6.57
C LEU A 40 3.99 -3.26 5.73
N TRP A 41 4.35 -3.21 4.48
CA TRP A 41 3.82 -2.13 3.60
C TRP A 41 4.01 -2.55 2.14
N ALA A 42 2.98 -3.08 1.53
CA ALA A 42 3.11 -3.54 0.12
C ALA A 42 2.64 -2.46 -0.85
N CYS A 43 3.30 -2.36 -1.96
CA CYS A 43 2.91 -1.34 -2.98
C CYS A 43 1.48 -1.63 -3.43
N LEU A 44 0.75 -0.63 -3.86
CA LEU A 44 -0.65 -0.86 -4.28
C LEU A 44 -0.93 -0.18 -5.62
N GLN A 45 -0.01 -0.22 -6.56
CA GLN A 45 -0.28 0.43 -7.87
C GLN A 45 -0.96 -0.58 -8.80
N VAL A 46 -1.87 -0.11 -9.61
CA VAL A 46 -2.60 -1.02 -10.54
C VAL A 46 -1.64 -2.03 -11.19
N ALA A 47 -0.36 -1.82 -11.11
CA ALA A 47 0.58 -2.79 -11.77
C ALA A 47 1.87 -2.95 -10.96
N CYS A 48 1.77 -3.19 -9.68
CA CYS A 48 3.02 -3.37 -8.86
C CYS A 48 2.74 -4.36 -7.72
N PRO A 49 2.80 -5.63 -8.00
CA PRO A 49 2.58 -6.68 -6.98
C PRO A 49 3.87 -7.06 -6.25
N TYR A 50 4.05 -6.55 -5.06
CA TYR A 50 5.27 -6.87 -4.26
C TYR A 50 5.07 -6.31 -2.85
N VAL A 51 5.38 -7.07 -1.83
CA VAL A 51 5.17 -6.56 -0.45
C VAL A 51 6.49 -6.11 0.15
N GLY A 52 6.67 -4.82 0.29
CA GLY A 52 7.93 -4.27 0.86
C GLY A 52 7.82 -4.20 2.39
N CYS A 53 8.79 -3.61 3.03
CA CYS A 53 8.76 -3.51 4.52
C CYS A 53 8.25 -2.16 4.95
N GLY A 54 8.06 -2.03 6.22
CA GLY A 54 7.68 -0.76 6.82
C GLY A 54 8.85 -0.42 7.73
N GLU A 55 9.03 0.79 8.13
CA GLU A 55 10.20 1.12 9.00
C GLU A 55 10.66 -0.13 9.75
N SER A 56 9.71 -0.92 10.16
CA SER A 56 10.06 -2.18 10.87
C SER A 56 11.43 -2.66 10.40
N PHE A 57 11.65 -2.60 9.11
CA PHE A 57 12.98 -3.01 8.57
C PHE A 57 13.66 -1.81 7.92
N ALA A 58 13.48 -1.66 6.65
CA ALA A 58 14.10 -0.52 5.92
C ALA A 58 12.98 0.30 5.27
N ASP A 59 11.76 -0.10 5.49
CA ASP A 59 10.60 0.62 4.92
C ASP A 59 10.76 0.75 3.40
N HIS A 60 10.78 -0.35 2.68
CA HIS A 60 10.90 -0.23 1.20
C HIS A 60 9.86 0.80 0.76
N SER A 61 8.85 0.96 1.55
CA SER A 61 7.78 1.96 1.23
C SER A 61 8.42 3.27 0.77
N THR A 62 9.57 3.60 1.27
CA THR A 62 10.21 4.88 0.87
C THR A 62 11.09 4.67 -0.35
N ILE A 63 12.14 3.91 -0.22
CA ILE A 63 13.04 3.71 -1.39
C ILE A 63 12.23 3.13 -2.55
N HIS A 64 11.25 2.35 -2.24
CA HIS A 64 10.40 1.75 -3.31
C HIS A 64 9.53 2.85 -3.94
N ALA A 65 8.98 3.71 -3.14
CA ALA A 65 8.15 4.81 -3.69
C ALA A 65 9.11 5.84 -4.28
N GLN A 66 10.32 5.76 -3.82
CA GLN A 66 11.39 6.70 -4.26
C GLN A 66 12.01 6.22 -5.57
N ALA A 67 12.13 4.93 -5.75
CA ALA A 67 12.75 4.39 -6.99
C ALA A 67 11.69 4.22 -8.08
N LYS A 68 10.56 3.68 -7.72
CA LYS A 68 9.49 3.46 -8.72
C LYS A 68 8.51 4.62 -8.68
N LYS A 69 8.80 5.61 -7.88
CA LYS A 69 7.91 6.79 -7.77
C LYS A 69 6.49 6.36 -7.43
N HIS A 70 6.31 5.14 -6.95
CA HIS A 70 4.94 4.70 -6.56
C HIS A 70 4.59 5.40 -5.24
N ASN A 71 3.50 6.11 -5.19
CA ASN A 71 3.16 6.85 -3.94
C ASN A 71 2.26 6.02 -3.02
N LEU A 72 1.23 5.43 -3.55
CA LEU A 72 0.29 4.66 -2.69
C LEU A 72 0.81 3.25 -2.37
N THR A 73 0.63 2.87 -1.13
CA THR A 73 1.03 1.51 -0.67
C THR A 73 0.08 1.16 0.47
N VAL A 74 -0.06 -0.10 0.83
CA VAL A 74 -1.02 -0.43 1.92
C VAL A 74 -0.32 -1.15 3.08
N ASN A 75 -0.56 -0.66 4.28
CA ASN A 75 0.05 -1.28 5.48
C ASN A 75 -0.79 -2.49 5.90
N LEU A 76 -0.40 -3.66 5.50
CA LEU A 76 -1.18 -4.87 5.86
C LEU A 76 -1.12 -5.08 7.37
N THR A 77 -0.57 -4.14 8.07
CA THR A 77 -0.48 -4.24 9.55
C THR A 77 -1.72 -3.62 10.15
N THR A 78 -2.16 -2.51 9.60
CA THR A 78 -3.38 -1.82 10.13
C THR A 78 -4.49 -1.80 9.08
N PHE A 79 -4.17 -2.06 7.84
CA PHE A 79 -5.22 -2.05 6.76
C PHE A 79 -5.53 -0.62 6.34
N ARG A 80 -4.53 0.13 5.95
CA ARG A 80 -4.74 1.52 5.48
C ARG A 80 -3.74 1.77 4.36
N LEU A 81 -3.74 2.95 3.78
CA LEU A 81 -2.80 3.23 2.68
C LEU A 81 -1.81 4.30 3.10
N TRP A 82 -0.89 4.62 2.23
CA TRP A 82 0.12 5.66 2.54
C TRP A 82 0.61 6.23 1.22
N CYS A 83 0.28 7.44 0.93
CA CYS A 83 0.71 8.06 -0.35
C CYS A 83 2.01 8.82 -0.18
N TYR A 84 3.08 8.35 -0.74
CA TYR A 84 4.35 9.12 -0.60
C TYR A 84 4.19 10.37 -1.45
N ALA A 85 3.04 10.53 -2.05
CA ALA A 85 2.76 11.74 -2.87
C ALA A 85 1.93 12.67 -2.01
N CYS A 86 0.70 12.33 -1.74
CA CYS A 86 -0.11 13.17 -0.84
C CYS A 86 0.57 13.11 0.51
N GLU A 87 1.50 12.20 0.62
CA GLU A 87 2.27 12.02 1.87
C GLU A 87 1.31 11.99 3.07
N LYS A 88 0.46 11.00 3.10
CA LYS A 88 -0.52 10.87 4.22
C LYS A 88 -1.03 9.44 4.27
N GLU A 89 -1.96 9.16 5.14
CA GLU A 89 -2.52 7.77 5.23
C GLU A 89 -3.97 7.78 4.75
N VAL A 90 -4.42 6.76 4.06
CA VAL A 90 -5.83 6.76 3.59
C VAL A 90 -6.39 5.34 3.56
N PHE A 91 -7.65 5.20 3.84
CA PHE A 91 -8.29 3.85 3.83
C PHE A 91 -9.13 3.72 2.57
N LEU A 92 -9.59 2.53 2.27
CA LEU A 92 -10.44 2.39 1.07
C LEU A 92 -11.47 3.51 1.08
N GLU A 93 -11.82 4.01 -0.06
CA GLU A 93 -12.80 5.12 -0.14
C GLU A 93 -14.05 4.82 0.71
N GLN A 94 -14.06 3.71 1.40
CA GLN A 94 -15.24 3.37 2.25
C GLN A 94 -16.49 3.22 1.39
N ARG A 95 -16.51 3.81 0.23
CA ARG A 95 -17.72 3.70 -0.64
C ARG A 95 -18.17 2.24 -0.69
N LEU A 96 -17.25 1.33 -0.60
CA LEU A 96 -17.61 -0.11 -0.63
C LEU A 96 -17.68 -0.66 0.78
N ALA A 97 -18.05 -1.90 0.94
CA ALA A 97 -18.14 -2.48 2.30
C ALA A 97 -18.11 -4.01 2.21
N ALA A 98 -18.38 -4.69 3.29
CA ALA A 98 -18.35 -6.18 3.26
C ALA A 98 -17.03 -6.65 2.64
N PRO A 99 -15.95 -6.45 3.32
CA PRO A 99 -14.59 -6.86 2.85
C PRO A 99 -14.58 -8.29 2.31
ZN ZN B . -2.13 10.33 -3.43
ZN ZN C . 11.88 -4.58 2.12
ZN ZN D . 5.53 -0.20 -6.59
N MET A 1 -10.98 11.60 -11.33
CA MET A 1 -12.09 12.04 -10.43
C MET A 1 -11.87 11.46 -9.03
N GLY A 2 -12.79 11.68 -8.14
CA GLY A 2 -12.63 11.14 -6.76
C GLY A 2 -13.72 11.72 -5.85
N ASP A 3 -13.60 12.97 -5.49
CA ASP A 3 -14.62 13.59 -4.61
C ASP A 3 -14.74 12.78 -3.31
N SER A 4 -13.89 13.04 -2.35
CA SER A 4 -13.95 12.29 -1.07
C SER A 4 -12.77 12.69 -0.18
N ARG A 5 -12.80 12.29 1.06
CA ARG A 5 -11.68 12.65 1.99
C ARG A 5 -10.78 11.42 2.18
N ASP A 6 -11.38 10.26 2.27
CA ASP A 6 -10.57 9.02 2.45
C ASP A 6 -9.88 8.66 1.14
N LEU A 7 -10.48 9.01 0.03
CA LEU A 7 -9.87 8.67 -1.29
C LEU A 7 -8.68 9.62 -1.55
N CYS A 8 -7.75 9.20 -2.37
CA CYS A 8 -6.56 10.06 -2.68
C CYS A 8 -6.49 10.30 -4.19
N PRO A 9 -5.80 11.33 -4.61
CA PRO A 9 -5.65 11.67 -6.06
C PRO A 9 -5.07 10.51 -6.87
N HIS A 10 -3.93 10.04 -6.47
CA HIS A 10 -3.28 8.90 -7.17
C HIS A 10 -4.01 7.61 -6.82
N LEU A 11 -5.03 7.71 -6.02
CA LEU A 11 -5.80 6.50 -5.62
C LEU A 11 -6.63 6.01 -6.82
N ASP A 12 -6.94 6.89 -7.73
CA ASP A 12 -7.74 6.48 -8.91
C ASP A 12 -6.79 5.99 -10.01
N SER A 13 -5.55 6.38 -9.96
CA SER A 13 -4.57 5.96 -10.99
C SER A 13 -4.05 4.55 -10.70
N ILE A 14 -4.15 4.11 -9.48
CA ILE A 14 -3.64 2.75 -9.12
C ILE A 14 -4.73 1.70 -9.37
N GLY A 15 -5.95 2.11 -9.55
CA GLY A 15 -7.04 1.12 -9.79
C GLY A 15 -6.99 0.03 -8.71
N GLU A 16 -7.86 -0.94 -8.78
CA GLU A 16 -7.86 -2.03 -7.76
C GLU A 16 -7.09 -3.25 -8.29
N VAL A 17 -6.24 -3.82 -7.49
CA VAL A 17 -5.46 -5.01 -7.92
C VAL A 17 -6.16 -6.26 -7.39
N THR A 18 -5.55 -7.40 -7.50
CA THR A 18 -6.21 -8.63 -6.98
C THR A 18 -6.35 -8.49 -5.46
N LYS A 19 -7.52 -8.74 -4.95
CA LYS A 19 -7.71 -8.63 -3.48
C LYS A 19 -6.72 -9.59 -2.82
N GLU A 20 -6.80 -10.84 -3.19
CA GLU A 20 -5.85 -11.83 -2.66
C GLU A 20 -4.45 -11.21 -2.70
N ASP A 21 -4.18 -10.43 -3.71
CA ASP A 21 -2.84 -9.78 -3.79
C ASP A 21 -2.58 -9.08 -2.46
N LEU A 22 -3.59 -8.46 -1.91
CA LEU A 22 -3.42 -7.77 -0.60
C LEU A 22 -3.38 -8.84 0.49
N LEU A 23 -3.91 -9.99 0.19
CA LEU A 23 -3.91 -11.09 1.19
C LEU A 23 -2.53 -11.74 1.19
N LEU A 24 -2.04 -12.20 0.06
CA LEU A 24 -0.69 -12.80 0.07
C LEU A 24 0.29 -11.74 0.52
N LYS A 25 0.17 -10.52 0.03
CA LYS A 25 1.10 -9.45 0.49
C LYS A 25 1.12 -9.51 2.01
N SER A 26 -0.03 -9.65 2.62
CA SER A 26 -0.11 -9.76 4.09
C SER A 26 0.47 -11.11 4.53
N LYS A 27 1.12 -11.81 3.64
CA LYS A 27 1.66 -13.15 3.99
C LYS A 27 2.41 -13.10 5.33
N GLY A 28 3.30 -12.16 5.52
CA GLY A 28 3.99 -12.10 6.83
C GLY A 28 5.46 -11.71 6.66
N THR A 29 5.86 -11.32 5.48
CA THR A 29 7.29 -10.94 5.31
C THR A 29 7.49 -10.07 4.07
N CYS A 30 8.45 -9.19 4.10
CA CYS A 30 8.76 -8.32 2.92
C CYS A 30 9.25 -9.23 1.79
N GLN A 31 8.76 -9.05 0.59
CA GLN A 31 9.23 -9.94 -0.51
C GLN A 31 10.64 -9.53 -0.93
N SER A 32 11.13 -8.44 -0.41
CA SER A 32 12.50 -7.99 -0.78
C SER A 32 13.42 -8.09 0.45
N CYS A 33 12.84 -8.15 1.63
CA CYS A 33 13.68 -8.25 2.86
C CYS A 33 13.23 -9.45 3.70
N GLY A 34 12.02 -9.91 3.53
CA GLY A 34 11.55 -11.06 4.34
C GLY A 34 11.80 -10.73 5.81
N VAL A 35 11.10 -9.76 6.33
CA VAL A 35 11.31 -9.34 7.74
C VAL A 35 10.15 -9.77 8.65
N THR A 36 8.92 -9.65 8.22
CA THR A 36 7.79 -10.06 9.10
C THR A 36 6.47 -9.50 8.56
N GLY A 37 5.39 -9.74 9.26
CA GLY A 37 4.05 -9.24 8.80
C GLY A 37 3.73 -7.90 9.44
N PRO A 38 3.54 -7.87 10.73
CA PRO A 38 3.21 -6.62 11.44
C PRO A 38 4.08 -5.45 10.98
N ASN A 39 3.45 -4.37 10.63
CA ASN A 39 4.19 -3.17 10.17
C ASN A 39 4.70 -3.38 8.75
N LEU A 40 4.05 -4.21 7.97
CA LEU A 40 4.51 -4.42 6.57
C LEU A 40 3.96 -3.28 5.71
N TRP A 41 4.32 -3.24 4.46
CA TRP A 41 3.80 -2.17 3.57
C TRP A 41 3.99 -2.59 2.12
N ALA A 42 2.98 -3.15 1.52
CA ALA A 42 3.11 -3.61 0.11
C ALA A 42 2.65 -2.52 -0.86
N CYS A 43 3.31 -2.40 -1.97
CA CYS A 43 2.93 -1.38 -2.98
C CYS A 43 1.50 -1.64 -3.45
N LEU A 44 0.79 -0.63 -3.86
CA LEU A 44 -0.61 -0.83 -4.31
C LEU A 44 -0.87 -0.11 -5.64
N GLN A 45 0.04 -0.19 -6.57
CA GLN A 45 -0.20 0.50 -7.88
C GLN A 45 -0.88 -0.47 -8.86
N VAL A 46 -1.72 0.04 -9.70
CA VAL A 46 -2.44 -0.81 -10.69
C VAL A 46 -1.53 -1.91 -11.26
N ALA A 47 -0.23 -1.77 -11.18
CA ALA A 47 0.66 -2.82 -11.77
C ALA A 47 1.94 -2.98 -10.96
N CYS A 48 1.85 -3.16 -9.67
CA CYS A 48 3.10 -3.34 -8.86
C CYS A 48 2.84 -4.33 -7.74
N PRO A 49 2.90 -5.61 -8.03
CA PRO A 49 2.69 -6.67 -7.02
C PRO A 49 3.98 -7.03 -6.27
N TYR A 50 4.13 -6.52 -5.08
CA TYR A 50 5.35 -6.81 -4.27
C TYR A 50 5.11 -6.30 -2.85
N VAL A 51 5.42 -7.07 -1.85
CA VAL A 51 5.19 -6.60 -0.46
C VAL A 51 6.51 -6.13 0.17
N GLY A 52 6.67 -4.83 0.29
CA GLY A 52 7.91 -4.28 0.88
C GLY A 52 7.80 -4.22 2.41
N CYS A 53 8.77 -3.64 3.05
CA CYS A 53 8.74 -3.56 4.55
C CYS A 53 8.25 -2.19 4.98
N GLY A 54 8.05 -2.08 6.25
CA GLY A 54 7.68 -0.80 6.87
C GLY A 54 8.85 -0.49 7.78
N GLU A 55 9.04 0.72 8.20
CA GLU A 55 10.21 1.02 9.08
C GLU A 55 10.62 -0.24 9.83
N SER A 56 9.67 -1.03 10.22
CA SER A 56 9.96 -2.31 10.92
C SER A 56 11.33 -2.80 10.45
N PHE A 57 11.59 -2.73 9.18
CA PHE A 57 12.91 -3.16 8.65
C PHE A 57 13.62 -1.96 8.03
N ALA A 58 13.46 -1.80 6.75
CA ALA A 58 14.10 -0.67 6.04
C ALA A 58 13.01 0.17 5.38
N ASP A 59 11.78 -0.21 5.58
CA ASP A 59 10.64 0.55 4.99
C ASP A 59 10.82 0.67 3.48
N HIS A 60 10.82 -0.41 2.75
CA HIS A 60 10.95 -0.28 1.27
C HIS A 60 9.95 0.78 0.84
N SER A 61 8.94 0.97 1.63
CA SER A 61 7.90 1.99 1.32
C SER A 61 8.56 3.29 0.85
N THR A 62 9.73 3.60 1.35
CA THR A 62 10.40 4.85 0.94
C THR A 62 11.25 4.63 -0.29
N ILE A 63 12.29 3.84 -0.17
CA ILE A 63 13.18 3.62 -1.34
C ILE A 63 12.35 3.06 -2.49
N HIS A 64 11.35 2.29 -2.18
CA HIS A 64 10.49 1.71 -3.25
C HIS A 64 9.63 2.81 -3.87
N ALA A 65 9.09 3.69 -3.07
CA ALA A 65 8.27 4.80 -3.64
C ALA A 65 9.25 5.81 -4.21
N GLN A 66 10.45 5.72 -3.76
CA GLN A 66 11.54 6.63 -4.19
C GLN A 66 12.15 6.14 -5.52
N ALA A 67 12.25 4.85 -5.68
CA ALA A 67 12.87 4.30 -6.93
C ALA A 67 11.81 4.14 -8.02
N LYS A 68 10.67 3.61 -7.65
CA LYS A 68 9.59 3.41 -8.66
C LYS A 68 8.62 4.59 -8.62
N LYS A 69 8.92 5.55 -7.80
CA LYS A 69 8.05 6.75 -7.70
C LYS A 69 6.61 6.33 -7.36
N HIS A 70 6.43 5.13 -6.89
CA HIS A 70 5.04 4.70 -6.50
C HIS A 70 4.70 5.39 -5.18
N ASN A 71 3.63 6.13 -5.13
CA ASN A 71 3.29 6.87 -3.89
C ASN A 71 2.37 6.05 -2.99
N LEU A 72 1.37 5.43 -3.54
CA LEU A 72 0.41 4.66 -2.71
C LEU A 72 0.90 3.25 -2.38
N THR A 73 0.71 2.86 -1.15
CA THR A 73 1.08 1.50 -0.68
C THR A 73 0.14 1.15 0.46
N VAL A 74 -0.03 -0.10 0.80
CA VAL A 74 -0.99 -0.44 1.90
C VAL A 74 -0.30 -1.21 3.02
N ASN A 75 -0.49 -0.77 4.24
CA ASN A 75 0.13 -1.45 5.40
C ASN A 75 -0.76 -2.62 5.81
N LEU A 76 -0.37 -3.81 5.48
CA LEU A 76 -1.19 -5.00 5.86
C LEU A 76 -1.14 -5.19 7.37
N THR A 77 -0.67 -4.20 8.07
CA THR A 77 -0.59 -4.28 9.54
C THR A 77 -1.85 -3.65 10.13
N THR A 78 -2.28 -2.56 9.53
CA THR A 78 -3.51 -1.87 10.05
C THR A 78 -4.59 -1.82 8.96
N PHE A 79 -4.23 -2.07 7.73
CA PHE A 79 -5.24 -2.05 6.62
C PHE A 79 -5.56 -0.61 6.21
N ARG A 80 -4.56 0.14 5.85
CA ARG A 80 -4.77 1.54 5.39
C ARG A 80 -3.76 1.80 4.28
N LEU A 81 -3.76 2.96 3.71
CA LEU A 81 -2.78 3.24 2.62
C LEU A 81 -1.80 4.32 3.06
N TRP A 82 -0.86 4.62 2.21
CA TRP A 82 0.15 5.66 2.53
C TRP A 82 0.65 6.23 1.21
N CYS A 83 0.32 7.46 0.93
CA CYS A 83 0.76 8.07 -0.35
C CYS A 83 2.06 8.83 -0.15
N TYR A 84 3.14 8.36 -0.70
CA TYR A 84 4.40 9.12 -0.55
C TYR A 84 4.25 10.38 -1.39
N ALA A 85 3.10 10.54 -1.99
CA ALA A 85 2.82 11.75 -2.80
C ALA A 85 1.98 12.69 -1.95
N CYS A 86 0.73 12.33 -1.70
CA CYS A 86 -0.09 13.17 -0.82
C CYS A 86 0.59 13.10 0.54
N GLU A 87 1.53 12.19 0.65
CA GLU A 87 2.30 12.02 1.91
C GLU A 87 1.34 11.98 3.10
N LYS A 88 0.49 10.99 3.12
CA LYS A 88 -0.49 10.85 4.24
C LYS A 88 -1.02 9.42 4.26
N GLU A 89 -1.94 9.12 5.14
CA GLU A 89 -2.50 7.74 5.22
C GLU A 89 -3.95 7.78 4.72
N VAL A 90 -4.39 6.77 4.02
CA VAL A 90 -5.79 6.79 3.51
C VAL A 90 -6.37 5.38 3.47
N PHE A 91 -7.64 5.27 3.74
CA PHE A 91 -8.30 3.93 3.73
C PHE A 91 -9.11 3.81 2.45
N LEU A 92 -9.60 2.64 2.14
CA LEU A 92 -10.43 2.50 0.92
C LEU A 92 -11.45 3.63 0.93
N GLU A 93 -11.80 4.11 -0.22
CA GLU A 93 -12.78 5.23 -0.31
C GLU A 93 -14.02 4.94 0.57
N GLN A 94 -14.03 3.84 1.27
CA GLN A 94 -15.20 3.51 2.14
C GLN A 94 -16.47 3.39 1.30
N ARG A 95 -16.50 3.96 0.13
CA ARG A 95 -17.71 3.85 -0.73
C ARG A 95 -18.19 2.40 -0.74
N LEU A 96 -17.29 1.48 -0.66
CA LEU A 96 -17.68 0.04 -0.67
C LEU A 96 -17.98 -0.41 0.76
N ALA A 97 -18.36 -1.65 0.93
CA ALA A 97 -18.67 -2.15 2.30
C ALA A 97 -18.72 -3.68 2.28
N ALA A 98 -17.60 -4.31 2.10
CA ALA A 98 -17.58 -5.80 2.07
C ALA A 98 -16.16 -6.30 2.32
N PRO A 99 -15.66 -6.13 3.51
CA PRO A 99 -14.29 -6.57 3.89
C PRO A 99 -13.99 -8.00 3.45
ZN ZN B . -2.07 10.33 -3.45
ZN ZN C . 11.87 -4.64 2.15
ZN ZN D . 5.59 -0.19 -6.53
N MET A 1 -9.35 13.51 -10.55
CA MET A 1 -10.71 12.90 -10.65
C MET A 1 -11.03 12.17 -9.34
N GLY A 2 -11.60 12.87 -8.40
CA GLY A 2 -11.95 12.22 -7.10
C GLY A 2 -13.00 13.06 -6.37
N ASP A 3 -13.47 12.59 -5.24
CA ASP A 3 -14.50 13.36 -4.49
C ASP A 3 -14.69 12.74 -3.11
N SER A 4 -13.85 13.08 -2.18
CA SER A 4 -13.98 12.52 -0.81
C SER A 4 -12.79 12.96 0.04
N ARG A 5 -12.68 12.45 1.24
CA ARG A 5 -11.54 12.84 2.13
C ARG A 5 -10.60 11.63 2.28
N ASP A 6 -11.15 10.47 2.50
CA ASP A 6 -10.30 9.26 2.66
C ASP A 6 -9.70 8.89 1.30
N LEU A 7 -10.39 9.21 0.23
CA LEU A 7 -9.86 8.85 -1.13
C LEU A 7 -8.66 9.75 -1.45
N CYS A 8 -7.83 9.33 -2.37
CA CYS A 8 -6.63 10.15 -2.75
C CYS A 8 -6.60 10.32 -4.28
N PRO A 9 -5.90 11.32 -4.74
CA PRO A 9 -5.79 11.62 -6.20
C PRO A 9 -5.21 10.44 -6.98
N HIS A 10 -4.05 9.99 -6.59
CA HIS A 10 -3.40 8.84 -7.29
C HIS A 10 -4.12 7.56 -6.90
N LEU A 11 -5.12 7.67 -6.08
CA LEU A 11 -5.88 6.46 -5.63
C LEU A 11 -6.70 5.91 -6.80
N ASP A 12 -7.04 6.75 -7.74
CA ASP A 12 -7.83 6.28 -8.91
C ASP A 12 -6.88 5.76 -9.98
N SER A 13 -5.64 6.18 -9.94
CA SER A 13 -4.67 5.72 -10.96
C SER A 13 -4.14 4.33 -10.61
N ILE A 14 -4.27 3.91 -9.38
CA ILE A 14 -3.76 2.56 -9.00
C ILE A 14 -4.85 1.51 -9.21
N GLY A 15 -6.05 1.92 -9.52
CA GLY A 15 -7.15 0.93 -9.73
C GLY A 15 -7.17 -0.07 -8.58
N GLU A 16 -7.96 -1.11 -8.68
CA GLU A 16 -8.03 -2.13 -7.60
C GLU A 16 -7.37 -3.43 -8.07
N VAL A 17 -6.16 -3.67 -7.68
CA VAL A 17 -5.46 -4.92 -8.10
C VAL A 17 -6.21 -6.12 -7.54
N THR A 18 -5.66 -7.29 -7.63
CA THR A 18 -6.35 -8.49 -7.09
C THR A 18 -6.48 -8.34 -5.58
N LYS A 19 -7.65 -8.55 -5.05
CA LYS A 19 -7.84 -8.43 -3.59
C LYS A 19 -6.85 -9.40 -2.94
N GLU A 20 -6.94 -10.65 -3.31
CA GLU A 20 -5.99 -11.65 -2.77
C GLU A 20 -4.60 -11.04 -2.82
N ASP A 21 -4.33 -10.24 -3.82
CA ASP A 21 -2.99 -9.61 -3.91
C ASP A 21 -2.72 -8.90 -2.58
N LEU A 22 -3.73 -8.27 -2.04
CA LEU A 22 -3.56 -7.58 -0.73
C LEU A 22 -3.50 -8.64 0.36
N LEU A 23 -4.03 -9.80 0.06
CA LEU A 23 -4.02 -10.90 1.05
C LEU A 23 -2.64 -11.55 1.06
N LEU A 24 -2.15 -12.01 -0.07
CA LEU A 24 -0.80 -12.61 -0.06
C LEU A 24 0.17 -11.54 0.42
N LYS A 25 0.05 -10.32 -0.06
CA LYS A 25 0.96 -9.25 0.42
C LYS A 25 0.99 -9.34 1.95
N SER A 26 -0.17 -9.46 2.53
CA SER A 26 -0.26 -9.59 4.02
C SER A 26 0.30 -10.96 4.43
N LYS A 27 0.96 -11.65 3.54
CA LYS A 27 1.47 -13.00 3.88
C LYS A 27 2.21 -12.96 5.23
N GLY A 28 3.11 -12.04 5.43
CA GLY A 28 3.80 -11.99 6.76
C GLY A 28 5.28 -11.63 6.59
N THR A 29 5.69 -11.26 5.41
CA THR A 29 7.13 -10.91 5.24
C THR A 29 7.34 -10.03 3.99
N CYS A 30 8.33 -9.18 4.03
CA CYS A 30 8.64 -8.33 2.84
C CYS A 30 9.12 -9.25 1.71
N GLN A 31 8.72 -9.00 0.50
CA GLN A 31 9.16 -9.91 -0.60
C GLN A 31 10.59 -9.58 -1.00
N SER A 32 11.13 -8.49 -0.53
CA SER A 32 12.53 -8.13 -0.88
C SER A 32 13.41 -8.21 0.37
N CYS A 33 12.80 -8.25 1.53
CA CYS A 33 13.60 -8.33 2.79
C CYS A 33 13.13 -9.51 3.63
N GLY A 34 11.91 -9.94 3.45
CA GLY A 34 11.41 -11.09 4.27
C GLY A 34 11.67 -10.77 5.74
N VAL A 35 10.96 -9.80 6.26
CA VAL A 35 11.18 -9.39 7.68
C VAL A 35 10.01 -9.80 8.58
N THR A 36 8.78 -9.65 8.15
CA THR A 36 7.64 -10.05 9.04
C THR A 36 6.33 -9.46 8.50
N GLY A 37 5.25 -9.69 9.20
CA GLY A 37 3.93 -9.16 8.75
C GLY A 37 3.64 -7.81 9.41
N PRO A 38 3.44 -7.80 10.69
CA PRO A 38 3.13 -6.55 11.41
C PRO A 38 4.03 -5.39 10.96
N ASN A 39 3.42 -4.30 10.63
CA ASN A 39 4.19 -3.11 10.18
C ASN A 39 4.68 -3.32 8.75
N LEU A 40 4.00 -4.12 7.96
CA LEU A 40 4.45 -4.33 6.56
C LEU A 40 3.92 -3.19 5.70
N TRP A 41 4.29 -3.16 4.45
CA TRP A 41 3.80 -2.09 3.54
C TRP A 41 3.99 -2.54 2.10
N ALA A 42 2.98 -3.11 1.52
CA ALA A 42 3.11 -3.59 0.12
C ALA A 42 2.66 -2.50 -0.87
N CYS A 43 3.36 -2.38 -1.96
CA CYS A 43 2.97 -1.37 -2.97
C CYS A 43 1.55 -1.67 -3.43
N LEU A 44 0.81 -0.67 -3.86
CA LEU A 44 -0.59 -0.93 -4.29
C LEU A 44 -0.90 -0.22 -5.61
N GLN A 45 -0.02 -0.29 -6.58
CA GLN A 45 -0.31 0.38 -7.89
C GLN A 45 -0.96 -0.62 -8.84
N VAL A 46 -1.86 -0.15 -9.66
CA VAL A 46 -2.56 -1.05 -10.63
C VAL A 46 -1.59 -2.04 -11.27
N ALA A 47 -0.31 -1.80 -11.21
CA ALA A 47 0.65 -2.74 -11.86
C ALA A 47 1.93 -2.89 -11.05
N CYS A 48 1.84 -3.06 -9.76
CA CYS A 48 3.07 -3.23 -8.93
C CYS A 48 2.82 -4.24 -7.81
N PRO A 49 2.90 -5.51 -8.12
CA PRO A 49 2.69 -6.59 -7.12
C PRO A 49 3.98 -6.94 -6.37
N TYR A 50 4.12 -6.44 -5.17
CA TYR A 50 5.33 -6.74 -4.36
C TYR A 50 5.09 -6.22 -2.94
N VAL A 51 5.39 -7.01 -1.94
CA VAL A 51 5.15 -6.53 -0.54
C VAL A 51 6.46 -6.06 0.09
N GLY A 52 6.61 -4.77 0.23
CA GLY A 52 7.86 -4.22 0.83
C GLY A 52 7.74 -4.19 2.35
N CYS A 53 8.71 -3.62 3.01
CA CYS A 53 8.68 -3.55 4.50
C CYS A 53 8.19 -2.20 4.95
N GLY A 54 8.00 -2.09 6.21
CA GLY A 54 7.64 -0.81 6.84
C GLY A 54 8.81 -0.52 7.76
N GLU A 55 9.02 0.69 8.19
CA GLU A 55 10.19 0.97 9.07
C GLU A 55 10.61 -0.30 9.80
N SER A 56 9.64 -1.09 10.18
CA SER A 56 9.95 -2.37 10.87
C SER A 56 11.31 -2.88 10.39
N PHE A 57 11.55 -2.79 9.11
CA PHE A 57 12.88 -3.23 8.57
C PHE A 57 13.59 -2.04 7.94
N ALA A 58 13.40 -1.86 6.65
CA ALA A 58 14.05 -0.73 5.94
C ALA A 58 12.96 0.13 5.31
N ASP A 59 11.72 -0.25 5.53
CA ASP A 59 10.59 0.52 4.96
C ASP A 59 10.75 0.66 3.45
N HIS A 60 10.72 -0.42 2.71
CA HIS A 60 10.85 -0.28 1.23
C HIS A 60 9.84 0.79 0.81
N SER A 61 8.82 0.96 1.59
CA SER A 61 7.79 1.99 1.28
C SER A 61 8.46 3.29 0.87
N THR A 62 9.63 3.57 1.38
CA THR A 62 10.32 4.84 1.02
C THR A 62 11.18 4.64 -0.22
N ILE A 63 12.22 3.85 -0.12
CA ILE A 63 13.10 3.66 -1.28
C ILE A 63 12.28 3.12 -2.45
N HIS A 64 11.29 2.34 -2.17
CA HIS A 64 10.43 1.78 -3.25
C HIS A 64 9.57 2.90 -3.83
N ALA A 65 9.03 3.75 -3.01
CA ALA A 65 8.21 4.87 -3.55
C ALA A 65 9.17 5.91 -4.10
N GLN A 66 10.38 5.81 -3.65
CA GLN A 66 11.46 6.74 -4.06
C GLN A 66 12.08 6.29 -5.39
N ALA A 67 12.19 5.00 -5.60
CA ALA A 67 12.81 4.49 -6.84
C ALA A 67 11.75 4.33 -7.94
N LYS A 68 10.63 3.77 -7.58
CA LYS A 68 9.55 3.55 -8.60
C LYS A 68 8.56 4.71 -8.53
N LYS A 69 8.83 5.66 -7.70
CA LYS A 69 7.93 6.84 -7.57
C LYS A 69 6.50 6.40 -7.24
N HIS A 70 6.32 5.19 -6.77
CA HIS A 70 4.94 4.74 -6.40
C HIS A 70 4.62 5.38 -5.05
N ASN A 71 3.58 6.18 -4.98
CA ASN A 71 3.27 6.86 -3.69
C ASN A 71 2.30 6.04 -2.86
N LEU A 72 1.31 5.46 -3.46
CA LEU A 72 0.30 4.68 -2.67
C LEU A 72 0.78 3.27 -2.36
N THR A 73 0.66 2.91 -1.11
CA THR A 73 1.03 1.54 -0.66
C THR A 73 0.09 1.20 0.50
N VAL A 74 -0.09 -0.05 0.83
CA VAL A 74 -1.04 -0.37 1.94
C VAL A 74 -0.35 -1.14 3.06
N ASN A 75 -0.48 -0.64 4.27
CA ASN A 75 0.13 -1.31 5.44
C ASN A 75 -0.76 -2.47 5.86
N LEU A 76 -0.41 -3.66 5.49
CA LEU A 76 -1.24 -4.84 5.85
C LEU A 76 -1.17 -5.05 7.36
N THR A 77 -0.70 -4.06 8.07
CA THR A 77 -0.61 -4.15 9.55
C THR A 77 -1.87 -3.53 10.14
N THR A 78 -2.31 -2.44 9.58
CA THR A 78 -3.52 -1.76 10.10
C THR A 78 -4.60 -1.68 9.01
N PHE A 79 -4.25 -1.96 7.79
CA PHE A 79 -5.26 -1.91 6.69
C PHE A 79 -5.55 -0.46 6.29
N ARG A 80 -4.52 0.27 5.93
CA ARG A 80 -4.71 1.68 5.48
C ARG A 80 -3.69 1.93 4.37
N LEU A 81 -3.67 3.10 3.82
CA LEU A 81 -2.70 3.38 2.72
C LEU A 81 -1.78 4.53 3.12
N TRP A 82 -0.78 4.74 2.32
CA TRP A 82 0.19 5.83 2.57
C TRP A 82 0.65 6.36 1.22
N CYS A 83 0.27 7.56 0.88
CA CYS A 83 0.66 8.12 -0.43
C CYS A 83 1.97 8.88 -0.31
N TYR A 84 3.04 8.37 -0.84
CA TYR A 84 4.32 9.13 -0.75
C TYR A 84 4.16 10.36 -1.64
N ALA A 85 3.00 10.50 -2.23
CA ALA A 85 2.73 11.68 -3.10
C ALA A 85 1.91 12.66 -2.27
N CYS A 86 0.67 12.32 -1.98
CA CYS A 86 -0.13 13.22 -1.11
C CYS A 86 0.57 13.20 0.24
N GLU A 87 1.51 12.29 0.36
CA GLU A 87 2.28 12.15 1.63
C GLU A 87 1.33 12.16 2.82
N LYS A 88 0.47 11.17 2.90
CA LYS A 88 -0.49 11.09 4.03
C LYS A 88 -1.00 9.65 4.15
N GLU A 89 -1.92 9.42 5.05
CA GLU A 89 -2.48 8.04 5.23
C GLU A 89 -3.90 8.01 4.67
N VAL A 90 -4.29 6.97 3.97
CA VAL A 90 -5.67 6.94 3.41
C VAL A 90 -6.24 5.52 3.44
N PHE A 91 -7.50 5.40 3.73
CA PHE A 91 -8.15 4.05 3.77
C PHE A 91 -8.96 3.88 2.50
N LEU A 92 -9.43 2.68 2.24
CA LEU A 92 -10.27 2.49 1.04
C LEU A 92 -11.30 3.61 1.00
N GLU A 93 -11.64 4.05 -0.17
CA GLU A 93 -12.63 5.15 -0.30
C GLU A 93 -13.88 4.87 0.54
N GLN A 94 -13.88 3.78 1.28
CA GLN A 94 -15.07 3.46 2.12
C GLN A 94 -16.31 3.20 1.24
N ARG A 95 -16.29 3.70 0.03
CA ARG A 95 -17.47 3.48 -0.86
C ARG A 95 -17.87 2.00 -0.82
N LEU A 96 -16.91 1.14 -0.63
CA LEU A 96 -17.21 -0.31 -0.56
C LEU A 96 -17.43 -0.73 0.89
N ALA A 97 -17.79 -1.96 1.11
CA ALA A 97 -18.02 -2.45 2.50
C ALA A 97 -17.16 -3.69 2.76
N ALA A 98 -17.36 -4.34 3.87
CA ALA A 98 -16.54 -5.55 4.19
C ALA A 98 -15.06 -5.15 4.27
N PRO A 99 -14.26 -5.97 4.90
CA PRO A 99 -12.80 -5.71 5.05
C PRO A 99 -12.04 -5.89 3.73
ZN ZN B . -2.16 10.37 -3.62
ZN ZN C . 11.76 -4.67 2.07
ZN ZN D . 5.62 -0.11 -6.58
N MET A 1 -14.15 7.32 -6.71
CA MET A 1 -13.19 7.83 -7.72
C MET A 1 -13.19 9.36 -7.70
N GLY A 2 -12.23 9.96 -7.05
CA GLY A 2 -12.18 11.45 -6.99
C GLY A 2 -13.13 11.94 -5.90
N ASP A 3 -14.22 11.25 -5.69
CA ASP A 3 -15.19 11.70 -4.65
C ASP A 3 -14.74 11.18 -3.28
N SER A 4 -15.42 11.56 -2.24
CA SER A 4 -15.03 11.08 -0.87
C SER A 4 -13.78 11.84 -0.41
N ARG A 5 -13.36 11.61 0.80
CA ARG A 5 -12.14 12.31 1.33
C ARG A 5 -11.01 11.29 1.48
N ASP A 6 -11.28 10.18 2.12
CA ASP A 6 -10.24 9.14 2.29
C ASP A 6 -9.54 8.89 0.95
N LEU A 7 -10.26 9.06 -0.13
CA LEU A 7 -9.66 8.83 -1.46
C LEU A 7 -8.46 9.76 -1.67
N CYS A 8 -7.55 9.40 -2.54
CA CYS A 8 -6.35 10.26 -2.80
C CYS A 8 -6.23 10.50 -4.31
N PRO A 9 -5.54 11.53 -4.70
CA PRO A 9 -5.35 11.89 -6.14
C PRO A 9 -4.78 10.72 -6.95
N HIS A 10 -3.65 10.21 -6.53
CA HIS A 10 -3.02 9.06 -7.24
C HIS A 10 -3.77 7.78 -6.88
N LEU A 11 -4.79 7.89 -6.08
CA LEU A 11 -5.58 6.69 -5.68
C LEU A 11 -6.42 6.22 -6.87
N ASP A 12 -6.74 7.11 -7.76
CA ASP A 12 -7.56 6.71 -8.95
C ASP A 12 -6.63 6.22 -10.07
N SER A 13 -5.38 6.60 -10.01
CA SER A 13 -4.42 6.17 -11.08
C SER A 13 -3.92 4.76 -10.80
N ILE A 14 -3.90 4.35 -9.55
CA ILE A 14 -3.41 2.97 -9.23
C ILE A 14 -4.52 1.96 -9.50
N GLY A 15 -5.72 2.40 -9.75
CA GLY A 15 -6.82 1.44 -10.01
C GLY A 15 -6.97 0.47 -8.84
N GLU A 16 -7.42 -0.74 -9.08
CA GLU A 16 -7.57 -1.72 -7.98
C GLU A 16 -6.91 -3.05 -8.38
N VAL A 17 -5.73 -3.31 -7.89
CA VAL A 17 -5.05 -4.58 -8.23
C VAL A 17 -5.88 -5.75 -7.71
N THR A 18 -5.36 -6.95 -7.75
CA THR A 18 -6.15 -8.11 -7.24
C THR A 18 -6.36 -7.92 -5.73
N LYS A 19 -7.56 -8.09 -5.28
CA LYS A 19 -7.81 -7.94 -3.81
C LYS A 19 -6.91 -8.94 -3.11
N GLU A 20 -7.03 -10.19 -3.47
CA GLU A 20 -6.16 -11.23 -2.88
C GLU A 20 -4.73 -10.68 -2.89
N ASP A 21 -4.40 -9.90 -3.86
CA ASP A 21 -3.02 -9.33 -3.89
C ASP A 21 -2.77 -8.66 -2.54
N LEU A 22 -3.75 -7.99 -2.03
CA LEU A 22 -3.61 -7.32 -0.72
C LEU A 22 -3.62 -8.39 0.36
N LEU A 23 -4.17 -9.53 0.03
CA LEU A 23 -4.23 -10.65 1.00
C LEU A 23 -2.87 -11.35 1.03
N LEU A 24 -2.36 -11.79 -0.10
CA LEU A 24 -1.03 -12.44 -0.07
C LEU A 24 -0.03 -11.41 0.41
N LYS A 25 -0.11 -10.19 -0.07
CA LYS A 25 0.83 -9.15 0.42
C LYS A 25 0.83 -9.22 1.95
N SER A 26 -0.33 -9.35 2.53
CA SER A 26 -0.45 -9.48 4.00
C SER A 26 0.09 -10.85 4.43
N LYS A 27 0.74 -11.55 3.53
CA LYS A 27 1.23 -12.92 3.87
C LYS A 27 1.96 -12.89 5.22
N GLY A 28 2.88 -11.99 5.43
CA GLY A 28 3.57 -11.95 6.76
C GLY A 28 5.05 -11.63 6.59
N THR A 29 5.48 -11.26 5.41
CA THR A 29 6.93 -10.95 5.26
C THR A 29 7.18 -10.10 4.02
N CYS A 30 8.20 -9.28 4.07
CA CYS A 30 8.56 -8.43 2.89
C CYS A 30 8.97 -9.38 1.76
N GLN A 31 8.67 -9.06 0.53
CA GLN A 31 9.06 -9.99 -0.57
C GLN A 31 10.52 -9.79 -0.94
N SER A 32 11.12 -8.72 -0.51
CA SER A 32 12.56 -8.48 -0.84
C SER A 32 13.40 -8.54 0.43
N CYS A 33 12.77 -8.55 1.59
CA CYS A 33 13.55 -8.61 2.86
C CYS A 33 13.05 -9.76 3.73
N GLY A 34 11.84 -10.22 3.54
CA GLY A 34 11.34 -11.33 4.39
C GLY A 34 11.53 -10.93 5.85
N VAL A 35 10.81 -9.94 6.29
CA VAL A 35 10.97 -9.45 7.70
C VAL A 35 9.82 -9.91 8.59
N THR A 36 8.58 -9.72 8.20
CA THR A 36 7.44 -10.16 9.07
C THR A 36 6.15 -9.52 8.56
N GLY A 37 5.06 -9.73 9.24
CA GLY A 37 3.76 -9.14 8.81
C GLY A 37 3.56 -7.78 9.44
N PRO A 38 3.41 -7.73 10.73
CA PRO A 38 3.19 -6.46 11.45
C PRO A 38 4.12 -5.36 10.93
N ASN A 39 3.56 -4.25 10.60
CA ASN A 39 4.36 -3.10 10.09
C ASN A 39 4.77 -3.34 8.64
N LEU A 40 4.04 -4.13 7.90
CA LEU A 40 4.42 -4.36 6.47
C LEU A 40 3.86 -3.21 5.64
N TRP A 41 4.27 -3.10 4.42
CA TRP A 41 3.76 -2.01 3.54
C TRP A 41 3.94 -2.42 2.08
N ALA A 42 2.95 -3.04 1.50
CA ALA A 42 3.07 -3.49 0.09
C ALA A 42 2.64 -2.38 -0.88
N CYS A 43 3.35 -2.26 -1.96
CA CYS A 43 3.00 -1.24 -2.98
C CYS A 43 1.58 -1.49 -3.48
N LEU A 44 0.88 -0.49 -3.91
CA LEU A 44 -0.51 -0.69 -4.39
C LEU A 44 -0.75 0.03 -5.71
N GLN A 45 0.14 -0.08 -6.66
CA GLN A 45 -0.09 0.60 -7.97
C GLN A 45 -0.78 -0.35 -8.93
N VAL A 46 -1.60 0.18 -9.79
CA VAL A 46 -2.34 -0.67 -10.78
C VAL A 46 -1.44 -1.78 -11.34
N ALA A 47 -0.15 -1.66 -11.25
CA ALA A 47 0.72 -2.74 -11.82
C ALA A 47 2.00 -2.91 -11.00
N CYS A 48 1.92 -2.96 -9.70
CA CYS A 48 3.15 -3.14 -8.88
C CYS A 48 2.88 -4.13 -7.74
N PRO A 49 2.93 -5.40 -8.02
CA PRO A 49 2.70 -6.45 -7.00
C PRO A 49 3.99 -6.81 -6.23
N TYR A 50 4.13 -6.28 -5.04
CA TYR A 50 5.36 -6.57 -4.23
C TYR A 50 5.10 -6.10 -2.80
N VAL A 51 5.40 -6.89 -1.82
CA VAL A 51 5.16 -6.45 -0.41
C VAL A 51 6.48 -6.01 0.23
N GLY A 52 6.63 -4.72 0.42
CA GLY A 52 7.90 -4.19 1.01
C GLY A 52 7.81 -4.15 2.54
N CYS A 53 8.81 -3.59 3.17
CA CYS A 53 8.84 -3.51 4.66
C CYS A 53 8.44 -2.13 5.12
N GLY A 54 8.30 -2.01 6.41
CA GLY A 54 8.02 -0.72 7.06
C GLY A 54 9.25 -0.46 7.91
N GLU A 55 9.52 0.75 8.31
CA GLU A 55 10.73 0.98 9.15
C GLU A 55 11.08 -0.29 9.90
N SER A 56 10.08 -1.00 10.33
CA SER A 56 10.29 -2.28 11.04
C SER A 56 11.60 -2.89 10.54
N PHE A 57 11.82 -2.86 9.25
CA PHE A 57 13.09 -3.41 8.68
C PHE A 57 13.85 -2.30 7.98
N ALA A 58 13.62 -2.15 6.71
CA ALA A 58 14.32 -1.09 5.93
C ALA A 58 13.27 -0.15 5.32
N ASP A 59 12.03 -0.43 5.58
CA ASP A 59 10.93 0.42 5.04
C ASP A 59 11.06 0.56 3.52
N HIS A 60 10.99 -0.53 2.80
CA HIS A 60 11.07 -0.40 1.31
C HIS A 60 10.09 0.69 0.91
N SER A 61 9.13 0.93 1.75
CA SER A 61 8.12 1.99 1.45
C SER A 61 8.82 3.25 0.97
N THR A 62 10.00 3.51 1.46
CA THR A 62 10.72 4.73 1.03
C THR A 62 11.57 4.43 -0.21
N ILE A 63 12.58 3.61 -0.07
CA ILE A 63 13.44 3.32 -1.24
C ILE A 63 12.57 2.82 -2.39
N HIS A 64 11.46 2.21 -2.09
CA HIS A 64 10.56 1.70 -3.15
C HIS A 64 9.81 2.87 -3.78
N ALA A 65 9.31 3.77 -2.99
CA ALA A 65 8.59 4.94 -3.59
C ALA A 65 9.67 5.85 -4.16
N GLN A 66 10.84 5.66 -3.65
CA GLN A 66 12.01 6.45 -4.08
C GLN A 66 12.65 5.82 -5.33
N ALA A 67 12.53 4.53 -5.46
CA ALA A 67 13.15 3.82 -6.63
C ALA A 67 12.18 3.79 -7.80
N LYS A 68 10.92 3.57 -7.53
CA LYS A 68 9.92 3.49 -8.64
C LYS A 68 8.98 4.70 -8.57
N LYS A 69 9.24 5.58 -7.67
CA LYS A 69 8.38 6.79 -7.53
C LYS A 69 6.93 6.41 -7.23
N HIS A 70 6.68 5.20 -6.81
CA HIS A 70 5.28 4.81 -6.46
C HIS A 70 4.94 5.47 -5.13
N ASN A 71 3.88 6.24 -5.06
CA ASN A 71 3.55 6.94 -3.78
C ASN A 71 2.58 6.11 -2.94
N LEU A 72 1.59 5.52 -3.53
CA LEU A 72 0.59 4.75 -2.74
C LEU A 72 1.04 3.33 -2.44
N THR A 73 0.82 2.93 -1.21
CA THR A 73 1.16 1.55 -0.75
C THR A 73 0.16 1.23 0.37
N VAL A 74 -0.01 -0.01 0.73
CA VAL A 74 -1.01 -0.32 1.81
C VAL A 74 -0.35 -1.04 2.98
N ASN A 75 -0.62 -0.57 4.17
CA ASN A 75 -0.03 -1.20 5.38
C ASN A 75 -0.91 -2.37 5.82
N LEU A 76 -0.51 -3.56 5.49
CA LEU A 76 -1.30 -4.75 5.88
C LEU A 76 -1.19 -4.94 7.39
N THR A 77 -0.61 -3.98 8.06
CA THR A 77 -0.48 -4.06 9.54
C THR A 77 -1.69 -3.38 10.16
N THR A 78 -2.12 -2.29 9.59
CA THR A 78 -3.31 -1.55 10.14
C THR A 78 -4.43 -1.51 9.10
N PHE A 79 -4.14 -1.78 7.87
CA PHE A 79 -5.21 -1.76 6.82
C PHE A 79 -5.49 -0.32 6.36
N ARG A 80 -4.47 0.39 5.99
CA ARG A 80 -4.65 1.78 5.50
C ARG A 80 -3.63 1.99 4.38
N LEU A 81 -3.60 3.15 3.79
CA LEU A 81 -2.62 3.37 2.69
C LEU A 81 -1.61 4.44 3.09
N TRP A 82 -0.69 4.72 2.20
CA TRP A 82 0.35 5.73 2.49
C TRP A 82 0.83 6.30 1.16
N CYS A 83 0.53 7.54 0.89
CA CYS A 83 0.96 8.14 -0.39
C CYS A 83 2.27 8.90 -0.21
N TYR A 84 3.36 8.39 -0.73
CA TYR A 84 4.63 9.16 -0.58
C TYR A 84 4.49 10.41 -1.45
N ALA A 85 3.32 10.58 -2.04
CA ALA A 85 3.06 11.79 -2.87
C ALA A 85 2.24 12.75 -2.01
N CYS A 86 1.00 12.42 -1.75
CA CYS A 86 0.20 13.29 -0.86
C CYS A 86 0.90 13.21 0.49
N GLU A 87 1.83 12.30 0.58
CA GLU A 87 2.61 12.11 1.84
C GLU A 87 1.67 12.07 3.03
N LYS A 88 0.80 11.10 3.06
CA LYS A 88 -0.16 10.97 4.20
C LYS A 88 -0.70 9.55 4.23
N GLU A 89 -1.72 9.30 5.01
CA GLU A 89 -2.30 7.93 5.11
C GLU A 89 -3.74 7.97 4.63
N VAL A 90 -4.17 6.97 3.88
CA VAL A 90 -5.59 7.00 3.39
C VAL A 90 -6.17 5.59 3.40
N PHE A 91 -7.44 5.47 3.68
CA PHE A 91 -8.10 4.14 3.71
C PHE A 91 -8.91 3.98 2.44
N LEU A 92 -9.40 2.79 2.18
CA LEU A 92 -10.22 2.60 0.98
C LEU A 92 -11.25 3.72 0.94
N GLU A 93 -11.63 4.15 -0.22
CA GLU A 93 -12.60 5.27 -0.34
C GLU A 93 -13.84 5.00 0.53
N GLN A 94 -13.86 3.92 1.26
CA GLN A 94 -15.03 3.63 2.14
C GLN A 94 -16.30 3.48 1.30
N ARG A 95 -16.27 3.93 0.07
CA ARG A 95 -17.49 3.80 -0.79
C ARG A 95 -18.05 2.38 -0.66
N LEU A 96 -17.19 1.44 -0.44
CA LEU A 96 -17.64 0.03 -0.29
C LEU A 96 -17.79 -0.30 1.19
N ALA A 97 -18.12 -1.53 1.51
CA ALA A 97 -18.28 -1.91 2.95
C ALA A 97 -18.33 -3.43 3.07
N ALA A 98 -18.22 -3.94 4.27
CA ALA A 98 -18.27 -5.41 4.45
C ALA A 98 -17.26 -6.09 3.52
N PRO A 99 -15.99 -5.95 3.81
CA PRO A 99 -14.91 -6.55 2.99
C PRO A 99 -15.16 -8.03 2.67
ZN ZN B . -1.82 10.46 -3.51
ZN ZN C . 11.80 -4.85 2.13
ZN ZN D . 5.77 -0.06 -6.51
N MET A 1 -13.29 13.44 -8.05
CA MET A 1 -11.94 12.80 -7.99
C MET A 1 -12.09 11.30 -7.76
N GLY A 2 -12.97 10.91 -6.88
CA GLY A 2 -13.16 9.46 -6.61
C GLY A 2 -14.45 9.26 -5.79
N ASP A 3 -14.41 9.60 -4.53
CA ASP A 3 -15.63 9.42 -3.69
C ASP A 3 -15.51 10.30 -2.44
N SER A 4 -15.19 9.72 -1.32
CA SER A 4 -15.05 10.52 -0.06
C SER A 4 -13.59 10.94 0.13
N ARG A 5 -13.37 11.98 0.89
CA ARG A 5 -11.97 12.47 1.12
C ARG A 5 -11.03 11.26 1.27
N ASP A 6 -11.42 10.30 2.06
CA ASP A 6 -10.56 9.09 2.27
C ASP A 6 -9.87 8.70 0.96
N LEU A 7 -10.47 9.03 -0.16
CA LEU A 7 -9.85 8.67 -1.46
C LEU A 7 -8.68 9.61 -1.76
N CYS A 8 -7.74 9.18 -2.57
CA CYS A 8 -6.56 10.02 -2.90
C CYS A 8 -6.48 10.19 -4.43
N PRO A 9 -5.80 11.21 -4.89
CA PRO A 9 -5.65 11.49 -6.35
C PRO A 9 -5.07 10.30 -7.11
N HIS A 10 -3.94 9.84 -6.69
CA HIS A 10 -3.30 8.66 -7.36
C HIS A 10 -4.04 7.39 -6.96
N LEU A 11 -5.06 7.53 -6.16
CA LEU A 11 -5.83 6.35 -5.71
C LEU A 11 -6.72 5.86 -6.87
N ASP A 12 -7.05 6.73 -7.78
CA ASP A 12 -7.90 6.32 -8.93
C ASP A 12 -7.00 5.79 -10.05
N SER A 13 -5.75 6.18 -10.05
CA SER A 13 -4.82 5.71 -11.11
C SER A 13 -4.31 4.30 -10.76
N ILE A 14 -4.11 4.03 -9.50
CA ILE A 14 -3.60 2.68 -9.10
C ILE A 14 -4.71 1.63 -9.29
N GLY A 15 -5.91 2.06 -9.62
CA GLY A 15 -7.01 1.09 -9.83
C GLY A 15 -7.10 0.10 -8.67
N GLU A 16 -8.09 -0.75 -8.68
CA GLU A 16 -8.25 -1.74 -7.57
C GLU A 16 -7.56 -3.05 -7.95
N VAL A 17 -6.36 -3.27 -7.48
CA VAL A 17 -5.64 -4.53 -7.82
C VAL A 17 -6.42 -5.71 -7.23
N THR A 18 -5.86 -6.89 -7.27
CA THR A 18 -6.58 -8.06 -6.71
C THR A 18 -6.66 -7.92 -5.18
N LYS A 19 -7.83 -8.08 -4.63
CA LYS A 19 -7.97 -7.98 -3.16
C LYS A 19 -7.01 -8.99 -2.54
N GLU A 20 -7.20 -10.25 -2.86
CA GLU A 20 -6.29 -11.30 -2.34
C GLU A 20 -4.87 -10.79 -2.41
N ASP A 21 -4.54 -10.09 -3.46
CA ASP A 21 -3.16 -9.53 -3.56
C ASP A 21 -2.84 -8.81 -2.25
N LEU A 22 -3.80 -8.09 -1.74
CA LEU A 22 -3.59 -7.38 -0.45
C LEU A 22 -3.59 -8.41 0.67
N LEU A 23 -4.18 -9.54 0.40
CA LEU A 23 -4.23 -10.62 1.43
C LEU A 23 -2.88 -11.35 1.44
N LEU A 24 -2.42 -11.86 0.32
CA LEU A 24 -1.09 -12.52 0.34
C LEU A 24 -0.07 -11.49 0.78
N LYS A 25 -0.14 -10.29 0.26
CA LYS A 25 0.82 -9.25 0.69
C LYS A 25 0.86 -9.27 2.22
N SER A 26 -0.30 -9.35 2.83
CA SER A 26 -0.38 -9.42 4.31
C SER A 26 0.15 -10.78 4.77
N LYS A 27 0.77 -11.52 3.88
CA LYS A 27 1.27 -12.88 4.26
C LYS A 27 2.01 -12.81 5.59
N GLY A 28 2.95 -11.90 5.76
CA GLY A 28 3.66 -11.82 7.06
C GLY A 28 5.13 -11.49 6.87
N THR A 29 5.55 -11.17 5.67
CA THR A 29 6.99 -10.85 5.49
C THR A 29 7.22 -10.04 4.21
N CYS A 30 8.22 -9.20 4.22
CA CYS A 30 8.57 -8.41 3.00
C CYS A 30 8.97 -9.40 1.91
N GLN A 31 8.63 -9.12 0.68
CA GLN A 31 9.01 -10.09 -0.40
C GLN A 31 10.47 -9.91 -0.79
N SER A 32 11.07 -8.81 -0.41
CA SER A 32 12.50 -8.58 -0.77
C SER A 32 13.37 -8.57 0.51
N CYS A 33 12.75 -8.52 1.66
CA CYS A 33 13.54 -8.51 2.93
C CYS A 33 13.07 -9.64 3.86
N GLY A 34 11.87 -10.12 3.68
CA GLY A 34 11.38 -11.20 4.59
C GLY A 34 11.59 -10.74 6.04
N VAL A 35 10.88 -9.75 6.45
CA VAL A 35 11.05 -9.20 7.84
C VAL A 35 9.93 -9.65 8.77
N THR A 36 8.68 -9.53 8.38
CA THR A 36 7.56 -9.94 9.28
C THR A 36 6.26 -9.30 8.76
N GLY A 37 5.18 -9.51 9.46
CA GLY A 37 3.87 -8.94 9.02
C GLY A 37 3.65 -7.56 9.64
N PRO A 38 3.55 -7.49 10.94
CA PRO A 38 3.31 -6.20 11.62
C PRO A 38 4.20 -5.08 11.07
N ASN A 39 3.60 -3.96 10.79
CA ASN A 39 4.34 -2.79 10.23
C ASN A 39 4.83 -3.08 8.82
N LEU A 40 4.11 -3.88 8.07
CA LEU A 40 4.55 -4.16 6.68
C LEU A 40 4.02 -3.04 5.78
N TRP A 41 4.35 -3.06 4.53
CA TRP A 41 3.85 -2.00 3.61
C TRP A 41 4.02 -2.48 2.16
N ALA A 42 2.99 -3.08 1.62
CA ALA A 42 3.09 -3.58 0.22
C ALA A 42 2.64 -2.50 -0.77
N CYS A 43 3.29 -2.44 -1.89
CA CYS A 43 2.92 -1.44 -2.92
C CYS A 43 1.48 -1.70 -3.37
N LEU A 44 0.77 -0.69 -3.80
CA LEU A 44 -0.65 -0.91 -4.22
C LEU A 44 -0.92 -0.23 -5.57
N GLN A 45 -0.02 -0.31 -6.51
CA GLN A 45 -0.28 0.32 -7.83
C GLN A 45 -1.00 -0.67 -8.75
N VAL A 46 -1.86 -0.17 -9.58
CA VAL A 46 -2.63 -1.04 -10.52
C VAL A 46 -1.76 -2.17 -11.09
N ALA A 47 -0.46 -2.03 -11.08
CA ALA A 47 0.39 -3.12 -11.66
C ALA A 47 1.69 -3.28 -10.87
N CYS A 48 1.65 -3.27 -9.57
CA CYS A 48 2.90 -3.44 -8.78
C CYS A 48 2.65 -4.41 -7.63
N PRO A 49 2.68 -5.69 -7.88
CA PRO A 49 2.46 -6.72 -6.84
C PRO A 49 3.76 -7.08 -6.10
N TYR A 50 3.94 -6.54 -4.92
CA TYR A 50 5.16 -6.84 -4.13
C TYR A 50 4.94 -6.31 -2.71
N VAL A 51 5.27 -7.08 -1.71
CA VAL A 51 5.06 -6.60 -0.31
C VAL A 51 6.39 -6.13 0.28
N GLY A 52 6.56 -4.83 0.37
CA GLY A 52 7.83 -4.28 0.92
C GLY A 52 7.75 -4.19 2.44
N CYS A 53 8.75 -3.61 3.04
CA CYS A 53 8.76 -3.49 4.53
C CYS A 53 8.31 -2.11 4.93
N GLY A 54 8.14 -1.94 6.20
CA GLY A 54 7.80 -0.63 6.78
C GLY A 54 9.00 -0.32 7.66
N GLU A 55 9.23 0.91 8.00
CA GLU A 55 10.43 1.22 8.85
C GLU A 55 10.81 -0.01 9.66
N SER A 56 9.83 -0.75 10.09
CA SER A 56 10.09 -2.00 10.85
C SER A 56 11.43 -2.58 10.39
N PHE A 57 11.67 -2.56 9.11
CA PHE A 57 12.96 -3.11 8.58
C PHE A 57 13.72 -2.01 7.84
N ALA A 58 13.50 -1.92 6.56
CA ALA A 58 14.19 -0.88 5.74
C ALA A 58 13.14 0.02 5.10
N ASP A 59 11.90 -0.25 5.36
CA ASP A 59 10.81 0.58 4.78
C ASP A 59 10.94 0.64 3.26
N HIS A 60 10.79 -0.47 2.57
CA HIS A 60 10.88 -0.39 1.09
C HIS A 60 9.88 0.67 0.66
N SER A 61 8.85 0.85 1.43
CA SER A 61 7.81 1.87 1.11
C SER A 61 8.50 3.18 0.71
N THR A 62 9.66 3.44 1.22
CA THR A 62 10.35 4.71 0.86
C THR A 62 11.22 4.51 -0.37
N ILE A 63 12.25 3.71 -0.26
CA ILE A 63 13.14 3.52 -1.43
C ILE A 63 12.33 2.98 -2.60
N HIS A 64 11.33 2.20 -2.30
CA HIS A 64 10.47 1.64 -3.38
C HIS A 64 9.61 2.75 -3.98
N ALA A 65 9.08 3.61 -3.16
CA ALA A 65 8.26 4.74 -3.69
C ALA A 65 9.23 5.76 -4.26
N GLN A 66 10.44 5.66 -3.81
CA GLN A 66 11.52 6.57 -4.23
C GLN A 66 12.13 6.11 -5.55
N ALA A 67 12.23 4.83 -5.76
CA ALA A 67 12.84 4.30 -7.01
C ALA A 67 11.77 4.15 -8.10
N LYS A 68 10.65 3.62 -7.75
CA LYS A 68 9.56 3.42 -8.75
C LYS A 68 8.58 4.58 -8.68
N LYS A 69 8.87 5.54 -7.84
CA LYS A 69 7.98 6.72 -7.72
C LYS A 69 6.56 6.27 -7.36
N HIS A 70 6.38 5.06 -6.91
CA HIS A 70 5.01 4.62 -6.52
C HIS A 70 4.68 5.28 -5.18
N ASN A 71 3.63 6.06 -5.12
CA ASN A 71 3.31 6.77 -3.85
C ASN A 71 2.37 5.95 -2.96
N LEU A 72 1.36 5.36 -3.53
CA LEU A 72 0.39 4.61 -2.69
C LEU A 72 0.89 3.21 -2.34
N THR A 73 0.74 2.86 -1.09
CA THR A 73 1.12 1.53 -0.58
C THR A 73 0.17 1.22 0.58
N VAL A 74 -0.03 -0.02 0.92
CA VAL A 74 -0.99 -0.31 2.03
C VAL A 74 -0.31 -1.06 3.18
N ASN A 75 -0.38 -0.49 4.36
CA ASN A 75 0.23 -1.14 5.55
C ASN A 75 -0.67 -2.28 5.99
N LEU A 76 -0.33 -3.48 5.66
CA LEU A 76 -1.16 -4.65 6.06
C LEU A 76 -1.08 -4.82 7.57
N THR A 77 -0.58 -3.83 8.25
CA THR A 77 -0.48 -3.90 9.72
C THR A 77 -1.72 -3.23 10.32
N THR A 78 -2.14 -2.14 9.73
CA THR A 78 -3.34 -1.42 10.25
C THR A 78 -4.46 -1.41 9.19
N PHE A 79 -4.13 -1.70 7.96
CA PHE A 79 -5.17 -1.71 6.89
C PHE A 79 -5.48 -0.28 6.43
N ARG A 80 -4.47 0.45 6.03
CA ARG A 80 -4.66 1.84 5.53
C ARG A 80 -3.66 2.04 4.41
N LEU A 81 -3.64 3.19 3.81
CA LEU A 81 -2.69 3.42 2.69
C LEU A 81 -1.70 4.52 3.06
N TRP A 82 -0.74 4.76 2.20
CA TRP A 82 0.26 5.81 2.45
C TRP A 82 0.74 6.33 1.10
N CYS A 83 0.40 7.55 0.78
CA CYS A 83 0.81 8.10 -0.53
C CYS A 83 2.12 8.87 -0.38
N TYR A 84 3.19 8.36 -0.90
CA TYR A 84 4.46 9.13 -0.79
C TYR A 84 4.31 10.35 -1.71
N ALA A 85 3.15 10.48 -2.30
CA ALA A 85 2.87 11.64 -3.18
C ALA A 85 2.04 12.63 -2.36
N CYS A 86 0.80 12.30 -2.10
CA CYS A 86 -0.01 13.19 -1.24
C CYS A 86 0.68 13.19 0.11
N GLU A 87 1.61 12.27 0.26
CA GLU A 87 2.38 12.17 1.53
C GLU A 87 1.41 12.19 2.71
N LYS A 88 0.57 11.18 2.79
CA LYS A 88 -0.41 11.12 3.91
C LYS A 88 -0.94 9.69 4.00
N GLU A 89 -1.88 9.44 4.89
CA GLU A 89 -2.45 8.07 5.03
C GLU A 89 -3.89 8.08 4.53
N VAL A 90 -4.34 7.01 3.92
CA VAL A 90 -5.75 7.00 3.43
C VAL A 90 -6.30 5.57 3.44
N PHE A 91 -7.56 5.43 3.69
CA PHE A 91 -8.20 4.08 3.72
C PHE A 91 -8.98 3.87 2.44
N LEU A 92 -9.42 2.68 2.18
CA LEU A 92 -10.22 2.46 0.96
C LEU A 92 -11.27 3.57 0.88
N GLU A 93 -11.57 4.00 -0.29
CA GLU A 93 -12.58 5.10 -0.47
C GLU A 93 -13.83 4.83 0.37
N GLN A 94 -13.86 3.76 1.13
CA GLN A 94 -15.05 3.45 1.97
C GLN A 94 -16.28 3.20 1.10
N ARG A 95 -16.34 3.80 -0.06
CA ARG A 95 -17.51 3.59 -0.95
C ARG A 95 -17.81 2.09 -1.04
N LEU A 96 -16.78 1.29 -1.01
CA LEU A 96 -16.98 -0.19 -1.10
C LEU A 96 -17.05 -0.78 0.31
N ALA A 97 -17.12 -2.08 0.42
CA ALA A 97 -17.19 -2.70 1.77
C ALA A 97 -16.64 -4.13 1.69
N ALA A 98 -16.84 -4.91 2.72
CA ALA A 98 -16.33 -6.32 2.70
C ALA A 98 -14.81 -6.29 2.50
N PRO A 99 -14.17 -7.41 2.71
CA PRO A 99 -12.69 -7.52 2.55
C PRO A 99 -12.17 -6.79 1.31
ZN ZN B . -2.06 10.26 -3.71
ZN ZN C . 11.73 -4.80 2.07
ZN ZN D . 5.59 -0.31 -6.57
N MET A 1 -11.57 14.60 -7.70
CA MET A 1 -12.06 14.00 -6.43
C MET A 1 -12.78 12.69 -6.72
N GLY A 2 -12.36 11.61 -6.12
CA GLY A 2 -13.03 10.30 -6.37
C GLY A 2 -14.35 10.25 -5.61
N ASP A 3 -14.31 10.00 -4.33
CA ASP A 3 -15.56 9.94 -3.52
C ASP A 3 -15.38 10.74 -2.24
N SER A 4 -15.16 10.08 -1.14
CA SER A 4 -14.97 10.81 0.15
C SER A 4 -13.49 11.17 0.33
N ARG A 5 -13.20 12.17 1.11
CA ARG A 5 -11.77 12.58 1.33
C ARG A 5 -10.88 11.34 1.42
N ASP A 6 -11.33 10.34 2.15
CA ASP A 6 -10.50 9.10 2.29
C ASP A 6 -9.86 8.75 0.94
N LEU A 7 -10.46 9.16 -0.13
CA LEU A 7 -9.89 8.86 -1.47
C LEU A 7 -8.68 9.76 -1.74
N CYS A 8 -7.80 9.35 -2.63
CA CYS A 8 -6.59 10.18 -2.95
C CYS A 8 -6.53 10.36 -4.47
N PRO A 9 -5.83 11.37 -4.91
CA PRO A 9 -5.68 11.68 -6.38
C PRO A 9 -5.10 10.48 -7.14
N HIS A 10 -3.96 10.00 -6.73
CA HIS A 10 -3.34 8.84 -7.41
C HIS A 10 -4.08 7.56 -7.02
N LEU A 11 -5.09 7.69 -6.20
CA LEU A 11 -5.86 6.50 -5.78
C LEU A 11 -6.71 5.98 -6.94
N ASP A 12 -7.04 6.83 -7.86
CA ASP A 12 -7.85 6.38 -9.03
C ASP A 12 -6.92 5.86 -10.13
N SER A 13 -5.67 6.24 -10.08
CA SER A 13 -4.71 5.79 -11.13
C SER A 13 -4.19 4.39 -10.80
N ILE A 14 -4.27 3.98 -9.55
CA ILE A 14 -3.77 2.62 -9.19
C ILE A 14 -4.86 1.56 -9.42
N GLY A 15 -6.10 1.97 -9.44
CA GLY A 15 -7.20 0.98 -9.66
C GLY A 15 -7.32 0.06 -8.43
N GLU A 16 -7.80 -1.14 -8.62
CA GLU A 16 -7.95 -2.09 -7.47
C GLU A 16 -7.30 -3.43 -7.83
N VAL A 17 -6.10 -3.66 -7.39
CA VAL A 17 -5.41 -4.94 -7.70
C VAL A 17 -6.18 -6.10 -7.07
N THR A 18 -5.64 -7.29 -7.08
CA THR A 18 -6.36 -8.45 -6.47
C THR A 18 -6.45 -8.24 -4.97
N LYS A 19 -7.61 -8.42 -4.40
CA LYS A 19 -7.75 -8.25 -2.93
C LYS A 19 -6.86 -9.29 -2.27
N GLU A 20 -7.06 -10.53 -2.61
CA GLU A 20 -6.21 -11.60 -2.06
C GLU A 20 -4.76 -11.12 -2.11
N ASP A 21 -4.42 -10.42 -3.15
CA ASP A 21 -3.01 -9.90 -3.24
C ASP A 21 -2.71 -9.20 -1.94
N LEU A 22 -3.63 -8.44 -1.44
CA LEU A 22 -3.42 -7.75 -0.14
C LEU A 22 -3.44 -8.79 0.97
N LEU A 23 -4.03 -9.90 0.70
CA LEU A 23 -4.10 -10.98 1.72
C LEU A 23 -2.76 -11.74 1.73
N LEU A 24 -2.27 -12.18 0.59
CA LEU A 24 -0.95 -12.87 0.62
C LEU A 24 0.09 -11.85 1.01
N LYS A 25 0.03 -10.66 0.47
CA LYS A 25 1.03 -9.63 0.86
C LYS A 25 1.08 -9.61 2.39
N SER A 26 -0.07 -9.69 3.00
CA SER A 26 -0.14 -9.72 4.49
C SER A 26 0.41 -11.07 4.96
N LYS A 27 1.03 -11.82 4.08
CA LYS A 27 1.55 -13.15 4.47
C LYS A 27 2.37 -13.05 5.76
N GLY A 28 3.29 -12.13 5.87
CA GLY A 28 4.06 -12.01 7.13
C GLY A 28 5.53 -11.69 6.85
N THR A 29 5.89 -11.39 5.64
CA THR A 29 7.32 -11.09 5.38
C THR A 29 7.49 -10.16 4.16
N CYS A 30 8.44 -9.26 4.22
CA CYS A 30 8.70 -8.37 3.05
C CYS A 30 9.16 -9.25 1.88
N GLN A 31 8.56 -9.10 0.73
CA GLN A 31 8.95 -9.96 -0.42
C GLN A 31 10.43 -9.79 -0.76
N SER A 32 11.03 -8.70 -0.37
CA SER A 32 12.48 -8.49 -0.68
C SER A 32 13.31 -8.66 0.59
N CYS A 33 12.81 -8.21 1.71
CA CYS A 33 13.58 -8.34 2.98
C CYS A 33 13.01 -9.48 3.83
N GLY A 34 11.80 -9.87 3.56
CA GLY A 34 11.17 -10.97 4.37
C GLY A 34 11.46 -10.70 5.85
N VAL A 35 11.03 -9.57 6.33
CA VAL A 35 11.30 -9.19 7.75
C VAL A 35 10.15 -9.60 8.68
N THR A 36 8.91 -9.48 8.28
CA THR A 36 7.80 -9.86 9.20
C THR A 36 6.48 -9.32 8.67
N GLY A 37 5.41 -9.53 9.39
CA GLY A 37 4.08 -9.04 8.95
C GLY A 37 3.79 -7.66 9.53
N PRO A 38 3.64 -7.56 10.82
CA PRO A 38 3.36 -6.28 11.47
C PRO A 38 4.25 -5.16 10.93
N ASN A 39 3.64 -4.09 10.54
CA ASN A 39 4.40 -2.94 10.00
C ASN A 39 4.85 -3.22 8.55
N LEU A 40 4.17 -4.08 7.85
CA LEU A 40 4.58 -4.35 6.43
C LEU A 40 3.97 -3.25 5.55
N TRP A 41 4.37 -3.19 4.32
CA TRP A 41 3.82 -2.14 3.41
C TRP A 41 3.95 -2.60 1.96
N ALA A 42 2.89 -3.08 1.39
CA ALA A 42 2.94 -3.56 -0.01
C ALA A 42 2.51 -2.46 -0.97
N CYS A 43 3.24 -2.30 -2.04
CA CYS A 43 2.86 -1.27 -3.04
C CYS A 43 1.46 -1.58 -3.54
N LEU A 44 0.72 -0.59 -3.94
CA LEU A 44 -0.67 -0.86 -4.41
C LEU A 44 -0.93 -0.14 -5.73
N GLN A 45 -0.03 -0.21 -6.68
CA GLN A 45 -0.29 0.47 -7.97
C GLN A 45 -0.95 -0.51 -8.94
N VAL A 46 -1.79 -0.02 -9.80
CA VAL A 46 -2.49 -0.89 -10.78
C VAL A 46 -1.56 -1.97 -11.35
N ALA A 47 -0.27 -1.83 -11.20
CA ALA A 47 0.65 -2.87 -11.76
C ALA A 47 1.91 -3.01 -10.94
N CYS A 48 1.80 -3.18 -9.64
CA CYS A 48 3.03 -3.33 -8.81
C CYS A 48 2.74 -4.28 -7.63
N PRO A 49 2.79 -5.56 -7.86
CA PRO A 49 2.55 -6.58 -6.82
C PRO A 49 3.84 -6.90 -6.04
N TYR A 50 3.99 -6.36 -4.86
CA TYR A 50 5.20 -6.64 -4.04
C TYR A 50 4.95 -6.17 -2.62
N VAL A 51 5.26 -6.97 -1.63
CA VAL A 51 5.02 -6.55 -0.22
C VAL A 51 6.34 -6.11 0.41
N GLY A 52 6.60 -4.82 0.40
CA GLY A 52 7.87 -4.31 0.98
C GLY A 52 7.75 -4.14 2.50
N CYS A 53 8.76 -3.60 3.12
CA CYS A 53 8.76 -3.40 4.60
C CYS A 53 8.41 -1.97 4.96
N GLY A 54 8.27 -1.77 6.23
CA GLY A 54 8.04 -0.43 6.78
C GLY A 54 9.26 -0.17 7.63
N GLU A 55 9.54 1.04 8.01
CA GLU A 55 10.75 1.28 8.86
C GLU A 55 11.10 0.01 9.63
N SER A 56 10.09 -0.69 10.08
CA SER A 56 10.32 -1.96 10.81
C SER A 56 11.65 -2.54 10.33
N PHE A 57 11.85 -2.56 9.03
CA PHE A 57 13.13 -3.06 8.49
C PHE A 57 13.90 -1.89 7.86
N ALA A 58 13.75 -1.73 6.58
CA ALA A 58 14.45 -0.61 5.86
C ALA A 58 13.39 0.29 5.22
N ASP A 59 12.15 0.05 5.53
CA ASP A 59 11.05 0.88 4.96
C ASP A 59 11.14 0.88 3.42
N HIS A 60 10.99 -0.25 2.79
CA HIS A 60 11.03 -0.22 1.30
C HIS A 60 9.99 0.80 0.85
N SER A 61 9.00 1.01 1.66
CA SER A 61 7.94 2.01 1.32
C SER A 61 8.61 3.31 0.83
N THR A 62 9.79 3.60 1.30
CA THR A 62 10.47 4.85 0.86
C THR A 62 11.32 4.58 -0.37
N ILE A 63 12.35 3.78 -0.24
CA ILE A 63 13.22 3.50 -1.41
C ILE A 63 12.35 2.94 -2.54
N HIS A 64 11.30 2.26 -2.19
CA HIS A 64 10.41 1.67 -3.23
C HIS A 64 9.59 2.79 -3.89
N ALA A 65 9.06 3.70 -3.12
CA ALA A 65 8.29 4.81 -3.74
C ALA A 65 9.31 5.75 -4.36
N GLN A 66 10.50 5.64 -3.87
CA GLN A 66 11.64 6.46 -4.34
C GLN A 66 12.27 5.84 -5.59
N ALA A 67 12.22 4.54 -5.69
CA ALA A 67 12.86 3.85 -6.86
C ALA A 67 11.86 3.75 -8.01
N LYS A 68 10.62 3.46 -7.71
CA LYS A 68 9.60 3.32 -8.78
C LYS A 68 8.67 4.52 -8.74
N LYS A 69 8.94 5.47 -7.90
CA LYS A 69 8.09 6.68 -7.81
C LYS A 69 6.64 6.29 -7.48
N HIS A 70 6.42 5.08 -7.03
CA HIS A 70 5.02 4.69 -6.65
C HIS A 70 4.67 5.40 -5.35
N ASN A 71 3.57 6.11 -5.31
CA ASN A 71 3.23 6.86 -4.07
C ASN A 71 2.31 6.05 -3.16
N LEU A 72 1.30 5.44 -3.70
CA LEU A 72 0.34 4.69 -2.85
C LEU A 72 0.81 3.28 -2.52
N THR A 73 0.64 2.91 -1.28
CA THR A 73 1.01 1.54 -0.81
C THR A 73 0.06 1.21 0.34
N VAL A 74 -0.13 -0.04 0.69
CA VAL A 74 -1.08 -0.36 1.79
C VAL A 74 -0.37 -1.13 2.91
N ASN A 75 -0.58 -0.70 4.13
CA ASN A 75 0.06 -1.38 5.29
C ASN A 75 -0.83 -2.53 5.76
N LEU A 76 -0.41 -3.74 5.55
CA LEU A 76 -1.22 -4.90 5.98
C LEU A 76 -1.12 -4.99 7.50
N THR A 77 -0.55 -3.99 8.13
CA THR A 77 -0.44 -3.98 9.60
C THR A 77 -1.68 -3.31 10.18
N THR A 78 -2.12 -2.25 9.55
CA THR A 78 -3.33 -1.53 10.05
C THR A 78 -4.44 -1.52 9.00
N PHE A 79 -4.12 -1.81 7.76
CA PHE A 79 -5.16 -1.84 6.70
C PHE A 79 -5.49 -0.42 6.22
N ARG A 80 -4.51 0.33 5.83
CA ARG A 80 -4.75 1.71 5.31
C ARG A 80 -3.74 1.95 4.20
N LEU A 81 -3.77 3.08 3.59
CA LEU A 81 -2.81 3.35 2.48
C LEU A 81 -1.85 4.46 2.88
N TRP A 82 -0.89 4.72 2.06
CA TRP A 82 0.09 5.80 2.34
C TRP A 82 0.59 6.34 1.01
N CYS A 83 0.23 7.55 0.70
CA CYS A 83 0.67 8.14 -0.58
C CYS A 83 1.97 8.89 -0.39
N TYR A 84 3.06 8.39 -0.88
CA TYR A 84 4.33 9.14 -0.72
C TYR A 84 4.21 10.39 -1.60
N ALA A 85 3.06 10.55 -2.22
CA ALA A 85 2.82 11.74 -3.07
C ALA A 85 1.97 12.71 -2.25
N CYS A 86 0.72 12.37 -2.02
CA CYS A 86 -0.12 13.24 -1.17
C CYS A 86 0.54 13.21 0.20
N GLU A 87 1.47 12.30 0.35
CA GLU A 87 2.21 12.14 1.62
C GLU A 87 1.21 12.12 2.79
N LYS A 88 0.36 11.14 2.82
CA LYS A 88 -0.64 11.04 3.92
C LYS A 88 -1.15 9.59 3.99
N GLU A 89 -2.11 9.33 4.84
CA GLU A 89 -2.66 7.95 4.95
C GLU A 89 -4.11 7.95 4.45
N VAL A 90 -4.53 6.89 3.79
CA VAL A 90 -5.93 6.88 3.29
C VAL A 90 -6.44 5.43 3.21
N PHE A 91 -7.71 5.24 3.41
CA PHE A 91 -8.29 3.86 3.34
C PHE A 91 -9.01 3.71 2.03
N LEU A 92 -9.40 2.52 1.67
CA LEU A 92 -10.14 2.33 0.42
C LEU A 92 -11.26 3.38 0.40
N GLU A 93 -11.54 3.92 -0.74
CA GLU A 93 -12.60 4.97 -0.86
C GLU A 93 -13.87 4.52 -0.12
N GLN A 94 -13.85 3.37 0.51
CA GLN A 94 -15.06 2.89 1.25
C GLN A 94 -16.23 2.70 0.28
N ARG A 95 -16.21 3.36 -0.85
CA ARG A 95 -17.33 3.20 -1.82
C ARG A 95 -17.64 1.71 -2.01
N LEU A 96 -16.64 0.88 -1.90
CA LEU A 96 -16.86 -0.59 -2.08
C LEU A 96 -16.93 -1.27 -0.70
N ALA A 97 -17.15 -2.55 -0.69
CA ALA A 97 -17.22 -3.28 0.61
C ALA A 97 -17.50 -4.76 0.33
N ALA A 98 -17.55 -5.56 1.38
CA ALA A 98 -17.81 -7.01 1.18
C ALA A 98 -17.93 -7.70 2.54
N PRO A 99 -16.87 -7.71 3.32
CA PRO A 99 -16.88 -8.35 4.68
C PRO A 99 -17.90 -7.70 5.61
ZN ZN B . -2.12 10.38 -3.75
ZN ZN C . 11.82 -4.71 2.19
ZN ZN D . 5.54 -0.14 -6.56
N MET A 1 -8.50 16.62 -6.51
CA MET A 1 -8.86 16.16 -5.14
C MET A 1 -9.80 14.96 -5.23
N GLY A 2 -9.73 14.23 -6.30
CA GLY A 2 -10.61 13.04 -6.46
C GLY A 2 -12.06 13.43 -6.11
N ASP A 3 -12.48 13.12 -4.92
CA ASP A 3 -13.87 13.49 -4.52
C ASP A 3 -14.07 13.23 -3.02
N SER A 4 -14.15 11.98 -2.62
CA SER A 4 -14.34 11.68 -1.18
C SER A 4 -13.22 12.32 -0.36
N ARG A 5 -13.06 11.91 0.87
CA ARG A 5 -12.00 12.48 1.74
C ARG A 5 -10.92 11.42 1.95
N ASP A 6 -11.32 10.22 2.27
CA ASP A 6 -10.33 9.13 2.50
C ASP A 6 -9.70 8.74 1.16
N LEU A 7 -10.43 8.86 0.09
CA LEU A 7 -9.87 8.49 -1.24
C LEU A 7 -8.71 9.44 -1.59
N CYS A 8 -7.82 9.02 -2.46
CA CYS A 8 -6.67 9.89 -2.86
C CYS A 8 -6.66 10.05 -4.38
N PRO A 9 -6.02 11.06 -4.88
CA PRO A 9 -5.92 11.33 -6.35
C PRO A 9 -5.36 10.13 -7.11
N HIS A 10 -4.20 9.69 -6.72
CA HIS A 10 -3.57 8.52 -7.41
C HIS A 10 -4.27 7.24 -6.95
N LEU A 11 -5.23 7.37 -6.07
CA LEU A 11 -5.96 6.17 -5.57
C LEU A 11 -6.86 5.62 -6.68
N ASP A 12 -7.24 6.45 -7.61
CA ASP A 12 -8.10 5.97 -8.72
C ASP A 12 -7.23 5.43 -9.84
N SER A 13 -5.98 5.82 -9.88
CA SER A 13 -5.07 5.35 -10.96
C SER A 13 -4.54 3.95 -10.62
N ILE A 14 -4.53 3.58 -9.37
CA ILE A 14 -4.01 2.23 -9.00
C ILE A 14 -5.09 1.17 -9.26
N GLY A 15 -6.28 1.59 -9.58
CA GLY A 15 -7.37 0.60 -9.84
C GLY A 15 -7.52 -0.33 -8.63
N GLU A 16 -7.84 -1.58 -8.85
CA GLU A 16 -8.02 -2.53 -7.71
C GLU A 16 -7.34 -3.86 -8.05
N VAL A 17 -6.13 -4.05 -7.58
CA VAL A 17 -5.42 -5.33 -7.87
C VAL A 17 -6.20 -6.48 -7.25
N THR A 18 -5.64 -7.67 -7.25
CA THR A 18 -6.36 -8.81 -6.64
C THR A 18 -6.48 -8.60 -5.13
N LYS A 19 -7.66 -8.76 -4.59
CA LYS A 19 -7.83 -8.60 -3.12
C LYS A 19 -6.82 -9.52 -2.44
N GLU A 20 -6.93 -10.80 -2.70
CA GLU A 20 -5.98 -11.77 -2.12
C GLU A 20 -4.58 -11.17 -2.21
N ASP A 21 -4.30 -10.49 -3.29
CA ASP A 21 -2.96 -9.86 -3.42
C ASP A 21 -2.67 -9.09 -2.13
N LEU A 22 -3.65 -8.40 -1.62
CA LEU A 22 -3.45 -7.65 -0.35
C LEU A 22 -3.40 -8.65 0.80
N LEU A 23 -3.96 -9.81 0.59
CA LEU A 23 -3.96 -10.85 1.63
C LEU A 23 -2.59 -11.53 1.65
N LEU A 24 -2.13 -12.07 0.56
CA LEU A 24 -0.79 -12.70 0.58
C LEU A 24 0.21 -11.62 0.98
N LYS A 25 0.09 -10.44 0.43
CA LYS A 25 1.04 -9.36 0.82
C LYS A 25 1.10 -9.35 2.35
N SER A 26 -0.05 -9.45 2.98
CA SER A 26 -0.12 -9.49 4.46
C SER A 26 0.46 -10.82 4.95
N LYS A 27 1.10 -11.57 4.07
CA LYS A 27 1.64 -12.90 4.48
C LYS A 27 2.43 -12.78 5.79
N GLY A 28 3.34 -11.84 5.91
CA GLY A 28 4.07 -11.71 7.20
C GLY A 28 5.54 -11.40 6.95
N THR A 29 5.93 -11.10 5.75
CA THR A 29 7.36 -10.79 5.50
C THR A 29 7.54 -9.92 4.25
N CYS A 30 8.47 -9.00 4.30
CA CYS A 30 8.73 -8.14 3.10
C CYS A 30 9.23 -9.06 1.98
N GLN A 31 8.65 -8.97 0.82
CA GLN A 31 9.11 -9.87 -0.29
C GLN A 31 10.52 -9.48 -0.72
N SER A 32 11.02 -8.38 -0.23
CA SER A 32 12.40 -7.94 -0.62
C SER A 32 13.32 -8.02 0.61
N CYS A 33 12.76 -7.99 1.78
CA CYS A 33 13.59 -8.06 3.03
C CYS A 33 13.07 -9.19 3.91
N GLY A 34 11.86 -9.62 3.68
CA GLY A 34 11.28 -10.71 4.52
C GLY A 34 11.56 -10.40 5.98
N VAL A 35 11.08 -9.28 6.45
CA VAL A 35 11.34 -8.87 7.85
C VAL A 35 10.21 -9.31 8.80
N THR A 36 8.96 -9.20 8.41
CA THR A 36 7.86 -9.62 9.33
C THR A 36 6.54 -9.08 8.81
N GLY A 37 5.47 -9.30 9.54
CA GLY A 37 4.13 -8.81 9.11
C GLY A 37 3.83 -7.44 9.73
N PRO A 38 3.68 -7.39 11.01
CA PRO A 38 3.38 -6.13 11.71
C PRO A 38 4.22 -4.97 11.17
N ASN A 39 3.58 -3.89 10.88
CA ASN A 39 4.28 -2.69 10.33
C ASN A 39 4.81 -3.00 8.92
N LEU A 40 4.07 -3.74 8.14
CA LEU A 40 4.54 -4.02 6.75
C LEU A 40 3.99 -2.94 5.83
N TRP A 41 4.33 -2.98 4.58
CA TRP A 41 3.81 -1.95 3.63
C TRP A 41 3.99 -2.46 2.19
N ALA A 42 2.97 -3.03 1.63
CA ALA A 42 3.08 -3.56 0.24
C ALA A 42 2.60 -2.52 -0.77
N CYS A 43 3.24 -2.45 -1.90
CA CYS A 43 2.82 -1.49 -2.95
C CYS A 43 1.38 -1.80 -3.35
N LEU A 44 0.63 -0.83 -3.78
CA LEU A 44 -0.79 -1.11 -4.17
C LEU A 44 -1.11 -0.46 -5.52
N GLN A 45 -0.22 -0.52 -6.48
CA GLN A 45 -0.53 0.08 -7.80
C GLN A 45 -1.20 -0.95 -8.71
N VAL A 46 -2.09 -0.49 -9.55
CA VAL A 46 -2.82 -1.41 -10.48
C VAL A 46 -1.89 -2.49 -11.05
N ALA A 47 -0.60 -2.29 -11.03
CA ALA A 47 0.30 -3.33 -11.61
C ALA A 47 1.61 -3.45 -10.83
N CYS A 48 1.56 -3.47 -9.53
CA CYS A 48 2.82 -3.61 -8.73
C CYS A 48 2.60 -4.56 -7.56
N PRO A 49 2.66 -5.84 -7.81
CA PRO A 49 2.47 -6.87 -6.75
C PRO A 49 3.78 -7.20 -6.03
N TYR A 50 3.97 -6.65 -4.86
CA TYR A 50 5.21 -6.93 -4.08
C TYR A 50 5.01 -6.36 -2.67
N VAL A 51 5.32 -7.10 -1.64
CA VAL A 51 5.12 -6.57 -0.28
C VAL A 51 6.46 -6.10 0.30
N GLY A 52 6.64 -4.81 0.38
CA GLY A 52 7.90 -4.24 0.91
C GLY A 52 7.81 -4.13 2.44
N CYS A 53 8.78 -3.51 3.06
CA CYS A 53 8.76 -3.38 4.54
C CYS A 53 8.21 -2.03 4.93
N GLY A 54 8.02 -1.88 6.20
CA GLY A 54 7.59 -0.59 6.77
C GLY A 54 8.74 -0.20 7.68
N GLU A 55 8.88 1.03 8.05
CA GLU A 55 10.03 1.41 8.93
C GLU A 55 10.49 0.19 9.72
N SER A 56 9.54 -0.61 10.12
CA SER A 56 9.87 -1.85 10.88
C SER A 56 11.27 -2.32 10.44
N PHE A 57 11.55 -2.28 9.16
CA PHE A 57 12.88 -2.70 8.66
C PHE A 57 13.55 -1.53 7.95
N ALA A 58 13.37 -1.45 6.67
CA ALA A 58 13.98 -0.34 5.88
C ALA A 58 12.85 0.45 5.21
N ASP A 59 11.64 0.04 5.44
CA ASP A 59 10.48 0.74 4.83
C ASP A 59 10.66 0.84 3.31
N HIS A 60 10.68 -0.27 2.62
CA HIS A 60 10.80 -0.19 1.14
C HIS A 60 9.78 0.84 0.67
N SER A 61 8.75 1.01 1.45
CA SER A 61 7.69 2.00 1.09
C SER A 61 8.32 3.30 0.60
N THR A 62 9.47 3.65 1.11
CA THR A 62 10.12 4.91 0.68
C THR A 62 11.01 4.68 -0.54
N ILE A 63 12.07 3.92 -0.38
CA ILE A 63 12.96 3.70 -1.54
C ILE A 63 12.17 3.09 -2.68
N HIS A 64 11.18 2.31 -2.38
CA HIS A 64 10.34 1.68 -3.44
C HIS A 64 9.47 2.76 -4.08
N ALA A 65 8.91 3.63 -3.29
CA ALA A 65 8.07 4.72 -3.88
C ALA A 65 9.02 5.73 -4.49
N GLN A 66 10.23 5.66 -4.04
CA GLN A 66 11.31 6.57 -4.50
C GLN A 66 11.93 6.05 -5.81
N ALA A 67 12.02 4.76 -5.94
CA ALA A 67 12.64 4.18 -7.17
C ALA A 67 11.59 3.98 -8.25
N LYS A 68 10.45 3.48 -7.87
CA LYS A 68 9.37 3.23 -8.87
C LYS A 68 8.37 4.38 -8.84
N LYS A 69 8.65 5.38 -8.05
CA LYS A 69 7.75 6.55 -7.96
C LYS A 69 6.33 6.11 -7.58
N HIS A 70 6.16 4.92 -7.07
CA HIS A 70 4.80 4.49 -6.65
C HIS A 70 4.50 5.18 -5.32
N ASN A 71 3.49 6.00 -5.25
CA ASN A 71 3.21 6.72 -3.97
C ASN A 71 2.29 5.90 -3.08
N LEU A 72 1.30 5.27 -3.64
CA LEU A 72 0.35 4.51 -2.79
C LEU A 72 0.87 3.13 -2.38
N THR A 73 0.71 2.82 -1.13
CA THR A 73 1.13 1.50 -0.59
C THR A 73 0.17 1.19 0.56
N VAL A 74 -0.03 -0.05 0.91
CA VAL A 74 -1.01 -0.34 2.01
C VAL A 74 -0.33 -1.09 3.16
N ASN A 75 -0.43 -0.52 4.34
CA ASN A 75 0.17 -1.17 5.54
C ASN A 75 -0.72 -2.32 5.98
N LEU A 76 -0.32 -3.52 5.67
CA LEU A 76 -1.15 -4.70 6.07
C LEU A 76 -1.10 -4.86 7.58
N THR A 77 -0.59 -3.87 8.26
CA THR A 77 -0.52 -3.93 9.75
C THR A 77 -1.76 -3.25 10.31
N THR A 78 -2.16 -2.17 9.72
CA THR A 78 -3.36 -1.43 10.22
C THR A 78 -4.46 -1.41 9.16
N PHE A 79 -4.15 -1.71 7.93
CA PHE A 79 -5.19 -1.71 6.87
C PHE A 79 -5.48 -0.28 6.40
N ARG A 80 -4.47 0.44 6.01
CA ARG A 80 -4.65 1.83 5.50
C ARG A 80 -3.66 2.03 4.37
N LEU A 81 -3.65 3.18 3.75
CA LEU A 81 -2.70 3.40 2.63
C LEU A 81 -1.70 4.50 2.98
N TRP A 82 -0.79 4.74 2.09
CA TRP A 82 0.23 5.79 2.32
C TRP A 82 0.68 6.30 0.96
N CYS A 83 0.33 7.51 0.63
CA CYS A 83 0.71 8.05 -0.70
C CYS A 83 2.02 8.83 -0.58
N TYR A 84 3.09 8.33 -1.10
CA TYR A 84 4.36 9.12 -1.03
C TYR A 84 4.17 10.32 -1.95
N ALA A 85 3.00 10.43 -2.52
CA ALA A 85 2.69 11.58 -3.41
C ALA A 85 1.87 12.56 -2.59
N CYS A 86 0.64 12.23 -2.28
CA CYS A 86 -0.15 13.13 -1.43
C CYS A 86 0.56 13.15 -0.08
N GLU A 87 1.51 12.25 0.04
CA GLU A 87 2.31 12.15 1.29
C GLU A 87 1.37 12.15 2.51
N LYS A 88 0.54 11.16 2.60
CA LYS A 88 -0.41 11.08 3.76
C LYS A 88 -0.94 9.65 3.87
N GLU A 89 -1.82 9.40 4.80
CA GLU A 89 -2.39 8.04 4.97
C GLU A 89 -3.85 8.05 4.51
N VAL A 90 -4.33 7.00 3.90
CA VAL A 90 -5.75 7.00 3.46
C VAL A 90 -6.32 5.58 3.47
N PHE A 91 -7.58 5.44 3.75
CA PHE A 91 -8.21 4.09 3.78
C PHE A 91 -9.03 3.91 2.52
N LEU A 92 -9.49 2.72 2.26
CA LEU A 92 -10.32 2.52 1.06
C LEU A 92 -11.40 3.59 1.07
N GLU A 93 -11.77 4.06 -0.09
CA GLU A 93 -12.81 5.12 -0.18
C GLU A 93 -14.03 4.78 0.69
N GLN A 94 -13.98 3.67 1.40
CA GLN A 94 -15.13 3.28 2.28
C GLN A 94 -16.37 2.99 1.42
N ARG A 95 -16.55 3.69 0.33
CA ARG A 95 -17.73 3.43 -0.53
C ARG A 95 -17.85 1.93 -0.79
N LEU A 96 -16.74 1.26 -0.92
CA LEU A 96 -16.77 -0.20 -1.18
C LEU A 96 -16.72 -0.96 0.16
N ALA A 97 -16.69 -2.26 0.11
CA ALA A 97 -16.64 -3.04 1.38
C ALA A 97 -16.11 -4.44 1.09
N ALA A 98 -16.33 -5.37 1.99
CA ALA A 98 -15.84 -6.75 1.77
C ALA A 98 -16.75 -7.46 0.76
N PRO A 99 -16.23 -8.41 0.03
CA PRO A 99 -17.02 -9.17 -0.98
C PRO A 99 -18.04 -10.11 -0.32
ZN ZN B . -2.21 10.16 -3.82
ZN ZN C . 11.85 -4.50 2.16
ZN ZN D . 5.46 -0.37 -6.62
N MET A 1 -15.51 10.48 -10.60
CA MET A 1 -15.81 10.00 -9.22
C MET A 1 -14.53 10.06 -8.38
N GLY A 2 -14.57 10.78 -7.29
CA GLY A 2 -13.37 10.89 -6.42
C GLY A 2 -13.75 11.53 -5.09
N ASP A 3 -14.23 12.74 -5.12
CA ASP A 3 -14.62 13.43 -3.85
C ASP A 3 -13.36 13.73 -3.03
N SER A 4 -13.45 13.67 -1.73
CA SER A 4 -12.26 13.95 -0.89
C SER A 4 -12.56 13.65 0.57
N ARG A 5 -11.97 12.62 1.11
CA ARG A 5 -12.22 12.26 2.53
C ARG A 5 -11.34 11.05 2.88
N ASP A 6 -11.42 10.01 2.10
CA ASP A 6 -10.61 8.79 2.35
C ASP A 6 -9.84 8.44 1.07
N LEU A 7 -10.37 8.80 -0.06
CA LEU A 7 -9.69 8.49 -1.35
C LEU A 7 -8.57 9.50 -1.58
N CYS A 8 -7.55 9.10 -2.32
CA CYS A 8 -6.40 10.02 -2.59
C CYS A 8 -6.32 10.26 -4.11
N PRO A 9 -5.68 11.33 -4.51
CA PRO A 9 -5.54 11.69 -5.97
C PRO A 9 -4.97 10.52 -6.77
N HIS A 10 -3.83 10.04 -6.36
CA HIS A 10 -3.19 8.89 -7.08
C HIS A 10 -3.91 7.59 -6.70
N LEU A 11 -4.90 7.68 -5.85
CA LEU A 11 -5.64 6.46 -5.42
C LEU A 11 -6.53 5.99 -6.58
N ASP A 12 -6.90 6.87 -7.45
CA ASP A 12 -7.76 6.47 -8.60
C ASP A 12 -6.88 5.99 -9.76
N SER A 13 -5.64 6.38 -9.75
CA SER A 13 -4.71 5.96 -10.85
C SER A 13 -4.22 4.53 -10.59
N ILE A 14 -4.08 4.14 -9.36
CA ILE A 14 -3.60 2.75 -9.06
C ILE A 14 -4.68 1.73 -9.39
N GLY A 15 -5.90 2.16 -9.60
CA GLY A 15 -6.99 1.21 -9.92
C GLY A 15 -7.20 0.24 -8.76
N GLU A 16 -7.56 -0.99 -9.05
CA GLU A 16 -7.79 -1.99 -7.96
C GLU A 16 -7.09 -3.31 -8.33
N VAL A 17 -5.92 -3.53 -7.79
CA VAL A 17 -5.19 -4.80 -8.10
C VAL A 17 -5.96 -5.98 -7.50
N THR A 18 -5.40 -7.15 -7.52
CA THR A 18 -6.11 -8.33 -6.95
C THR A 18 -6.22 -8.13 -5.44
N LYS A 19 -7.38 -8.31 -4.90
CA LYS A 19 -7.55 -8.13 -3.42
C LYS A 19 -6.64 -9.15 -2.76
N GLU A 20 -6.81 -10.39 -3.10
CA GLU A 20 -5.94 -11.44 -2.54
C GLU A 20 -4.50 -10.94 -2.61
N ASP A 21 -4.20 -10.16 -3.60
CA ASP A 21 -2.81 -9.62 -3.70
C ASP A 21 -2.50 -8.90 -2.40
N LEU A 22 -3.45 -8.21 -1.86
CA LEU A 22 -3.23 -7.50 -0.58
C LEU A 22 -3.25 -8.53 0.54
N LEU A 23 -3.83 -9.66 0.27
CA LEU A 23 -3.89 -10.74 1.28
C LEU A 23 -2.55 -11.48 1.30
N LEU A 24 -2.08 -11.96 0.17
CA LEU A 24 -0.75 -12.64 0.19
C LEU A 24 0.27 -11.61 0.64
N LYS A 25 0.20 -10.40 0.13
CA LYS A 25 1.17 -9.37 0.58
C LYS A 25 1.20 -9.41 2.11
N SER A 26 0.05 -9.50 2.71
CA SER A 26 -0.03 -9.59 4.20
C SER A 26 0.50 -10.96 4.63
N LYS A 27 1.13 -11.68 3.73
CA LYS A 27 1.64 -13.04 4.08
C LYS A 27 2.40 -13.00 5.40
N GLY A 28 3.34 -12.10 5.58
CA GLY A 28 4.07 -12.06 6.87
C GLY A 28 5.53 -11.70 6.66
N THR A 29 5.92 -11.32 5.49
CA THR A 29 7.36 -10.99 5.29
C THR A 29 7.56 -10.12 4.03
N CYS A 30 8.56 -9.27 4.04
CA CYS A 30 8.87 -8.43 2.85
C CYS A 30 9.30 -9.36 1.71
N GLN A 31 8.95 -9.05 0.50
CA GLN A 31 9.33 -9.96 -0.62
C GLN A 31 10.80 -9.73 -1.01
N SER A 32 11.38 -8.64 -0.61
CA SER A 32 12.81 -8.37 -0.96
C SER A 32 13.67 -8.44 0.29
N CYS A 33 13.06 -8.46 1.45
CA CYS A 33 13.85 -8.53 2.72
C CYS A 33 13.37 -9.69 3.57
N GLY A 34 12.13 -10.10 3.42
CA GLY A 34 11.63 -11.23 4.25
C GLY A 34 11.91 -10.90 5.71
N VAL A 35 11.24 -9.91 6.24
CA VAL A 35 11.48 -9.50 7.66
C VAL A 35 10.32 -9.89 8.57
N THR A 36 9.08 -9.74 8.16
CA THR A 36 7.95 -10.11 9.06
C THR A 36 6.65 -9.50 8.53
N GLY A 37 5.56 -9.74 9.23
CA GLY A 37 4.25 -9.20 8.79
C GLY A 37 4.00 -7.83 9.44
N PRO A 38 3.85 -7.80 10.73
CA PRO A 38 3.61 -6.53 11.43
C PRO A 38 4.52 -5.41 10.93
N ASN A 39 3.94 -4.30 10.59
CA ASN A 39 4.73 -3.16 10.08
C ASN A 39 5.15 -3.39 8.62
N LEU A 40 4.42 -4.19 7.90
CA LEU A 40 4.80 -4.40 6.47
C LEU A 40 4.17 -3.27 5.64
N TRP A 41 4.58 -3.14 4.41
CA TRP A 41 4.01 -2.06 3.54
C TRP A 41 4.16 -2.48 2.08
N ALA A 42 3.16 -3.10 1.53
CA ALA A 42 3.26 -3.55 0.11
C ALA A 42 2.82 -2.44 -0.83
N CYS A 43 3.46 -2.33 -1.96
CA CYS A 43 3.09 -1.30 -2.95
C CYS A 43 1.65 -1.57 -3.41
N LEU A 44 0.94 -0.55 -3.82
CA LEU A 44 -0.46 -0.77 -4.26
C LEU A 44 -0.73 -0.04 -5.57
N GLN A 45 0.15 -0.14 -6.54
CA GLN A 45 -0.11 0.56 -7.83
C GLN A 45 -0.77 -0.41 -8.82
N VAL A 46 -1.60 0.11 -9.67
CA VAL A 46 -2.32 -0.74 -10.67
C VAL A 46 -1.41 -1.84 -11.24
N ALA A 47 -0.12 -1.68 -11.16
CA ALA A 47 0.76 -2.74 -11.75
C ALA A 47 2.06 -2.89 -10.94
N CYS A 48 1.96 -3.07 -9.65
CA CYS A 48 3.20 -3.24 -8.83
C CYS A 48 2.95 -4.22 -7.69
N PRO A 49 3.01 -5.51 -7.98
CA PRO A 49 2.80 -6.56 -6.96
C PRO A 49 4.10 -6.90 -6.21
N TYR A 50 4.24 -6.38 -5.02
CA TYR A 50 5.46 -6.66 -4.21
C TYR A 50 5.22 -6.18 -2.77
N VAL A 51 5.56 -6.98 -1.80
CA VAL A 51 5.33 -6.55 -0.38
C VAL A 51 6.65 -6.07 0.23
N GLY A 52 6.80 -4.78 0.39
CA GLY A 52 8.06 -4.24 0.97
C GLY A 52 7.99 -4.20 2.50
N CYS A 53 9.00 -3.65 3.12
CA CYS A 53 9.04 -3.57 4.61
C CYS A 53 8.63 -2.19 5.09
N GLY A 54 8.53 -2.09 6.37
CA GLY A 54 8.24 -0.80 7.03
C GLY A 54 9.49 -0.53 7.86
N GLU A 55 9.74 0.67 8.26
CA GLU A 55 10.98 0.92 9.07
C GLU A 55 11.37 -0.36 9.79
N SER A 56 10.40 -1.09 10.23
CA SER A 56 10.65 -2.38 10.91
C SER A 56 11.96 -2.95 10.38
N PHE A 57 12.15 -2.89 9.09
CA PHE A 57 13.43 -3.39 8.49
C PHE A 57 14.15 -2.22 7.82
N ALA A 58 13.91 -2.04 6.55
CA ALA A 58 14.56 -0.94 5.79
C ALA A 58 13.46 -0.05 5.21
N ASP A 59 12.24 -0.37 5.48
CA ASP A 59 11.09 0.43 4.96
C ASP A 59 11.19 0.57 3.45
N HIS A 60 11.10 -0.51 2.71
CA HIS A 60 11.15 -0.37 1.22
C HIS A 60 10.15 0.72 0.85
N SER A 61 9.19 0.91 1.70
CA SER A 61 8.15 1.95 1.45
C SER A 61 8.82 3.25 0.97
N THR A 62 9.99 3.54 1.44
CA THR A 62 10.66 4.81 1.02
C THR A 62 11.49 4.57 -0.24
N ILE A 63 12.52 3.78 -0.15
CA ILE A 63 13.37 3.56 -1.35
C ILE A 63 12.49 3.05 -2.49
N HIS A 64 11.48 2.30 -2.17
CA HIS A 64 10.57 1.76 -3.22
C HIS A 64 9.73 2.90 -3.81
N ALA A 65 9.24 3.77 -2.98
CA ALA A 65 8.43 4.91 -3.51
C ALA A 65 9.41 5.92 -4.09
N GLN A 66 10.62 5.79 -3.66
CA GLN A 66 11.72 6.68 -4.10
C GLN A 66 12.30 6.22 -5.44
N ALA A 67 12.38 4.94 -5.64
CA ALA A 67 12.96 4.40 -6.90
C ALA A 67 11.88 4.26 -7.96
N LYS A 68 10.76 3.71 -7.59
CA LYS A 68 9.66 3.52 -8.57
C LYS A 68 8.69 4.69 -8.50
N LYS A 69 8.99 5.65 -7.68
CA LYS A 69 8.12 6.85 -7.55
C LYS A 69 6.69 6.42 -7.20
N HIS A 70 6.50 5.21 -6.73
CA HIS A 70 5.13 4.77 -6.34
C HIS A 70 4.82 5.40 -4.98
N ASN A 71 3.79 6.22 -4.90
CA ASN A 71 3.48 6.89 -3.60
C ASN A 71 2.53 6.05 -2.76
N LEU A 72 1.55 5.44 -3.37
CA LEU A 72 0.56 4.65 -2.58
C LEU A 72 1.05 3.24 -2.26
N THR A 73 0.85 2.85 -1.03
CA THR A 73 1.22 1.49 -0.57
C THR A 73 0.25 1.13 0.56
N VAL A 74 0.09 -0.11 0.89
CA VAL A 74 -0.88 -0.45 1.98
C VAL A 74 -0.18 -1.18 3.13
N ASN A 75 -0.35 -0.66 4.32
CA ASN A 75 0.28 -1.28 5.51
C ASN A 75 -0.57 -2.46 5.98
N LEU A 76 -0.22 -3.65 5.57
CA LEU A 76 -1.00 -4.83 5.99
C LEU A 76 -0.89 -4.98 7.51
N THR A 77 -0.26 -4.04 8.14
CA THR A 77 -0.13 -4.08 9.62
C THR A 77 -1.32 -3.35 10.23
N THR A 78 -1.73 -2.27 9.61
CA THR A 78 -2.89 -1.49 10.15
C THR A 78 -4.08 -1.54 9.18
N PHE A 79 -3.87 -1.93 7.95
CA PHE A 79 -5.00 -2.00 6.98
C PHE A 79 -5.37 -0.60 6.47
N ARG A 80 -4.39 0.16 6.09
CA ARG A 80 -4.65 1.52 5.55
C ARG A 80 -3.64 1.77 4.44
N LEU A 81 -3.66 2.91 3.83
CA LEU A 81 -2.69 3.19 2.74
C LEU A 81 -1.73 4.28 3.18
N TRP A 82 -0.81 4.60 2.33
CA TRP A 82 0.18 5.67 2.66
C TRP A 82 0.72 6.23 1.35
N CYS A 83 0.38 7.44 1.04
CA CYS A 83 0.83 8.04 -0.23
C CYS A 83 2.12 8.81 -0.01
N TYR A 84 3.23 8.35 -0.53
CA TYR A 84 4.48 9.13 -0.35
C TYR A 84 4.34 10.38 -1.21
N ALA A 85 3.20 10.53 -1.83
CA ALA A 85 2.94 11.73 -2.67
C ALA A 85 2.09 12.67 -1.81
N CYS A 86 0.84 12.33 -1.59
CA CYS A 86 0.01 13.16 -0.71
C CYS A 86 0.66 13.10 0.66
N GLU A 87 1.58 12.18 0.79
CA GLU A 87 2.31 12.00 2.07
C GLU A 87 1.31 11.96 3.23
N LYS A 88 0.47 10.97 3.24
CA LYS A 88 -0.54 10.83 4.33
C LYS A 88 -1.05 9.40 4.35
N GLU A 89 -2.01 9.11 5.20
CA GLU A 89 -2.56 7.72 5.28
C GLU A 89 -3.99 7.73 4.74
N VAL A 90 -4.41 6.69 4.07
CA VAL A 90 -5.81 6.69 3.53
C VAL A 90 -6.34 5.25 3.45
N PHE A 91 -7.62 5.09 3.63
CA PHE A 91 -8.22 3.72 3.56
C PHE A 91 -8.93 3.57 2.22
N LEU A 92 -9.33 2.38 1.89
CA LEU A 92 -10.06 2.20 0.62
C LEU A 92 -11.14 3.28 0.55
N GLU A 93 -11.42 3.76 -0.61
CA GLU A 93 -12.45 4.83 -0.77
C GLU A 93 -13.73 4.45 -0.01
N GLN A 94 -13.76 3.33 0.66
CA GLN A 94 -14.97 2.92 1.42
C GLN A 94 -16.15 2.72 0.46
N ARG A 95 -16.13 3.37 -0.68
CA ARG A 95 -17.26 3.20 -1.65
C ARG A 95 -17.60 1.72 -1.77
N LEU A 96 -16.61 0.87 -1.69
CA LEU A 96 -16.87 -0.60 -1.78
C LEU A 96 -17.19 -1.15 -0.40
N ALA A 97 -16.24 -1.18 0.47
CA ALA A 97 -16.49 -1.71 1.85
C ALA A 97 -17.77 -1.09 2.41
N ALA A 98 -18.72 -1.89 2.79
CA ALA A 98 -19.99 -1.33 3.34
C ALA A 98 -20.74 -2.44 4.10
N PRO A 99 -21.45 -2.08 5.14
CA PRO A 99 -22.23 -3.06 5.96
C PRO A 99 -23.43 -3.63 5.19
ZN ZN B . -1.91 10.34 -3.38
ZN ZN C . 12.01 -4.80 2.03
ZN ZN D . 5.69 -0.08 -6.53
N MET A 1 -15.26 9.82 -10.80
CA MET A 1 -13.91 10.31 -10.42
C MET A 1 -13.63 9.97 -8.95
N GLY A 2 -13.08 10.88 -8.21
CA GLY A 2 -12.79 10.61 -6.77
C GLY A 2 -14.00 11.00 -5.93
N ASP A 3 -14.21 12.28 -5.75
CA ASP A 3 -15.38 12.73 -4.94
C ASP A 3 -15.37 12.02 -3.58
N SER A 4 -14.64 12.55 -2.64
CA SER A 4 -14.58 11.91 -1.29
C SER A 4 -13.40 12.50 -0.50
N ARG A 5 -13.08 11.92 0.62
CA ARG A 5 -11.94 12.44 1.44
C ARG A 5 -10.92 11.32 1.61
N ASP A 6 -11.31 10.22 2.19
CA ASP A 6 -10.37 9.09 2.38
C ASP A 6 -9.68 8.79 1.05
N LEU A 7 -10.36 9.03 -0.04
CA LEU A 7 -9.77 8.77 -1.38
C LEU A 7 -8.57 9.70 -1.61
N CYS A 8 -7.68 9.32 -2.48
CA CYS A 8 -6.48 10.19 -2.77
C CYS A 8 -6.40 10.43 -4.28
N PRO A 9 -5.71 11.46 -4.68
CA PRO A 9 -5.56 11.82 -6.13
C PRO A 9 -4.98 10.66 -6.95
N HIS A 10 -3.84 10.18 -6.56
CA HIS A 10 -3.20 9.05 -7.30
C HIS A 10 -3.94 7.76 -6.95
N LEU A 11 -4.90 7.84 -6.08
CA LEU A 11 -5.67 6.62 -5.69
C LEU A 11 -6.51 6.14 -6.88
N ASP A 12 -6.83 7.01 -7.79
CA ASP A 12 -7.63 6.60 -8.97
C ASP A 12 -6.70 6.11 -10.07
N SER A 13 -5.45 6.49 -10.00
CA SER A 13 -4.48 6.05 -11.05
C SER A 13 -4.02 4.62 -10.76
N ILE A 14 -4.07 4.20 -9.53
CA ILE A 14 -3.63 2.82 -9.18
C ILE A 14 -4.75 1.82 -9.50
N GLY A 15 -5.93 2.30 -9.80
CA GLY A 15 -7.05 1.37 -10.11
C GLY A 15 -7.27 0.41 -8.94
N GLU A 16 -7.63 -0.83 -9.23
CA GLU A 16 -7.87 -1.81 -8.14
C GLU A 16 -7.08 -3.09 -8.44
N VAL A 17 -5.93 -3.25 -7.83
CA VAL A 17 -5.13 -4.48 -8.07
C VAL A 17 -5.92 -5.69 -7.57
N THR A 18 -5.32 -6.85 -7.54
CA THR A 18 -6.06 -8.06 -7.06
C THR A 18 -6.24 -7.96 -5.55
N LYS A 19 -7.44 -8.15 -5.08
CA LYS A 19 -7.67 -8.10 -3.61
C LYS A 19 -6.75 -9.12 -2.97
N GLU A 20 -6.91 -10.37 -3.34
CA GLU A 20 -6.03 -11.43 -2.79
C GLU A 20 -4.60 -10.89 -2.75
N ASP A 21 -4.22 -10.15 -3.75
CA ASP A 21 -2.84 -9.59 -3.73
C ASP A 21 -2.61 -8.93 -2.37
N LEU A 22 -3.60 -8.23 -1.88
CA LEU A 22 -3.46 -7.59 -0.55
C LEU A 22 -3.48 -8.69 0.51
N LEU A 23 -4.02 -9.81 0.15
CA LEU A 23 -4.09 -10.95 1.10
C LEU A 23 -2.72 -11.65 1.12
N LEU A 24 -2.19 -12.05 0.00
CA LEU A 24 -0.84 -12.68 0.03
C LEU A 24 0.14 -11.64 0.53
N LYS A 25 0.05 -10.43 0.04
CA LYS A 25 0.98 -9.38 0.53
C LYS A 25 0.97 -9.45 2.07
N SER A 26 -0.20 -9.54 2.63
CA SER A 26 -0.33 -9.66 4.10
C SER A 26 0.23 -11.02 4.54
N LYS A 27 0.90 -11.71 3.64
CA LYS A 27 1.43 -13.06 3.99
C LYS A 27 2.17 -13.02 5.33
N GLY A 28 3.07 -12.08 5.53
CA GLY A 28 3.76 -12.03 6.85
C GLY A 28 5.23 -11.65 6.67
N THR A 29 5.65 -11.29 5.50
CA THR A 29 7.08 -10.94 5.35
C THR A 29 7.32 -10.08 4.09
N CYS A 30 8.30 -9.22 4.14
CA CYS A 30 8.65 -8.38 2.95
C CYS A 30 9.07 -9.33 1.82
N GLN A 31 8.78 -9.02 0.60
CA GLN A 31 9.19 -9.94 -0.49
C GLN A 31 10.66 -9.74 -0.86
N SER A 32 11.24 -8.64 -0.44
CA SER A 32 12.67 -8.38 -0.77
C SER A 32 13.51 -8.40 0.52
N CYS A 33 12.87 -8.41 1.66
CA CYS A 33 13.64 -8.43 2.94
C CYS A 33 13.17 -9.57 3.83
N GLY A 34 11.99 -10.08 3.63
CA GLY A 34 11.51 -11.19 4.51
C GLY A 34 11.68 -10.76 5.97
N VAL A 35 10.94 -9.77 6.38
CA VAL A 35 11.06 -9.25 7.77
C VAL A 35 9.93 -9.76 8.68
N THR A 36 8.69 -9.62 8.27
CA THR A 36 7.57 -10.09 9.15
C THR A 36 6.26 -9.50 8.63
N GLY A 37 5.17 -9.74 9.31
CA GLY A 37 3.86 -9.20 8.87
C GLY A 37 3.61 -7.83 9.50
N PRO A 38 3.45 -7.79 10.79
CA PRO A 38 3.20 -6.52 11.49
C PRO A 38 4.09 -5.40 10.98
N ASN A 39 3.50 -4.31 10.64
CA ASN A 39 4.27 -3.14 10.13
C ASN A 39 4.70 -3.38 8.67
N LEU A 40 4.00 -4.19 7.94
CA LEU A 40 4.39 -4.42 6.52
C LEU A 40 3.79 -3.28 5.68
N TRP A 41 4.22 -3.15 4.46
CA TRP A 41 3.70 -2.07 3.58
C TRP A 41 3.89 -2.49 2.12
N ALA A 42 2.90 -3.11 1.54
CA ALA A 42 3.04 -3.55 0.12
C ALA A 42 2.61 -2.44 -0.83
N CYS A 43 3.29 -2.33 -1.93
CA CYS A 43 2.93 -1.30 -2.94
C CYS A 43 1.51 -1.57 -3.43
N LEU A 44 0.80 -0.55 -3.85
CA LEU A 44 -0.60 -0.78 -4.32
C LEU A 44 -0.86 -0.04 -5.64
N GLN A 45 0.03 -0.14 -6.59
CA GLN A 45 -0.22 0.54 -7.89
C GLN A 45 -0.92 -0.42 -8.85
N VAL A 46 -1.73 0.10 -9.72
CA VAL A 46 -2.49 -0.76 -10.68
C VAL A 46 -1.63 -1.90 -11.22
N ALA A 47 -0.33 -1.81 -11.15
CA ALA A 47 0.51 -2.92 -11.69
C ALA A 47 1.82 -3.05 -10.92
N CYS A 48 1.76 -3.20 -9.62
CA CYS A 48 3.03 -3.36 -8.84
C CYS A 48 2.81 -4.34 -7.68
N PRO A 49 2.87 -5.61 -7.95
CA PRO A 49 2.68 -6.65 -6.91
C PRO A 49 3.97 -6.95 -6.15
N TYR A 50 4.11 -6.42 -4.96
CA TYR A 50 5.34 -6.66 -4.16
C TYR A 50 5.09 -6.18 -2.74
N VAL A 51 5.42 -6.96 -1.74
CA VAL A 51 5.17 -6.52 -0.34
C VAL A 51 6.48 -6.02 0.29
N GLY A 52 6.61 -4.74 0.45
CA GLY A 52 7.85 -4.16 1.04
C GLY A 52 7.77 -4.11 2.56
N CYS A 53 8.76 -3.52 3.19
CA CYS A 53 8.79 -3.41 4.67
C CYS A 53 8.35 -2.03 5.11
N GLY A 54 8.22 -1.90 6.39
CA GLY A 54 7.91 -0.60 7.00
C GLY A 54 9.12 -0.29 7.86
N GLU A 55 9.36 0.93 8.22
CA GLU A 55 10.57 1.21 9.05
C GLU A 55 10.94 -0.03 9.83
N SER A 56 9.96 -0.75 10.28
CA SER A 56 10.21 -2.01 11.02
C SER A 56 11.52 -2.61 10.54
N PHE A 57 11.74 -2.59 9.25
CA PHE A 57 13.01 -3.13 8.69
C PHE A 57 13.76 -2.02 7.97
N ALA A 58 13.53 -1.91 6.69
CA ALA A 58 14.21 -0.85 5.88
C ALA A 58 13.14 0.05 5.25
N ASP A 59 11.90 -0.26 5.51
CA ASP A 59 10.80 0.55 4.93
C ASP A 59 10.93 0.66 3.42
N HIS A 60 10.88 -0.45 2.71
CA HIS A 60 10.96 -0.33 1.22
C HIS A 60 9.97 0.73 0.80
N SER A 61 8.98 0.94 1.61
CA SER A 61 7.95 1.96 1.32
C SER A 61 8.60 3.26 0.83
N THR A 62 9.77 3.57 1.31
CA THR A 62 10.45 4.82 0.88
C THR A 62 11.29 4.57 -0.37
N ILE A 63 12.32 3.79 -0.25
CA ILE A 63 13.19 3.55 -1.42
C ILE A 63 12.34 3.01 -2.58
N HIS A 64 11.32 2.25 -2.25
CA HIS A 64 10.45 1.69 -3.32
C HIS A 64 9.60 2.81 -3.93
N ALA A 65 9.08 3.69 -3.12
CA ALA A 65 8.27 4.81 -3.67
C ALA A 65 9.25 5.82 -4.25
N GLN A 66 10.46 5.71 -3.81
CA GLN A 66 11.56 6.60 -4.25
C GLN A 66 12.15 6.11 -5.58
N ALA A 67 12.23 4.83 -5.76
CA ALA A 67 12.83 4.28 -7.01
C ALA A 67 11.76 4.14 -8.08
N LYS A 68 10.61 3.63 -7.71
CA LYS A 68 9.51 3.43 -8.70
C LYS A 68 8.56 4.61 -8.63
N LYS A 69 8.87 5.58 -7.84
CA LYS A 69 8.00 6.78 -7.71
C LYS A 69 6.57 6.36 -7.34
N HIS A 70 6.38 5.15 -6.87
CA HIS A 70 5.01 4.71 -6.47
C HIS A 70 4.71 5.35 -5.12
N ASN A 71 3.70 6.17 -5.03
CA ASN A 71 3.40 6.85 -3.73
C ASN A 71 2.43 6.02 -2.90
N LEU A 72 1.45 5.42 -3.51
CA LEU A 72 0.45 4.64 -2.72
C LEU A 72 0.93 3.23 -2.38
N THR A 73 0.71 2.86 -1.16
CA THR A 73 1.08 1.49 -0.68
C THR A 73 0.09 1.16 0.44
N VAL A 74 -0.09 -0.09 0.78
CA VAL A 74 -1.09 -0.41 1.86
C VAL A 74 -0.42 -1.16 3.01
N ASN A 75 -0.71 -0.72 4.21
CA ASN A 75 -0.12 -1.36 5.42
C ASN A 75 -0.98 -2.54 5.84
N LEU A 76 -0.55 -3.73 5.54
CA LEU A 76 -1.34 -4.92 5.94
C LEU A 76 -1.24 -5.11 7.45
N THR A 77 -0.68 -4.13 8.12
CA THR A 77 -0.56 -4.20 9.60
C THR A 77 -1.78 -3.54 10.21
N THR A 78 -2.22 -2.45 9.64
CA THR A 78 -3.43 -1.74 10.17
C THR A 78 -4.53 -1.69 9.12
N PHE A 79 -4.23 -1.96 7.89
CA PHE A 79 -5.26 -1.93 6.81
C PHE A 79 -5.55 -0.49 6.38
N ARG A 80 -4.53 0.25 6.04
CA ARG A 80 -4.71 1.65 5.57
C ARG A 80 -3.72 1.87 4.44
N LEU A 81 -3.70 3.03 3.86
CA LEU A 81 -2.76 3.29 2.74
C LEU A 81 -1.75 4.37 3.13
N TRP A 82 -0.85 4.67 2.24
CA TRP A 82 0.17 5.70 2.51
C TRP A 82 0.67 6.25 1.18
N CYS A 83 0.35 7.48 0.88
CA CYS A 83 0.78 8.06 -0.41
C CYS A 83 2.10 8.82 -0.23
N TYR A 84 3.18 8.31 -0.75
CA TYR A 84 4.45 9.08 -0.61
C TYR A 84 4.31 10.32 -1.48
N ALA A 85 3.16 10.48 -2.09
CA ALA A 85 2.91 11.67 -2.94
C ALA A 85 2.09 12.64 -2.09
N CYS A 86 0.85 12.31 -1.83
CA CYS A 86 0.05 13.19 -0.95
C CYS A 86 0.75 13.16 0.40
N GLU A 87 1.65 12.22 0.53
CA GLU A 87 2.43 12.05 1.79
C GLU A 87 1.48 12.03 2.98
N LYS A 88 0.59 11.08 3.00
CA LYS A 88 -0.37 10.97 4.13
C LYS A 88 -0.90 9.53 4.20
N GLU A 89 -1.83 9.26 5.07
CA GLU A 89 -2.38 7.88 5.19
C GLU A 89 -3.83 7.89 4.69
N VAL A 90 -4.21 6.94 3.88
CA VAL A 90 -5.62 6.94 3.37
C VAL A 90 -6.21 5.53 3.43
N PHE A 91 -7.46 5.42 3.76
CA PHE A 91 -8.12 4.09 3.85
C PHE A 91 -8.96 3.88 2.61
N LEU A 92 -9.44 2.68 2.40
CA LEU A 92 -10.31 2.44 1.23
C LEU A 92 -11.32 3.60 1.15
N GLU A 93 -11.64 4.02 -0.02
CA GLU A 93 -12.61 5.14 -0.19
C GLU A 93 -13.85 4.93 0.70
N GLN A 94 -13.88 3.87 1.47
CA GLN A 94 -15.06 3.63 2.36
C GLN A 94 -16.33 3.42 1.51
N ARG A 95 -16.33 3.88 0.29
CA ARG A 95 -17.55 3.70 -0.56
C ARG A 95 -18.04 2.26 -0.44
N LEU A 96 -17.13 1.34 -0.26
CA LEU A 96 -17.52 -0.09 -0.13
C LEU A 96 -17.48 -0.50 1.34
N ALA A 97 -17.68 -1.77 1.61
CA ALA A 97 -17.65 -2.23 3.03
C ALA A 97 -17.00 -3.61 3.10
N ALA A 98 -16.84 -4.14 4.27
CA ALA A 98 -16.20 -5.49 4.41
C ALA A 98 -16.74 -6.44 3.34
N PRO A 99 -15.95 -6.74 2.33
CA PRO A 99 -16.38 -7.65 1.23
C PRO A 99 -17.05 -8.92 1.76
ZN ZN B . -1.98 10.40 -3.53
ZN ZN C . 11.79 -4.72 2.17
ZN ZN D . 5.52 -0.16 -6.57
N MET A 1 -9.96 13.83 -10.25
CA MET A 1 -9.74 13.00 -9.02
C MET A 1 -11.08 12.39 -8.57
N GLY A 2 -11.09 11.70 -7.48
CA GLY A 2 -12.36 11.08 -6.99
C GLY A 2 -13.21 12.14 -6.30
N ASP A 3 -13.89 11.77 -5.25
CA ASP A 3 -14.74 12.77 -4.52
C ASP A 3 -15.01 12.27 -3.11
N SER A 4 -14.05 12.40 -2.23
CA SER A 4 -14.25 11.93 -0.83
C SER A 4 -13.11 12.46 0.05
N ARG A 5 -12.97 11.92 1.24
CA ARG A 5 -11.88 12.38 2.15
C ARG A 5 -10.86 11.25 2.30
N ASP A 6 -11.32 10.05 2.49
CA ASP A 6 -10.39 8.90 2.64
C ASP A 6 -9.77 8.56 1.27
N LEU A 7 -10.48 8.81 0.22
CA LEU A 7 -9.93 8.51 -1.14
C LEU A 7 -8.76 9.44 -1.43
N CYS A 8 -7.89 9.04 -2.34
CA CYS A 8 -6.71 9.89 -2.69
C CYS A 8 -6.67 10.09 -4.21
N PRO A 9 -5.99 11.11 -4.66
CA PRO A 9 -5.87 11.44 -6.11
C PRO A 9 -5.27 10.28 -6.91
N HIS A 10 -4.11 9.83 -6.51
CA HIS A 10 -3.45 8.70 -7.22
C HIS A 10 -4.17 7.40 -6.91
N LEU A 11 -5.22 7.47 -6.15
CA LEU A 11 -5.99 6.25 -5.80
C LEU A 11 -6.68 5.72 -7.06
N ASP A 12 -7.14 6.59 -7.91
CA ASP A 12 -7.82 6.12 -9.16
C ASP A 12 -6.77 5.67 -10.18
N SER A 13 -5.56 6.11 -10.05
CA SER A 13 -4.50 5.72 -11.02
C SER A 13 -3.98 4.31 -10.69
N ILE A 14 -4.20 3.84 -9.50
CA ILE A 14 -3.70 2.49 -9.13
C ILE A 14 -4.79 1.44 -9.36
N GLY A 15 -6.01 1.85 -9.55
CA GLY A 15 -7.11 0.85 -9.78
C GLY A 15 -7.15 -0.13 -8.61
N GLU A 16 -7.48 -1.36 -8.87
CA GLU A 16 -7.54 -2.39 -7.77
C GLU A 16 -6.84 -3.67 -8.22
N VAL A 17 -5.90 -4.15 -7.45
CA VAL A 17 -5.18 -5.39 -7.82
C VAL A 17 -5.94 -6.59 -7.22
N THR A 18 -5.38 -7.77 -7.27
CA THR A 18 -6.09 -8.94 -6.70
C THR A 18 -6.22 -8.72 -5.19
N LYS A 19 -7.39 -8.90 -4.66
CA LYS A 19 -7.58 -8.72 -3.19
C LYS A 19 -6.62 -9.68 -2.50
N GLU A 20 -6.74 -10.94 -2.82
CA GLU A 20 -5.83 -11.95 -2.24
C GLU A 20 -4.41 -11.40 -2.32
N ASP A 21 -4.12 -10.63 -3.33
CA ASP A 21 -2.75 -10.05 -3.44
C ASP A 21 -2.47 -9.29 -2.15
N LEU A 22 -3.46 -8.60 -1.65
CA LEU A 22 -3.28 -7.87 -0.37
C LEU A 22 -3.24 -8.88 0.76
N LEU A 23 -3.79 -10.03 0.52
CA LEU A 23 -3.80 -11.10 1.56
C LEU A 23 -2.44 -11.78 1.58
N LEU A 24 -1.95 -12.28 0.48
CA LEU A 24 -0.61 -12.90 0.51
C LEU A 24 0.38 -11.83 0.91
N LYS A 25 0.28 -10.64 0.36
CA LYS A 25 1.21 -9.57 0.78
C LYS A 25 1.25 -9.56 2.30
N SER A 26 0.10 -9.65 2.92
CA SER A 26 0.01 -9.69 4.40
C SER A 26 0.60 -11.03 4.88
N LYS A 27 1.25 -11.76 4.00
CA LYS A 27 1.80 -13.09 4.40
C LYS A 27 2.56 -12.98 5.72
N GLY A 28 3.46 -12.04 5.87
CA GLY A 28 4.18 -11.93 7.17
C GLY A 28 5.63 -11.54 6.95
N THR A 29 6.02 -11.21 5.76
CA THR A 29 7.45 -10.84 5.55
C THR A 29 7.63 -10.03 4.26
N CYS A 30 8.61 -9.16 4.25
CA CYS A 30 8.91 -8.35 3.02
C CYS A 30 9.32 -9.31 1.92
N GLN A 31 8.91 -9.10 0.70
CA GLN A 31 9.30 -10.05 -0.37
C GLN A 31 10.75 -9.78 -0.80
N SER A 32 11.31 -8.66 -0.42
CA SER A 32 12.71 -8.35 -0.81
C SER A 32 13.61 -8.33 0.43
N CYS A 33 13.03 -8.31 1.61
CA CYS A 33 13.87 -8.28 2.85
C CYS A 33 13.45 -9.41 3.79
N GLY A 34 12.26 -9.93 3.65
CA GLY A 34 11.85 -11.02 4.58
C GLY A 34 12.06 -10.54 6.02
N VAL A 35 11.31 -9.56 6.43
CA VAL A 35 11.48 -8.99 7.80
C VAL A 35 10.38 -9.47 8.75
N THR A 36 9.12 -9.38 8.37
CA THR A 36 8.03 -9.82 9.28
C THR A 36 6.70 -9.27 8.77
N GLY A 37 5.64 -9.50 9.49
CA GLY A 37 4.30 -9.01 9.05
C GLY A 37 4.02 -7.62 9.63
N PRO A 38 3.88 -7.53 10.92
CA PRO A 38 3.59 -6.24 11.58
C PRO A 38 4.43 -5.10 11.02
N ASN A 39 3.78 -4.04 10.64
CA ASN A 39 4.49 -2.85 10.08
C ASN A 39 4.93 -3.13 8.64
N LEU A 40 4.32 -4.04 7.96
CA LEU A 40 4.72 -4.30 6.55
C LEU A 40 4.12 -3.21 5.67
N TRP A 41 4.46 -3.19 4.41
CA TRP A 41 3.90 -2.15 3.51
C TRP A 41 4.08 -2.60 2.05
N ALA A 42 3.06 -3.20 1.49
CA ALA A 42 3.17 -3.67 0.09
C ALA A 42 2.71 -2.59 -0.88
N CYS A 43 3.36 -2.49 -2.01
CA CYS A 43 2.97 -1.48 -3.01
C CYS A 43 1.54 -1.75 -3.45
N LEU A 44 0.81 -0.74 -3.85
CA LEU A 44 -0.61 -0.98 -4.27
C LEU A 44 -0.89 -0.29 -5.61
N GLN A 45 0.01 -0.35 -6.55
CA GLN A 45 -0.26 0.29 -7.87
C GLN A 45 -0.93 -0.71 -8.80
N VAL A 46 -1.79 -0.23 -9.65
CA VAL A 46 -2.52 -1.11 -10.61
C VAL A 46 -1.61 -2.22 -11.18
N ALA A 47 -0.31 -2.08 -11.10
CA ALA A 47 0.57 -3.15 -11.68
C ALA A 47 1.86 -3.29 -10.88
N CYS A 48 1.81 -3.24 -9.58
CA CYS A 48 3.06 -3.40 -8.77
C CYS A 48 2.80 -4.35 -7.61
N PRO A 49 2.86 -5.63 -7.86
CA PRO A 49 2.63 -6.66 -6.81
C PRO A 49 3.92 -7.03 -6.07
N TYR A 50 4.12 -6.50 -4.89
CA TYR A 50 5.34 -6.81 -4.11
C TYR A 50 5.12 -6.33 -2.68
N VAL A 51 5.48 -7.11 -1.69
CA VAL A 51 5.26 -6.67 -0.29
C VAL A 51 6.58 -6.17 0.30
N GLY A 52 6.75 -4.87 0.33
CA GLY A 52 8.00 -4.29 0.88
C GLY A 52 7.92 -4.17 2.39
N CYS A 53 8.91 -3.56 3.00
CA CYS A 53 8.91 -3.40 4.48
C CYS A 53 8.42 -2.02 4.85
N GLY A 54 8.25 -1.84 6.10
CA GLY A 54 7.88 -0.52 6.65
C GLY A 54 9.07 -0.14 7.50
N GLU A 55 9.31 1.11 7.75
CA GLU A 55 10.51 1.48 8.56
C GLU A 55 10.94 0.31 9.42
N SER A 56 9.98 -0.43 9.92
CA SER A 56 10.31 -1.62 10.74
C SER A 56 11.65 -2.19 10.27
N PHE A 57 11.85 -2.25 8.98
CA PHE A 57 13.14 -2.76 8.44
C PHE A 57 13.84 -1.65 7.65
N ALA A 58 13.61 -1.62 6.37
CA ALA A 58 14.24 -0.57 5.50
C ALA A 58 13.13 0.20 4.80
N ASP A 59 11.92 0.07 5.28
CA ASP A 59 10.77 0.79 4.66
C ASP A 59 10.88 0.80 3.14
N HIS A 60 10.87 -0.34 2.49
CA HIS A 60 10.94 -0.31 1.01
C HIS A 60 9.90 0.72 0.56
N SER A 61 8.84 0.83 1.30
CA SER A 61 7.79 1.83 0.95
C SER A 61 8.44 3.18 0.69
N THR A 62 9.61 3.40 1.23
CA THR A 62 10.29 4.71 1.01
C THR A 62 11.15 4.64 -0.24
N ILE A 63 12.20 3.84 -0.20
CA ILE A 63 13.10 3.74 -1.36
C ILE A 63 12.31 3.22 -2.57
N HIS A 64 11.37 2.36 -2.32
CA HIS A 64 10.54 1.81 -3.42
C HIS A 64 9.64 2.92 -3.94
N ALA A 65 9.03 3.68 -3.06
CA ALA A 65 8.16 4.80 -3.52
C ALA A 65 9.08 5.89 -4.04
N GLN A 66 10.30 5.83 -3.59
CA GLN A 66 11.33 6.83 -3.98
C GLN A 66 11.95 6.47 -5.32
N ALA A 67 12.11 5.20 -5.60
CA ALA A 67 12.75 4.78 -6.88
C ALA A 67 11.69 4.64 -7.97
N LYS A 68 10.59 4.04 -7.65
CA LYS A 68 9.51 3.84 -8.67
C LYS A 68 8.49 4.96 -8.54
N LYS A 69 8.73 5.87 -7.65
CA LYS A 69 7.79 7.00 -7.45
C LYS A 69 6.39 6.49 -7.14
N HIS A 70 6.25 5.24 -6.78
CA HIS A 70 4.89 4.73 -6.42
C HIS A 70 4.53 5.33 -5.07
N ASN A 71 3.48 6.12 -4.99
CA ASN A 71 3.14 6.77 -3.71
C ASN A 71 2.19 5.91 -2.88
N LEU A 72 1.21 5.32 -3.49
CA LEU A 72 0.22 4.52 -2.70
C LEU A 72 0.74 3.12 -2.37
N THR A 73 0.60 2.76 -1.13
CA THR A 73 1.01 1.41 -0.65
C THR A 73 0.08 1.06 0.52
N VAL A 74 -0.05 -0.18 0.87
CA VAL A 74 -1.00 -0.52 1.99
C VAL A 74 -0.27 -1.24 3.12
N ASN A 75 -0.41 -0.74 4.32
CA ASN A 75 0.24 -1.37 5.49
C ASN A 75 -0.61 -2.56 5.95
N LEU A 76 -0.19 -3.74 5.64
CA LEU A 76 -0.97 -4.94 6.06
C LEU A 76 -0.86 -5.09 7.57
N THR A 77 -0.43 -4.04 8.23
CA THR A 77 -0.30 -4.09 9.72
C THR A 77 -1.56 -3.48 10.33
N THR A 78 -2.06 -2.44 9.72
CA THR A 78 -3.29 -1.76 10.25
C THR A 78 -4.40 -1.78 9.19
N PHE A 79 -4.08 -2.04 7.95
CA PHE A 79 -5.12 -2.07 6.89
C PHE A 79 -5.46 -0.65 6.43
N ARG A 80 -4.47 0.10 6.02
CA ARG A 80 -4.72 1.48 5.52
C ARG A 80 -3.73 1.71 4.38
N LEU A 81 -3.76 2.87 3.77
CA LEU A 81 -2.81 3.13 2.66
C LEU A 81 -1.82 4.21 3.05
N TRP A 82 -0.90 4.51 2.18
CA TRP A 82 0.12 5.55 2.46
C TRP A 82 0.57 6.13 1.13
N CYS A 83 0.22 7.35 0.86
CA CYS A 83 0.61 7.96 -0.43
C CYS A 83 1.91 8.72 -0.27
N TYR A 84 3.00 8.24 -0.79
CA TYR A 84 4.26 9.02 -0.66
C TYR A 84 4.09 10.27 -1.53
N ALA A 85 2.93 10.41 -2.12
CA ALA A 85 2.64 11.60 -2.96
C ALA A 85 1.81 12.55 -2.11
N CYS A 86 0.57 12.20 -1.84
CA CYS A 86 -0.25 13.05 -0.96
C CYS A 86 0.45 13.01 0.39
N GLU A 87 1.39 12.12 0.50
CA GLU A 87 2.17 11.96 1.76
C GLU A 87 1.22 11.92 2.95
N LYS A 88 0.39 10.90 3.00
CA LYS A 88 -0.58 10.77 4.13
C LYS A 88 -1.10 9.34 4.17
N GLU A 89 -2.00 9.05 5.06
CA GLU A 89 -2.56 7.67 5.16
C GLU A 89 -4.01 7.70 4.68
N VAL A 90 -4.47 6.65 4.03
CA VAL A 90 -5.88 6.66 3.54
C VAL A 90 -6.43 5.23 3.49
N PHE A 91 -7.69 5.07 3.77
CA PHE A 91 -8.32 3.73 3.72
C PHE A 91 -9.13 3.59 2.45
N LEU A 92 -9.58 2.42 2.14
CA LEU A 92 -10.41 2.25 0.93
C LEU A 92 -11.47 3.35 0.95
N GLU A 93 -11.84 3.86 -0.18
CA GLU A 93 -12.86 4.94 -0.25
C GLU A 93 -14.09 4.58 0.60
N GLN A 94 -14.07 3.46 1.27
CA GLN A 94 -15.23 3.07 2.12
C GLN A 94 -16.49 2.93 1.26
N ARG A 95 -16.53 3.55 0.12
CA ARG A 95 -17.74 3.45 -0.75
C ARG A 95 -18.16 1.99 -0.86
N LEU A 96 -17.20 1.10 -0.82
CA LEU A 96 -17.51 -0.35 -0.93
C LEU A 96 -17.59 -0.95 0.48
N ALA A 97 -16.48 -0.97 1.18
CA ALA A 97 -16.49 -1.54 2.56
C ALA A 97 -17.04 -2.97 2.52
N ALA A 98 -17.00 -3.66 3.63
CA ALA A 98 -17.53 -5.05 3.67
C ALA A 98 -18.88 -5.10 2.96
N PRO A 99 -18.95 -5.70 1.79
CA PRO A 99 -20.22 -5.82 1.02
C PRO A 99 -21.40 -6.27 1.90
ZN ZN B . -2.25 10.21 -3.52
ZN ZN C . 11.92 -4.65 2.02
ZN ZN D . 5.66 -0.18 -6.63
#